data_8UT1
#
_entry.id   8UT1
#
_cell.length_a   1.00
_cell.length_b   1.00
_cell.length_c   1.00
_cell.angle_alpha   90.00
_cell.angle_beta   90.00
_cell.angle_gamma   90.00
#
_symmetry.space_group_name_H-M   'P 1'
#
loop_
_entity.id
_entity.type
_entity.pdbx_description
1 polymer 'Neuronal acetylcholine receptor subunit alpha-7,Soluble cytochrome b562 fusion'
2 branched beta-D-mannopyranose-(1-4)-2-acetamido-2-deoxy-beta-D-glucopyranose-(1-4)-2-acetamido-2-deoxy-beta-D-glucopyranose
3 branched 2-acetamido-2-deoxy-beta-D-glucopyranose-(1-4)-2-acetamido-2-deoxy-beta-D-glucopyranose
4 non-polymer 'CALCIUM ION'
5 non-polymer 2-acetamido-2-deoxy-beta-D-glucopyranose
6 non-polymer '(2S)-3-(hexadecanoyloxy)-2-[(9Z)-octadec-9-enoyloxy]propyl 2-(trimethylammonio)ethyl phosphate'
7 non-polymer (3beta,14beta,17beta,25R)-3-[4-methoxy-3-(methoxymethyl)butoxy]spirost-5-en
8 non-polymer EPIBATIDINE
9 water water
#
_entity_poly.entity_id   1
_entity_poly.type   'polypeptide(L)'
_entity_poly.pdbx_seq_one_letter_code
;EFQRKLYKELVKNYNPLERPVANDSQPLTVYFSLSLLQIMDVDEKNQVLTTNIWLQMSWTDHYLQWNVSEYPGVKTVRFP
DGQIWKPDILLYNSADERFDATFHTNVLVNSSGHCQYLPPGIFKSSCYIDVRWFPFDVQHCKLKFGSWSYGGWSLDLQMQ
EADISGYIPNGEWDLVGIPGKRSERFYECCKEPYPDVTFTVTMRRRTLYYGLNLLIPCVLISALALLVFLLPADSGEKIS
LGITVLLSLTVFMLLVAEIMPATSDSVPLIAQYFASTMIIVGLSVVVTVIVLQYHHHDPDGGKMPKWTRVILLNWCAWFL
RMKRPGEDKVRPACQHKQRRCSLACGRMACAGAMADLEDNWETLNDNLKVIEKADNAAQVKDALTKMRAAALDAQKATPP
KLEDKSPDSPEMKDFRHGFDILVGQIDDALKLANEGKVKEAQAAAEQLKTTRNAYIQKYLSPTHDEHLLHGGQPPEGDPD
LAKILEEVRYIANRFRCQDESEAVCSEWKFAACVVDRLCLMAFSVFTIICTIGILMSAPNFVEAVSKDFAWSHPQFEKGG
GSGGGSGGSSAWSHPQFEKGSGEGRGSLLTCGDVEENPG
;
_entity_poly.pdbx_strand_id   A,B,C,D,E
#
# COMPACT_ATOMS: atom_id res chain seq x y z
N GLU A 1 -41.43 21.06 -38.36
CA GLU A 1 -42.66 20.34 -38.81
C GLU A 1 -42.28 19.11 -39.60
N PHE A 2 -41.25 19.23 -40.45
CA PHE A 2 -40.82 18.11 -41.25
C PHE A 2 -39.99 17.12 -40.42
N GLN A 3 -39.20 17.63 -39.48
CA GLN A 3 -38.47 16.74 -38.60
C GLN A 3 -39.43 15.92 -37.73
N ARG A 4 -40.47 16.58 -37.22
CA ARG A 4 -41.49 15.87 -36.45
C ARG A 4 -42.22 14.85 -37.32
N LYS A 5 -42.59 15.25 -38.54
CA LYS A 5 -43.27 14.34 -39.46
C LYS A 5 -42.42 13.13 -39.79
N LEU A 6 -41.13 13.34 -40.07
CA LEU A 6 -40.25 12.24 -40.45
C LEU A 6 -40.03 11.25 -39.31
N TYR A 7 -39.86 11.75 -38.09
CA TYR A 7 -39.69 10.85 -36.95
C TYR A 7 -40.94 10.00 -36.72
N LYS A 8 -42.11 10.58 -36.92
CA LYS A 8 -43.34 9.81 -36.81
C LYS A 8 -43.44 8.75 -37.89
N GLU A 9 -42.97 9.07 -39.10
CA GLU A 9 -43.11 8.15 -40.22
C GLU A 9 -42.13 6.98 -40.11
N LEU A 10 -40.91 7.25 -39.64
CA LEU A 10 -39.88 6.22 -39.68
C LEU A 10 -40.11 5.11 -38.66
N VAL A 11 -40.77 5.42 -37.54
CA VAL A 11 -40.93 4.42 -36.48
C VAL A 11 -42.24 3.66 -36.64
N LYS A 12 -42.96 3.91 -37.73
CA LYS A 12 -44.18 3.17 -38.01
C LYS A 12 -43.84 1.75 -38.42
N ASN A 13 -44.16 0.79 -37.55
CA ASN A 13 -43.91 -0.64 -37.74
C ASN A 13 -42.44 -1.03 -37.62
N TYR A 14 -41.57 -0.13 -37.18
CA TYR A 14 -40.18 -0.49 -37.00
C TYR A 14 -40.04 -1.44 -35.81
N ASN A 15 -39.24 -2.48 -35.99
CA ASN A 15 -38.98 -3.48 -34.95
C ASN A 15 -37.49 -3.56 -34.67
N PRO A 16 -37.01 -2.99 -33.56
CA PRO A 16 -35.57 -3.05 -33.27
C PRO A 16 -35.01 -4.47 -33.21
N LEU A 17 -35.84 -5.50 -33.02
CA LEU A 17 -35.35 -6.86 -33.03
C LEU A 17 -34.88 -7.30 -34.41
N GLU A 18 -35.35 -6.66 -35.46
CA GLU A 18 -35.18 -7.16 -36.82
C GLU A 18 -33.90 -6.61 -37.44
N ARG A 19 -33.05 -7.51 -37.91
CA ARG A 19 -31.88 -7.14 -38.69
C ARG A 19 -32.32 -6.40 -39.95
N PRO A 20 -31.85 -5.18 -40.19
CA PRO A 20 -32.48 -4.33 -41.23
C PRO A 20 -31.94 -4.58 -42.64
N VAL A 21 -32.30 -5.71 -43.22
CA VAL A 21 -31.95 -6.03 -44.59
C VAL A 21 -33.24 -6.16 -45.39
N ALA A 22 -33.10 -6.06 -46.71
CA ALA A 22 -34.25 -6.19 -47.58
C ALA A 22 -34.51 -7.67 -47.87
N ASN A 23 -33.46 -8.41 -48.18
CA ASN A 23 -33.51 -9.83 -48.45
C ASN A 23 -33.03 -10.56 -47.20
N ASP A 24 -33.92 -11.30 -46.54
CA ASP A 24 -33.58 -11.96 -45.29
C ASP A 24 -32.53 -13.03 -45.45
N SER A 25 -32.28 -13.50 -46.68
CA SER A 25 -31.34 -14.60 -46.89
C SER A 25 -29.89 -14.14 -46.97
N GLN A 26 -29.65 -12.85 -47.12
CA GLN A 26 -28.28 -12.38 -47.29
C GLN A 26 -27.77 -11.74 -46.01
N PRO A 27 -26.46 -11.77 -45.76
CA PRO A 27 -25.92 -11.14 -44.54
C PRO A 27 -25.81 -9.64 -44.68
N LEU A 28 -25.92 -8.97 -43.53
CA LEU A 28 -25.75 -7.52 -43.46
C LEU A 28 -24.29 -7.18 -43.25
N THR A 29 -23.75 -6.31 -44.10
CA THR A 29 -22.36 -5.90 -43.99
C THR A 29 -22.23 -4.81 -42.94
N VAL A 30 -21.37 -5.04 -41.95
CA VAL A 30 -21.07 -4.08 -40.91
C VAL A 30 -19.59 -3.76 -41.02
N TYR A 31 -19.26 -2.48 -41.19
CA TYR A 31 -17.88 -2.04 -41.21
C TYR A 31 -17.47 -1.64 -39.80
N PHE A 32 -16.40 -2.22 -39.31
CA PHE A 32 -15.93 -1.99 -37.96
C PHE A 32 -14.51 -1.43 -37.99
N SER A 33 -14.27 -0.44 -37.15
CA SER A 33 -12.95 0.13 -36.97
C SER A 33 -12.91 0.76 -35.59
N LEU A 34 -11.77 1.35 -35.25
CA LEU A 34 -11.65 2.06 -33.99
C LEU A 34 -10.73 3.26 -34.16
N SER A 35 -10.85 4.19 -33.23
CA SER A 35 -10.00 5.37 -33.15
C SER A 35 -9.36 5.38 -31.76
N LEU A 36 -8.05 5.23 -31.72
CA LEU A 36 -7.31 5.14 -30.45
C LEU A 36 -6.93 6.55 -30.00
N LEU A 37 -7.49 6.98 -28.86
CA LEU A 37 -7.18 8.30 -28.33
C LEU A 37 -6.03 8.27 -27.33
N GLN A 38 -5.99 7.26 -26.45
CA GLN A 38 -4.99 7.25 -25.39
C GLN A 38 -4.75 5.82 -24.92
N ILE A 39 -3.49 5.53 -24.60
CA ILE A 39 -3.12 4.37 -23.78
C ILE A 39 -3.08 4.86 -22.33
N MET A 40 -4.06 4.45 -21.54
CA MET A 40 -4.18 4.96 -20.18
C MET A 40 -3.32 4.20 -19.18
N ASP A 41 -3.20 2.88 -19.31
CA ASP A 41 -2.45 2.13 -18.32
C ASP A 41 -2.01 0.81 -18.93
N VAL A 42 -0.81 0.38 -18.54
CA VAL A 42 -0.29 -0.94 -18.85
C VAL A 42 0.05 -1.56 -17.50
N ASP A 43 -0.84 -2.39 -16.98
CA ASP A 43 -0.67 -3.01 -15.67
C ASP A 43 0.00 -4.36 -15.89
N GLU A 44 1.31 -4.43 -15.66
CA GLU A 44 2.05 -5.67 -15.87
C GLU A 44 1.74 -6.72 -14.82
N LYS A 45 1.47 -6.31 -13.58
CA LYS A 45 1.19 -7.28 -12.53
C LYS A 45 -0.15 -7.98 -12.73
N ASN A 46 -1.20 -7.23 -13.08
CA ASN A 46 -2.49 -7.86 -13.38
C ASN A 46 -2.64 -8.23 -14.84
N GLN A 47 -1.75 -7.81 -15.70
CA GLN A 47 -1.78 -8.18 -17.11
C GLN A 47 -3.02 -7.60 -17.81
N VAL A 48 -3.22 -6.29 -17.67
CA VAL A 48 -4.40 -5.60 -18.19
C VAL A 48 -3.97 -4.32 -18.87
N LEU A 49 -4.58 -4.03 -20.02
CA LEU A 49 -4.36 -2.79 -20.75
C LEU A 49 -5.61 -1.93 -20.67
N THR A 50 -5.45 -0.66 -20.31
CA THR A 50 -6.53 0.31 -20.25
C THR A 50 -6.34 1.37 -21.32
N THR A 51 -7.36 1.56 -22.15
CA THR A 51 -7.28 2.49 -23.27
C THR A 51 -8.55 3.32 -23.36
N ASN A 52 -8.42 4.49 -23.98
CA ASN A 52 -9.56 5.33 -24.34
C ASN A 52 -9.72 5.21 -25.86
N ILE A 53 -10.80 4.59 -26.29
CA ILE A 53 -11.05 4.31 -27.70
C ILE A 53 -12.45 4.78 -28.09
N TRP A 54 -12.61 5.09 -29.38
CA TRP A 54 -13.91 5.36 -29.98
C TRP A 54 -14.14 4.27 -31.02
N LEU A 55 -15.06 3.36 -30.73
CA LEU A 55 -15.43 2.36 -31.71
C LEU A 55 -16.14 3.03 -32.90
N GLN A 56 -16.05 2.40 -34.07
CA GLN A 56 -16.70 2.91 -35.27
C GLN A 56 -17.42 1.75 -35.95
N MET A 57 -18.73 1.85 -36.02
CA MET A 57 -19.50 0.88 -36.75
C MET A 57 -20.35 1.61 -37.78
N SER A 58 -20.53 1.05 -38.94
CA SER A 58 -21.37 1.64 -39.97
C SER A 58 -22.01 0.54 -40.79
N TRP A 59 -23.28 0.72 -41.11
CA TRP A 59 -24.04 -0.26 -41.88
C TRP A 59 -25.17 0.47 -42.58
N THR A 60 -26.03 -0.28 -43.25
CA THR A 60 -27.16 0.27 -43.97
C THR A 60 -28.45 -0.30 -43.39
N ASP A 61 -29.35 0.59 -43.01
CA ASP A 61 -30.67 0.22 -42.52
C ASP A 61 -31.67 0.39 -43.65
N HIS A 62 -32.27 -0.72 -44.08
CA HIS A 62 -33.13 -0.70 -45.25
C HIS A 62 -34.40 0.11 -45.02
N TYR A 63 -34.84 0.24 -43.77
CA TYR A 63 -36.11 0.88 -43.48
C TYR A 63 -35.98 2.37 -43.19
N LEU A 64 -34.81 2.84 -42.80
CA LEU A 64 -34.63 4.22 -42.40
C LEU A 64 -34.09 5.05 -43.56
N GLN A 65 -34.89 5.14 -44.62
CA GLN A 65 -34.61 5.99 -45.76
C GLN A 65 -35.79 6.92 -45.99
N TRP A 66 -35.52 8.06 -46.61
CA TRP A 66 -36.58 9.00 -46.95
C TRP A 66 -36.13 9.85 -48.13
N ASN A 67 -37.08 10.59 -48.69
CA ASN A 67 -36.82 11.48 -49.82
C ASN A 67 -36.66 12.89 -49.28
N VAL A 68 -35.45 13.45 -49.38
CA VAL A 68 -35.17 14.74 -48.78
C VAL A 68 -35.97 15.87 -49.42
N SER A 69 -36.54 15.64 -50.60
CA SER A 69 -37.41 16.65 -51.19
C SER A 69 -38.71 16.77 -50.41
N GLU A 70 -39.23 15.65 -49.92
CA GLU A 70 -40.45 15.66 -49.11
C GLU A 70 -40.21 16.14 -47.69
N TYR A 71 -38.96 16.30 -47.26
CA TYR A 71 -38.62 16.80 -45.93
C TYR A 71 -37.48 17.78 -46.06
N PRO A 72 -37.75 18.96 -46.62
CA PRO A 72 -36.66 19.92 -46.88
C PRO A 72 -35.89 20.26 -45.61
N GLY A 73 -34.57 20.16 -45.69
CA GLY A 73 -33.70 20.49 -44.58
C GLY A 73 -33.38 19.37 -43.64
N VAL A 74 -34.09 18.23 -43.71
CA VAL A 74 -33.88 17.13 -42.78
C VAL A 74 -33.00 16.11 -43.50
N LYS A 75 -31.70 16.29 -43.36
CA LYS A 75 -30.74 15.38 -43.96
C LYS A 75 -30.39 14.19 -43.07
N THR A 76 -30.57 14.30 -41.76
CA THR A 76 -30.18 13.24 -40.86
C THR A 76 -31.15 13.17 -39.69
N VAL A 77 -31.20 11.99 -39.05
CA VAL A 77 -31.95 11.77 -37.83
C VAL A 77 -31.03 11.04 -36.86
N ARG A 78 -31.49 10.91 -35.61
CA ARG A 78 -30.68 10.26 -34.61
C ARG A 78 -31.58 9.38 -33.75
N PHE A 79 -31.06 8.24 -33.31
CA PHE A 79 -31.83 7.36 -32.45
C PHE A 79 -30.98 6.87 -31.29
N PRO A 80 -31.51 6.85 -30.08
CA PRO A 80 -30.78 6.32 -28.94
C PRO A 80 -30.91 4.80 -28.84
N ASP A 81 -30.30 4.26 -27.80
CA ASP A 81 -30.27 2.82 -27.58
C ASP A 81 -31.68 2.26 -27.36
N GLY A 82 -32.03 1.24 -28.15
CA GLY A 82 -33.28 0.52 -28.00
C GLY A 82 -34.35 0.87 -29.00
N GLN A 83 -34.24 2.00 -29.68
CA GLN A 83 -35.22 2.40 -30.68
C GLN A 83 -34.79 2.05 -32.10
N ILE A 84 -33.64 1.40 -32.26
CA ILE A 84 -33.05 1.14 -33.57
C ILE A 84 -32.25 -0.15 -33.47
N TRP A 85 -32.17 -0.89 -34.58
CA TRP A 85 -31.32 -2.07 -34.61
C TRP A 85 -29.86 -1.67 -34.64
N LYS A 86 -29.06 -2.33 -33.82
CA LYS A 86 -27.63 -2.12 -33.75
C LYS A 86 -26.90 -3.46 -33.76
N PRO A 87 -25.70 -3.51 -34.31
CA PRO A 87 -24.87 -4.71 -34.14
C PRO A 87 -24.40 -4.85 -32.70
N ASP A 88 -24.37 -6.08 -32.21
CA ASP A 88 -24.02 -6.38 -30.82
C ASP A 88 -22.55 -6.79 -30.71
N ILE A 89 -21.67 -5.86 -31.06
CA ILE A 89 -20.23 -6.12 -31.10
C ILE A 89 -19.65 -5.86 -29.72
N LEU A 90 -18.96 -6.84 -29.17
CA LEU A 90 -18.31 -6.74 -27.87
C LEU A 90 -16.83 -7.00 -28.01
N LEU A 91 -16.07 -6.55 -27.01
CA LEU A 91 -14.66 -6.87 -26.90
C LEU A 91 -14.53 -8.23 -26.22
N TYR A 92 -14.02 -9.22 -26.95
CA TYR A 92 -14.02 -10.59 -26.43
C TYR A 92 -13.14 -10.72 -25.20
N ASN A 93 -11.91 -10.23 -25.27
CA ASN A 93 -10.95 -10.39 -24.17
C ASN A 93 -11.04 -9.23 -23.18
N SER A 94 -12.25 -8.98 -22.69
CA SER A 94 -12.48 -7.89 -21.76
C SER A 94 -12.10 -8.31 -20.34
N ALA A 95 -11.42 -7.41 -19.63
CA ALA A 95 -11.10 -7.59 -18.22
C ALA A 95 -11.95 -6.70 -17.32
N ASP A 96 -12.95 -6.03 -17.86
CA ASP A 96 -13.80 -5.15 -17.06
C ASP A 96 -14.87 -5.96 -16.34
N GLU A 97 -15.16 -5.57 -15.09
CA GLU A 97 -16.10 -6.32 -14.27
C GLU A 97 -17.52 -6.30 -14.83
N ARG A 98 -17.90 -5.21 -15.52
CA ARG A 98 -19.16 -5.21 -16.25
C ARG A 98 -19.05 -5.90 -17.60
N PHE A 99 -17.83 -6.19 -18.05
CA PHE A 99 -17.52 -6.89 -19.29
C PHE A 99 -17.76 -6.05 -20.53
N ASP A 100 -18.44 -4.91 -20.39
CA ASP A 100 -18.72 -4.07 -21.54
C ASP A 100 -18.72 -2.63 -21.04
N ALA A 101 -17.63 -1.92 -21.33
CA ALA A 101 -17.44 -0.55 -20.91
C ALA A 101 -17.94 0.46 -21.93
N THR A 102 -18.59 0.00 -22.99
CA THR A 102 -19.08 0.91 -24.01
C THR A 102 -20.10 1.88 -23.43
N PHE A 103 -19.90 3.17 -23.68
CA PHE A 103 -20.90 4.18 -23.38
C PHE A 103 -21.78 4.35 -24.61
N HIS A 104 -23.07 4.04 -24.46
CA HIS A 104 -23.99 4.00 -25.59
C HIS A 104 -24.42 5.40 -25.99
N THR A 105 -24.16 5.76 -27.24
CA THR A 105 -24.50 7.06 -27.81
C THR A 105 -25.51 6.87 -28.93
N ASN A 106 -25.79 7.95 -29.65
CA ASN A 106 -26.79 7.93 -30.70
C ASN A 106 -26.26 7.21 -31.95
N VAL A 107 -27.20 6.72 -32.75
CA VAL A 107 -26.93 6.28 -34.11
C VAL A 107 -27.39 7.38 -35.05
N LEU A 108 -26.49 7.83 -35.92
CA LEU A 108 -26.77 8.88 -36.88
C LEU A 108 -27.05 8.27 -38.24
N VAL A 109 -28.24 8.51 -38.78
CA VAL A 109 -28.69 7.94 -40.04
C VAL A 109 -28.94 9.07 -41.04
N ASN A 110 -28.53 8.88 -42.29
CA ASN A 110 -28.79 9.87 -43.32
C ASN A 110 -29.96 9.39 -44.17
N SER A 111 -30.34 10.20 -45.17
CA SER A 111 -31.56 9.94 -45.94
C SER A 111 -31.49 8.69 -46.81
N SER A 112 -30.34 8.05 -46.96
CA SER A 112 -30.26 6.81 -47.73
C SER A 112 -30.15 5.58 -46.85
N GLY A 113 -30.20 5.75 -45.53
CA GLY A 113 -30.20 4.65 -44.59
C GLY A 113 -28.84 4.28 -44.03
N HIS A 114 -27.78 4.95 -44.45
CA HIS A 114 -26.46 4.72 -43.87
CA HIS A 114 -26.46 4.72 -43.87
C HIS A 114 -26.43 5.13 -42.41
N CYS A 115 -26.13 4.19 -41.53
CA CYS A 115 -26.11 4.40 -40.09
C CYS A 115 -24.67 4.42 -39.58
N GLN A 116 -24.35 5.42 -38.78
CA GLN A 116 -23.04 5.51 -38.13
C GLN A 116 -23.24 5.45 -36.63
N TYR A 117 -22.34 4.77 -35.95
CA TYR A 117 -22.42 4.60 -34.51
C TYR A 117 -21.01 4.59 -33.96
N LEU A 118 -20.71 5.55 -33.09
CA LEU A 118 -19.34 5.79 -32.62
C LEU A 118 -19.33 5.90 -31.10
N PRO A 119 -19.65 4.82 -30.39
CA PRO A 119 -19.63 4.88 -28.93
C PRO A 119 -18.21 5.03 -28.40
N PRO A 120 -18.00 5.91 -27.42
CA PRO A 120 -16.70 5.97 -26.74
C PRO A 120 -16.65 4.99 -25.58
N GLY A 121 -15.43 4.75 -25.10
CA GLY A 121 -15.26 3.90 -23.94
C GLY A 121 -13.89 3.91 -23.30
N ILE A 122 -13.83 3.59 -22.02
CA ILE A 122 -12.60 3.25 -21.32
C ILE A 122 -12.56 1.73 -21.26
N PHE A 123 -11.73 1.12 -22.08
CA PHE A 123 -11.70 -0.33 -22.23
C PHE A 123 -10.55 -0.94 -21.44
N LYS A 124 -10.86 -1.97 -20.66
CA LYS A 124 -9.89 -2.81 -19.97
C LYS A 124 -9.83 -4.14 -20.70
N SER A 125 -8.65 -4.51 -21.18
CA SER A 125 -8.48 -5.71 -21.97
C SER A 125 -7.37 -6.56 -21.37
N SER A 126 -7.52 -7.87 -21.50
CA SER A 126 -6.50 -8.82 -21.05
C SER A 126 -5.50 -9.05 -22.16
N CYS A 127 -4.22 -8.85 -21.86
CA CYS A 127 -3.16 -9.21 -22.79
C CYS A 127 -1.95 -9.74 -22.02
N TYR A 128 -1.35 -10.77 -22.57
CA TYR A 128 -0.07 -11.26 -22.07
C TYR A 128 0.98 -10.17 -22.17
N ILE A 129 1.51 -9.74 -21.03
CA ILE A 129 2.54 -8.72 -20.96
C ILE A 129 3.85 -9.43 -20.63
N ASP A 130 4.73 -9.54 -21.61
CA ASP A 130 5.98 -10.27 -21.46
C ASP A 130 7.02 -9.38 -20.79
N VAL A 131 7.50 -9.79 -19.62
CA VAL A 131 8.48 -9.04 -18.87
C VAL A 131 9.87 -9.66 -18.98
N ARG A 132 10.07 -10.57 -19.94
CA ARG A 132 11.36 -11.22 -20.08
C ARG A 132 12.49 -10.20 -20.24
N TRP A 133 12.25 -9.18 -21.06
CA TRP A 133 13.24 -8.17 -21.38
C TRP A 133 13.03 -6.85 -20.65
N PHE A 134 12.21 -6.85 -19.60
CA PHE A 134 11.94 -5.61 -18.89
C PHE A 134 13.23 -5.04 -18.32
N PRO A 135 13.44 -3.71 -18.42
CA PRO A 135 12.55 -2.67 -18.94
C PRO A 135 12.72 -2.38 -20.43
N PHE A 136 13.48 -3.17 -21.18
CA PHE A 136 13.67 -2.95 -22.61
C PHE A 136 12.69 -3.78 -23.44
N ASP A 137 11.40 -3.70 -23.12
CA ASP A 137 10.42 -4.62 -23.68
C ASP A 137 9.50 -3.93 -24.69
N VAL A 138 8.97 -4.74 -25.59
CA VAL A 138 7.93 -4.35 -26.53
C VAL A 138 6.74 -5.26 -26.29
N GLN A 139 5.56 -4.65 -26.13
CA GLN A 139 4.34 -5.40 -25.86
C GLN A 139 3.44 -5.40 -27.09
N HIS A 140 2.75 -6.51 -27.29
CA HIS A 140 1.76 -6.68 -28.36
C HIS A 140 0.45 -7.11 -27.71
N CYS A 141 -0.43 -6.15 -27.45
CA CYS A 141 -1.69 -6.42 -26.78
C CYS A 141 -2.82 -6.41 -27.81
N LYS A 142 -3.61 -7.48 -27.83
CA LYS A 142 -4.68 -7.62 -28.80
C LYS A 142 -6.00 -7.14 -28.24
N LEU A 143 -6.81 -6.57 -29.12
CA LEU A 143 -8.19 -6.20 -28.83
C LEU A 143 -9.04 -6.89 -29.87
N LYS A 144 -9.82 -7.89 -29.44
CA LYS A 144 -10.59 -8.75 -30.34
C LYS A 144 -12.06 -8.38 -30.24
N PHE A 145 -12.61 -7.83 -31.32
CA PHE A 145 -14.00 -7.42 -31.39
C PHE A 145 -14.78 -8.34 -32.31
N GLY A 146 -16.03 -8.60 -31.95
CA GLY A 146 -16.88 -9.41 -32.80
C GLY A 146 -18.31 -9.39 -32.33
N SER A 147 -19.21 -9.63 -33.26
CA SER A 147 -20.63 -9.80 -32.93
C SER A 147 -20.80 -11.03 -32.05
N TRP A 148 -21.53 -10.87 -30.95
CA TRP A 148 -21.68 -11.97 -30.02
C TRP A 148 -22.67 -13.03 -30.50
N SER A 149 -23.83 -12.62 -31.02
CA SER A 149 -24.91 -13.55 -31.32
C SER A 149 -25.23 -13.67 -32.80
N TYR A 150 -24.53 -12.97 -33.69
CA TYR A 150 -24.76 -13.06 -35.13
C TYR A 150 -23.53 -13.69 -35.76
N GLY A 151 -23.72 -14.83 -36.41
CA GLY A 151 -22.63 -15.49 -37.10
C GLY A 151 -22.43 -14.95 -38.50
N GLY A 152 -21.47 -15.54 -39.20
CA GLY A 152 -21.09 -15.08 -40.52
C GLY A 152 -22.21 -15.13 -41.55
N TRP A 153 -23.23 -15.96 -41.32
CA TRP A 153 -24.33 -16.04 -42.28
C TRP A 153 -25.30 -14.87 -42.18
N SER A 154 -25.30 -14.14 -41.06
CA SER A 154 -26.22 -13.01 -40.87
C SER A 154 -25.51 -11.67 -40.84
N LEU A 155 -24.39 -11.56 -40.13
CA LEU A 155 -23.63 -10.32 -40.01
C LEU A 155 -22.27 -10.52 -40.66
N ASP A 156 -21.99 -9.75 -41.70
CA ASP A 156 -20.73 -9.84 -42.43
C ASP A 156 -19.81 -8.72 -41.93
N LEU A 157 -19.05 -9.02 -40.88
CA LEU A 157 -18.18 -8.02 -40.28
C LEU A 157 -16.98 -7.77 -41.20
N GLN A 158 -16.70 -6.51 -41.46
CA GLN A 158 -15.60 -6.09 -42.34
C GLN A 158 -14.77 -5.04 -41.62
N MET A 159 -13.47 -5.08 -41.83
CA MET A 159 -12.52 -4.27 -41.10
C MET A 159 -12.08 -3.06 -41.91
N GLN A 160 -11.77 -1.98 -41.19
CA GLN A 160 -11.12 -0.80 -41.76
C GLN A 160 -9.97 -0.41 -40.85
N GLU A 161 -8.99 0.27 -41.42
CA GLU A 161 -7.77 0.60 -40.68
C GLU A 161 -8.08 1.49 -39.49
N ALA A 162 -7.39 1.24 -38.38
CA ALA A 162 -7.59 2.02 -37.17
C ALA A 162 -7.09 3.46 -37.36
N ASP A 163 -7.77 4.38 -36.71
CA ASP A 163 -7.46 5.81 -36.75
C ASP A 163 -6.62 6.17 -35.54
N ILE A 164 -5.50 6.86 -35.79
CA ILE A 164 -4.61 7.29 -34.71
C ILE A 164 -4.33 8.78 -34.81
N SER A 165 -5.04 9.48 -35.70
CA SER A 165 -4.79 10.90 -35.90
C SER A 165 -5.04 11.70 -34.62
N GLY A 166 -5.88 11.20 -33.73
CA GLY A 166 -6.14 11.83 -32.45
C GLY A 166 -5.37 11.27 -31.29
N TYR A 167 -4.41 10.38 -31.52
CA TYR A 167 -3.69 9.73 -30.44
C TYR A 167 -2.88 10.74 -29.63
N ILE A 168 -3.03 10.68 -28.32
CA ILE A 168 -2.26 11.51 -27.39
C ILE A 168 -1.07 10.68 -26.90
N PRO A 169 0.17 11.12 -27.09
CA PRO A 169 1.31 10.30 -26.69
C PRO A 169 1.34 10.01 -25.19
N ASN A 170 1.78 8.81 -24.86
CA ASN A 170 2.00 8.38 -23.49
C ASN A 170 3.46 8.58 -23.14
N GLY A 171 3.73 9.17 -21.97
CA GLY A 171 5.09 9.44 -21.58
C GLY A 171 5.89 8.18 -21.28
N GLU A 172 5.21 7.08 -21.01
CA GLU A 172 5.89 5.81 -20.72
C GLU A 172 5.99 4.90 -21.91
N TRP A 173 5.01 4.92 -22.83
CA TRP A 173 4.92 3.95 -23.90
C TRP A 173 4.93 4.67 -25.25
N ASP A 174 5.79 4.18 -26.15
CA ASP A 174 5.91 4.71 -27.49
C ASP A 174 5.09 3.85 -28.44
N LEU A 175 3.99 4.40 -28.94
CA LEU A 175 3.11 3.65 -29.83
C LEU A 175 3.83 3.34 -31.14
N VAL A 176 4.04 2.04 -31.39
CA VAL A 176 4.65 1.60 -32.65
C VAL A 176 3.61 1.45 -33.75
N GLY A 177 2.47 0.83 -33.44
CA GLY A 177 1.42 0.73 -34.44
C GLY A 177 0.21 0.02 -33.88
N ILE A 178 -0.83 -0.04 -34.71
CA ILE A 178 -2.07 -0.74 -34.37
C ILE A 178 -2.66 -1.35 -35.64
N PRO A 179 -2.05 -2.38 -36.20
CA PRO A 179 -2.65 -3.07 -37.34
C PRO A 179 -3.82 -3.95 -36.92
N GLY A 180 -4.64 -4.27 -37.92
CA GLY A 180 -5.81 -5.08 -37.69
C GLY A 180 -5.88 -6.25 -38.65
N LYS A 181 -6.58 -7.30 -38.22
CA LYS A 181 -6.76 -8.49 -39.02
C LYS A 181 -8.19 -9.01 -38.83
N ARG A 182 -8.81 -9.40 -39.93
CA ARG A 182 -10.16 -9.96 -39.92
C ARG A 182 -10.08 -11.47 -40.15
N SER A 183 -10.58 -12.24 -39.18
CA SER A 183 -10.58 -13.70 -39.26
C SER A 183 -12.00 -14.23 -39.12
N GLU A 184 -12.19 -15.48 -39.50
CA GLU A 184 -13.46 -16.18 -39.35
C GLU A 184 -13.19 -17.51 -38.65
N ARG A 185 -13.71 -17.67 -37.44
CA ARG A 185 -13.39 -18.81 -36.59
C ARG A 185 -14.62 -19.62 -36.23
N PHE A 186 -14.42 -20.94 -36.07
CA PHE A 186 -15.45 -21.86 -35.60
C PHE A 186 -15.28 -22.10 -34.10
N TYR A 187 -16.41 -22.14 -33.39
CA TYR A 187 -16.44 -22.42 -31.96
C TYR A 187 -17.26 -23.68 -31.69
N GLU A 188 -16.97 -24.32 -30.56
CA GLU A 188 -17.67 -25.55 -30.20
C GLU A 188 -19.15 -25.33 -29.98
N CYS A 189 -19.58 -24.11 -29.66
CA CYS A 189 -20.99 -23.85 -29.43
C CYS A 189 -21.82 -24.13 -30.68
N CYS A 190 -21.32 -23.73 -31.84
CA CYS A 190 -22.16 -23.46 -32.98
C CYS A 190 -21.49 -23.94 -34.26
N LYS A 191 -22.31 -24.46 -35.19
CA LYS A 191 -21.76 -24.89 -36.47
C LYS A 191 -21.41 -23.70 -37.35
N GLU A 192 -22.13 -22.60 -37.19
CA GLU A 192 -21.88 -21.42 -37.98
C GLU A 192 -20.57 -20.77 -37.54
N PRO A 193 -19.76 -20.26 -38.48
CA PRO A 193 -18.57 -19.53 -38.09
C PRO A 193 -18.89 -18.11 -37.66
N TYR A 194 -18.00 -17.55 -36.85
CA TYR A 194 -18.16 -16.18 -36.36
C TYR A 194 -16.92 -15.38 -36.76
N PRO A 195 -17.07 -14.25 -37.45
CA PRO A 195 -15.92 -13.42 -37.76
C PRO A 195 -15.58 -12.43 -36.65
N ASP A 196 -14.28 -12.14 -36.55
CA ASP A 196 -13.78 -11.17 -35.60
C ASP A 196 -12.79 -10.25 -36.29
N VAL A 197 -12.65 -9.05 -35.73
CA VAL A 197 -11.65 -8.09 -36.15
C VAL A 197 -10.76 -7.83 -34.94
N THR A 198 -9.46 -8.09 -35.09
CA THR A 198 -8.51 -7.96 -33.99
C THR A 198 -7.46 -6.93 -34.33
N PHE A 199 -7.31 -5.95 -33.45
CA PHE A 199 -6.28 -4.92 -33.56
C PHE A 199 -5.20 -5.21 -32.52
N THR A 200 -3.95 -5.19 -32.95
CA THR A 200 -2.81 -5.45 -32.08
C THR A 200 -2.08 -4.14 -31.80
N VAL A 201 -2.20 -3.63 -30.58
CA VAL A 201 -1.48 -2.45 -30.14
C VAL A 201 -0.05 -2.87 -29.82
N THR A 202 0.90 -2.43 -30.64
CA THR A 202 2.33 -2.66 -30.39
C THR A 202 2.93 -1.40 -29.79
N MET A 203 3.52 -1.53 -28.60
CA MET A 203 4.05 -0.40 -27.86
C MET A 203 5.45 -0.73 -27.35
N ARG A 204 6.33 0.26 -27.43
CA ARG A 204 7.69 0.14 -26.90
C ARG A 204 7.79 0.94 -25.61
N ARG A 205 8.31 0.31 -24.56
CA ARG A 205 8.53 1.01 -23.30
C ARG A 205 9.70 1.97 -23.44
N ARG A 206 9.54 3.20 -22.83
CA ARG A 206 10.59 4.20 -22.82
C ARG A 206 11.42 3.99 -21.56
N THR A 207 12.73 3.82 -21.72
CA THR A 207 13.59 3.30 -20.66
C THR A 207 14.31 4.38 -19.85
N LEU A 208 14.14 5.66 -20.17
CA LEU A 208 14.86 6.69 -19.42
C LEU A 208 14.50 6.64 -17.93
N TYR A 209 13.21 6.53 -17.62
CA TYR A 209 12.78 6.55 -16.22
C TYR A 209 13.41 5.41 -15.43
N TYR A 210 13.35 4.18 -15.98
CA TYR A 210 13.89 3.04 -15.26
C TYR A 210 15.40 3.03 -15.28
N GLY A 211 16.01 3.57 -16.33
CA GLY A 211 17.47 3.66 -16.36
C GLY A 211 18.02 4.52 -15.24
N LEU A 212 17.45 5.72 -15.07
CA LEU A 212 17.92 6.63 -14.03
C LEU A 212 17.43 6.27 -12.64
N ASN A 213 16.34 5.52 -12.52
CA ASN A 213 15.75 5.23 -11.23
C ASN A 213 15.95 3.80 -10.75
N LEU A 214 16.26 2.87 -11.65
CA LEU A 214 16.40 1.47 -11.28
C LEU A 214 17.75 0.88 -11.65
N LEU A 215 18.19 1.05 -12.91
CA LEU A 215 19.41 0.40 -13.36
C LEU A 215 20.66 1.09 -12.83
N ILE A 216 20.77 2.41 -13.05
CA ILE A 216 21.97 3.12 -12.62
C ILE A 216 22.15 3.08 -11.11
N PRO A 217 21.15 3.45 -10.30
CA PRO A 217 21.27 3.26 -8.84
C PRO A 217 21.93 1.94 -8.46
N CYS A 218 21.40 0.83 -8.99
CA CYS A 218 21.93 -0.48 -8.65
C CYS A 218 23.40 -0.60 -9.04
N VAL A 219 23.77 -0.12 -10.23
CA VAL A 219 25.16 -0.23 -10.67
C VAL A 219 26.07 0.48 -9.68
N LEU A 220 25.70 1.69 -9.28
CA LEU A 220 26.57 2.46 -8.38
C LEU A 220 26.70 1.78 -7.01
N ILE A 221 25.59 1.24 -6.49
CA ILE A 221 25.65 0.64 -5.16
C ILE A 221 26.43 -0.66 -5.18
N SER A 222 26.41 -1.39 -6.29
CA SER A 222 27.28 -2.56 -6.42
C SER A 222 28.74 -2.16 -6.41
N ALA A 223 29.07 -1.05 -7.07
CA ALA A 223 30.44 -0.57 -7.10
C ALA A 223 30.96 -0.30 -5.69
N LEU A 224 30.11 0.21 -4.80
CA LEU A 224 30.53 0.45 -3.43
C LEU A 224 30.92 -0.85 -2.72
N ALA A 225 30.27 -1.96 -3.07
CA ALA A 225 30.64 -3.25 -2.49
C ALA A 225 32.11 -3.57 -2.78
N LEU A 226 32.54 -3.40 -4.02
CA LEU A 226 33.93 -3.65 -4.38
C LEU A 226 34.88 -2.72 -3.64
N LEU A 227 34.38 -1.61 -3.10
CA LEU A 227 35.21 -0.69 -2.35
C LEU A 227 35.80 -1.34 -1.10
N VAL A 228 35.23 -2.47 -0.66
CA VAL A 228 35.72 -3.14 0.54
C VAL A 228 37.14 -3.64 0.32
N PHE A 229 37.46 -4.07 -0.90
CA PHE A 229 38.80 -4.58 -1.21
C PHE A 229 39.86 -3.49 -1.26
N LEU A 230 39.50 -2.25 -0.90
CA LEU A 230 40.47 -1.18 -0.75
C LEU A 230 40.54 -0.67 0.68
N LEU A 231 39.57 -1.03 1.52
CA LEU A 231 39.53 -0.57 2.90
C LEU A 231 40.53 -1.36 3.74
N PRO A 232 41.46 -0.71 4.42
CA PRO A 232 42.40 -1.46 5.26
C PRO A 232 41.69 -2.27 6.33
N ALA A 233 42.27 -3.42 6.66
CA ALA A 233 41.67 -4.31 7.65
C ALA A 233 41.65 -3.71 9.04
N ASP A 234 42.64 -2.88 9.39
CA ASP A 234 42.70 -2.30 10.71
C ASP A 234 41.61 -1.26 10.95
N SER A 235 40.98 -0.76 9.89
CA SER A 235 39.83 0.12 10.07
C SER A 235 38.73 -0.58 10.87
N GLY A 236 38.66 -1.90 10.79
CA GLY A 236 37.63 -2.64 11.50
C GLY A 236 36.23 -2.38 11.02
N GLU A 237 36.06 -2.06 9.74
CA GLU A 237 34.75 -1.73 9.18
C GLU A 237 34.48 -2.47 7.88
N LYS A 238 35.31 -3.46 7.52
CA LYS A 238 35.12 -4.17 6.27
C LYS A 238 33.77 -4.88 6.22
N ILE A 239 33.38 -5.53 7.31
CA ILE A 239 32.14 -6.32 7.30
C ILE A 239 30.92 -5.41 7.32
N SER A 240 31.02 -4.22 7.91
CA SER A 240 29.86 -3.34 7.99
C SER A 240 29.53 -2.76 6.63
N LEU A 241 30.56 -2.38 5.86
CA LEU A 241 30.33 -1.88 4.51
C LEU A 241 29.63 -2.92 3.65
N GLY A 242 30.13 -4.16 3.65
CA GLY A 242 29.58 -5.15 2.74
C GLY A 242 28.15 -5.55 3.07
N ILE A 243 27.89 -5.91 4.33
CA ILE A 243 26.56 -6.35 4.71
C ILE A 243 25.55 -5.22 4.59
N THR A 244 25.99 -3.98 4.79
CA THR A 244 25.08 -2.84 4.62
C THR A 244 24.64 -2.73 3.17
N VAL A 245 25.57 -2.83 2.24
CA VAL A 245 25.21 -2.84 0.83
C VAL A 245 24.25 -3.98 0.54
N LEU A 246 24.50 -5.14 1.15
CA LEU A 246 23.63 -6.30 0.89
C LEU A 246 22.21 -6.04 1.38
N LEU A 247 22.07 -5.47 2.58
CA LEU A 247 20.74 -5.18 3.09
C LEU A 247 20.03 -4.19 2.17
N SER A 248 20.76 -3.17 1.71
CA SER A 248 20.17 -2.19 0.79
C SER A 248 19.70 -2.86 -0.50
N LEU A 249 20.48 -3.75 -1.08
CA LEU A 249 20.09 -4.35 -2.34
C LEU A 249 18.92 -5.30 -2.14
N THR A 250 18.76 -5.88 -0.96
CA THR A 250 17.61 -6.77 -0.74
C THR A 250 16.31 -5.97 -0.80
N VAL A 251 16.27 -4.83 -0.13
CA VAL A 251 15.12 -3.94 -0.25
C VAL A 251 14.87 -3.56 -1.71
N PHE A 252 15.92 -3.25 -2.44
CA PHE A 252 15.77 -2.92 -3.87
C PHE A 252 15.12 -4.06 -4.67
N MET A 253 15.45 -5.30 -4.37
CA MET A 253 14.78 -6.38 -5.12
C MET A 253 13.30 -6.38 -4.81
N LEU A 254 12.94 -6.28 -3.55
CA LEU A 254 11.54 -6.19 -3.15
C LEU A 254 10.88 -4.95 -3.74
N LEU A 255 11.60 -3.88 -3.97
CA LEU A 255 10.93 -2.78 -4.67
C LEU A 255 10.53 -3.15 -6.08
N VAL A 256 11.40 -3.85 -6.83
CA VAL A 256 11.02 -4.33 -8.14
C VAL A 256 9.94 -5.39 -8.05
N ALA A 257 9.80 -6.04 -6.89
CA ALA A 257 8.81 -7.10 -6.72
C ALA A 257 7.40 -6.56 -6.84
N GLU A 258 7.18 -5.31 -6.43
CA GLU A 258 5.85 -4.70 -6.43
C GLU A 258 5.33 -4.40 -7.84
N ILE A 259 6.18 -4.45 -8.87
CA ILE A 259 5.76 -4.05 -10.21
C ILE A 259 5.78 -5.21 -11.19
N MET A 260 6.36 -6.35 -10.83
CA MET A 260 6.47 -7.45 -11.78
C MET A 260 5.41 -8.50 -11.51
N PRO A 261 4.87 -9.15 -12.54
CA PRO A 261 3.94 -10.26 -12.30
C PRO A 261 4.68 -11.47 -11.73
N ALA A 262 3.92 -12.31 -11.03
CA ALA A 262 4.49 -13.52 -10.42
C ALA A 262 4.39 -14.73 -11.35
N THR A 263 4.82 -14.56 -12.60
CA THR A 263 4.75 -15.63 -13.60
C THR A 263 6.07 -16.38 -13.67
N SER A 264 6.01 -17.56 -14.30
CA SER A 264 7.16 -18.46 -14.41
C SER A 264 7.49 -18.81 -15.85
N ASP A 265 7.04 -17.99 -16.81
CA ASP A 265 7.36 -18.26 -18.20
C ASP A 265 8.85 -18.07 -18.48
N SER A 266 9.51 -17.16 -17.76
CA SER A 266 10.92 -16.89 -17.97
C SER A 266 11.43 -16.09 -16.78
N VAL A 267 12.74 -16.17 -16.56
CA VAL A 267 13.38 -15.29 -15.58
C VAL A 267 13.61 -13.95 -16.25
N PRO A 268 13.06 -12.86 -15.74
CA PRO A 268 13.22 -11.57 -16.43
C PRO A 268 14.66 -11.09 -16.44
N LEU A 269 14.94 -10.16 -17.36
CA LEU A 269 16.27 -9.57 -17.45
C LEU A 269 16.63 -8.85 -16.16
N ILE A 270 15.68 -8.12 -15.59
CA ILE A 270 15.95 -7.37 -14.36
C ILE A 270 16.22 -8.32 -13.20
N ALA A 271 15.52 -9.45 -13.16
CA ALA A 271 15.78 -10.45 -12.13
C ALA A 271 17.20 -11.01 -12.24
N GLN A 272 17.65 -11.28 -13.47
CA GLN A 272 19.01 -11.78 -13.66
C GLN A 272 20.03 -10.75 -13.19
N TYR A 273 19.82 -9.49 -13.53
CA TYR A 273 20.77 -8.44 -13.14
C TYR A 273 20.86 -8.35 -11.62
N PHE A 274 19.73 -8.35 -10.93
CA PHE A 274 19.75 -8.31 -9.48
C PHE A 274 20.36 -9.58 -8.90
N ALA A 275 20.01 -10.74 -9.44
CA ALA A 275 20.65 -11.97 -9.03
C ALA A 275 22.17 -11.84 -9.12
N SER A 276 22.68 -11.63 -10.33
CA SER A 276 24.13 -11.57 -10.52
C SER A 276 24.76 -10.60 -9.52
N THR A 277 24.17 -9.42 -9.36
CA THR A 277 24.75 -8.43 -8.46
C THR A 277 24.76 -8.92 -7.03
N MET A 278 23.68 -9.57 -6.60
CA MET A 278 23.57 -10.01 -5.21
C MET A 278 24.62 -11.06 -4.84
N ILE A 279 24.84 -12.05 -5.71
CA ILE A 279 25.88 -13.04 -5.43
C ILE A 279 27.26 -12.38 -5.43
N ILE A 280 27.48 -11.39 -6.28
CA ILE A 280 28.77 -10.71 -6.29
C ILE A 280 29.01 -9.99 -4.97
N VAL A 281 28.01 -9.26 -4.48
CA VAL A 281 28.15 -8.60 -3.18
C VAL A 281 28.25 -9.64 -2.07
N GLY A 282 27.44 -10.69 -2.13
CA GLY A 282 27.53 -11.73 -1.12
C GLY A 282 28.87 -12.45 -1.13
N LEU A 283 29.39 -12.73 -2.32
CA LEU A 283 30.70 -13.38 -2.43
C LEU A 283 31.80 -12.48 -1.91
N SER A 284 31.69 -11.16 -2.10
CA SER A 284 32.68 -10.24 -1.55
C SER A 284 32.72 -10.30 -0.03
N VAL A 285 31.56 -10.51 0.60
CA VAL A 285 31.53 -10.69 2.06
C VAL A 285 32.29 -11.94 2.45
N VAL A 286 32.11 -13.02 1.71
CA VAL A 286 32.83 -14.26 1.99
C VAL A 286 34.34 -14.02 1.88
N VAL A 287 34.76 -13.35 0.81
CA VAL A 287 36.18 -13.07 0.63
C VAL A 287 36.70 -12.20 1.77
N THR A 288 35.89 -11.24 2.23
CA THR A 288 36.33 -10.37 3.31
C THR A 288 36.65 -11.19 4.57
N VAL A 289 35.82 -12.18 4.87
CA VAL A 289 36.08 -13.05 6.02
C VAL A 289 37.42 -13.76 5.85
N ILE A 290 37.70 -14.25 4.65
CA ILE A 290 38.99 -14.90 4.40
C ILE A 290 40.13 -13.92 4.61
N VAL A 291 39.99 -12.70 4.07
CA VAL A 291 41.05 -11.70 4.21
C VAL A 291 41.28 -11.38 5.68
N LEU A 292 40.20 -11.17 6.43
CA LEU A 292 40.34 -10.87 7.85
C LEU A 292 40.95 -12.04 8.61
N GLN A 293 40.60 -13.27 8.21
CA GLN A 293 41.15 -14.45 8.87
C GLN A 293 42.68 -14.50 8.75
N TYR A 294 43.22 -14.08 7.61
CA TYR A 294 44.68 -13.97 7.50
C TYR A 294 45.20 -12.81 8.32
N HIS A 295 44.58 -11.64 8.21
CA HIS A 295 45.13 -10.45 8.87
C HIS A 295 45.19 -10.62 10.37
N HIS A 296 44.31 -11.46 10.93
CA HIS A 296 44.25 -11.69 12.37
C HIS A 296 44.78 -13.06 12.75
N HIS A 297 45.62 -13.66 11.90
CA HIS A 297 46.14 -14.99 12.17
C HIS A 297 47.08 -14.97 13.36
N ASP A 298 46.88 -15.91 14.28
CA ASP A 298 47.74 -16.00 15.46
C ASP A 298 49.15 -16.41 15.03
N PRO A 299 50.19 -15.69 15.44
CA PRO A 299 51.55 -16.05 15.01
C PRO A 299 52.03 -17.37 15.59
N ASP A 300 51.41 -17.87 16.64
CA ASP A 300 51.81 -19.12 17.28
C ASP A 300 50.90 -20.28 16.93
N GLY A 301 50.05 -20.12 15.92
CA GLY A 301 49.18 -21.19 15.48
C GLY A 301 49.86 -22.05 14.45
N GLY A 302 49.13 -22.44 13.40
CA GLY A 302 49.73 -23.21 12.34
C GLY A 302 50.81 -22.44 11.64
N LYS A 303 51.47 -23.05 10.66
CA LYS A 303 52.50 -22.38 9.88
C LYS A 303 52.00 -22.20 8.45
N MET A 304 52.26 -21.02 7.89
CA MET A 304 51.84 -20.66 6.56
C MET A 304 52.27 -21.75 5.57
N PRO A 305 51.31 -22.46 4.95
CA PRO A 305 51.67 -23.50 3.98
C PRO A 305 52.59 -22.99 2.87
N LYS A 306 53.40 -23.90 2.34
CA LYS A 306 54.25 -23.57 1.20
C LYS A 306 53.41 -23.13 0.01
N TRP A 307 52.28 -23.80 -0.23
CA TRP A 307 51.43 -23.43 -1.36
C TRP A 307 50.98 -21.98 -1.24
N THR A 308 50.67 -21.54 -0.02
CA THR A 308 50.32 -20.14 0.21
C THR A 308 51.54 -19.25 0.04
N ARG A 309 52.67 -19.64 0.63
CA ARG A 309 53.87 -18.83 0.58
C ARG A 309 54.31 -18.54 -0.85
N VAL A 310 54.04 -19.45 -1.78
CA VAL A 310 54.52 -19.29 -3.16
C VAL A 310 53.50 -18.57 -4.03
N ILE A 311 52.25 -19.04 -4.03
CA ILE A 311 51.24 -18.45 -4.90
C ILE A 311 51.08 -16.96 -4.61
N LEU A 312 51.10 -16.59 -3.32
CA LEU A 312 50.77 -15.22 -2.92
C LEU A 312 52.02 -14.34 -2.78
N LEU A 313 52.95 -14.70 -1.89
CA LEU A 313 54.06 -13.81 -1.61
C LEU A 313 55.01 -13.65 -2.80
N ASN A 314 54.98 -14.55 -3.78
CA ASN A 314 55.89 -14.48 -4.91
C ASN A 314 55.15 -14.18 -6.22
N TRP A 315 54.30 -15.10 -6.69
CA TRP A 315 53.66 -14.93 -7.98
C TRP A 315 52.71 -13.74 -7.96
N CYS A 316 51.60 -13.88 -7.23
CA CYS A 316 50.59 -12.81 -7.20
C CYS A 316 51.21 -11.48 -6.77
N ALA A 317 52.15 -11.51 -5.82
CA ALA A 317 52.72 -10.27 -5.32
C ALA A 317 53.58 -9.59 -6.38
N TRP A 318 54.30 -10.38 -7.18
CA TRP A 318 55.09 -9.79 -8.27
C TRP A 318 54.18 -9.26 -9.38
N PHE A 319 53.20 -10.06 -9.79
CA PHE A 319 52.30 -9.66 -10.86
C PHE A 319 51.62 -8.33 -10.55
N LEU A 320 51.24 -8.12 -9.29
CA LEU A 320 50.50 -6.93 -8.89
C LEU A 320 51.41 -5.77 -8.48
N ARG A 321 52.72 -5.93 -8.60
CA ARG A 321 53.68 -4.89 -8.25
C ARG A 321 53.41 -4.34 -6.86
N MET A 322 53.59 -5.22 -5.88
CA MET A 322 53.27 -4.91 -4.48
C MET A 322 54.49 -4.94 -3.58
N LYS A 323 55.23 -6.05 -3.57
CA LYS A 323 56.40 -6.19 -2.70
C LYS A 323 55.98 -6.10 -1.23
N PRO A 479 80.21 -10.73 41.91
CA PRO A 479 79.19 -11.78 42.00
C PRO A 479 77.80 -11.28 41.61
N ASP A 480 77.51 -10.02 41.93
CA ASP A 480 76.23 -9.44 41.56
C ASP A 480 76.21 -8.94 40.12
N LEU A 481 77.38 -8.72 39.52
CA LEU A 481 77.43 -8.34 38.11
C LEU A 481 76.92 -9.46 37.23
N ALA A 482 77.24 -10.71 37.58
CA ALA A 482 76.77 -11.84 36.79
C ALA A 482 75.27 -12.00 36.90
N LYS A 483 74.72 -11.80 38.10
CA LYS A 483 73.27 -11.90 38.27
C LYS A 483 72.56 -10.82 37.46
N ILE A 484 73.15 -9.63 37.37
CA ILE A 484 72.54 -8.57 36.57
C ILE A 484 72.52 -8.97 35.10
N LEU A 485 73.59 -9.63 34.64
CA LEU A 485 73.67 -10.02 33.24
C LEU A 485 72.56 -10.99 32.86
N GLU A 486 72.14 -11.86 33.78
CA GLU A 486 71.10 -12.82 33.47
C GLU A 486 69.73 -12.15 33.39
N GLU A 487 69.48 -11.14 34.21
CA GLU A 487 68.21 -10.43 34.14
C GLU A 487 68.11 -9.59 32.87
N VAL A 488 69.16 -8.81 32.57
CA VAL A 488 69.12 -7.98 31.36
C VAL A 488 69.10 -8.86 30.11
N ARG A 489 69.80 -10.00 30.16
CA ARG A 489 69.79 -10.90 29.02
C ARG A 489 68.40 -11.50 28.79
N TYR A 490 67.69 -11.82 29.88
CA TYR A 490 66.32 -12.27 29.74
C TYR A 490 65.45 -11.18 29.11
N ILE A 491 65.62 -9.94 29.56
CA ILE A 491 64.83 -8.83 28.99
C ILE A 491 65.12 -8.70 27.51
N ALA A 492 66.40 -8.69 27.13
CA ALA A 492 66.76 -8.55 25.73
C ALA A 492 66.27 -9.73 24.91
N ASN A 493 66.40 -10.94 25.45
CA ASN A 493 65.93 -12.12 24.74
C ASN A 493 64.41 -12.08 24.55
N ARG A 494 63.69 -11.62 25.57
CA ARG A 494 62.24 -11.51 25.45
C ARG A 494 61.86 -10.55 24.33
N PHE A 495 62.58 -9.43 24.22
CA PHE A 495 62.30 -8.48 23.14
C PHE A 495 62.55 -9.11 21.78
N ARG A 496 63.60 -9.91 21.66
CA ARG A 496 63.90 -10.58 20.40
C ARG A 496 62.81 -11.56 20.00
N CYS A 497 62.28 -12.32 20.95
CA CYS A 497 61.23 -13.29 20.63
C CYS A 497 59.98 -12.63 20.07
N GLN A 498 59.50 -11.55 20.70
CA GLN A 498 58.34 -10.86 20.14
C GLN A 498 58.67 -10.28 18.76
N ASP A 499 59.90 -9.80 18.57
CA ASP A 499 60.26 -9.22 17.27
C ASP A 499 60.10 -10.24 16.16
N GLU A 500 60.62 -11.45 16.35
CA GLU A 500 60.46 -12.48 15.32
C GLU A 500 58.99 -12.86 15.18
N SER A 501 58.26 -12.89 16.30
CA SER A 501 56.84 -13.21 16.25
C SER A 501 56.08 -12.20 15.39
N GLU A 502 56.34 -10.91 15.60
CA GLU A 502 55.61 -9.90 14.83
C GLU A 502 56.03 -9.90 13.38
N ALA A 503 57.25 -10.34 13.08
CA ALA A 503 57.66 -10.52 11.69
C ALA A 503 56.80 -11.56 11.00
N VAL A 504 56.50 -12.67 11.69
CA VAL A 504 55.59 -13.67 11.15
C VAL A 504 54.21 -13.05 10.90
N CYS A 505 53.74 -12.24 11.85
CA CYS A 505 52.46 -11.56 11.67
C CYS A 505 52.46 -10.66 10.45
N SER A 506 53.59 -10.01 10.17
CA SER A 506 53.67 -9.14 9.01
C SER A 506 53.45 -9.91 7.71
N GLU A 507 54.02 -11.11 7.61
CA GLU A 507 53.79 -11.93 6.42
C GLU A 507 52.32 -12.25 6.25
N TRP A 508 51.65 -12.65 7.33
CA TRP A 508 50.23 -12.98 7.25
C TRP A 508 49.42 -11.75 6.87
N LYS A 509 49.77 -10.59 7.43
CA LYS A 509 49.08 -9.36 7.08
C LYS A 509 49.30 -9.01 5.61
N PHE A 510 50.53 -9.21 5.12
CA PHE A 510 50.82 -8.95 3.72
C PHE A 510 50.06 -9.90 2.81
N ALA A 511 49.97 -11.17 3.20
CA ALA A 511 49.17 -12.13 2.43
C ALA A 511 47.72 -11.65 2.31
N ALA A 512 47.15 -11.15 3.40
CA ALA A 512 45.79 -10.62 3.34
C ALA A 512 45.71 -9.47 2.35
N CYS A 513 46.68 -8.56 2.37
CA CYS A 513 46.69 -7.44 1.44
C CYS A 513 46.76 -7.94 0.00
N VAL A 514 47.58 -8.95 -0.27
CA VAL A 514 47.69 -9.47 -1.63
C VAL A 514 46.38 -10.10 -2.06
N VAL A 515 45.78 -10.93 -1.21
CA VAL A 515 44.49 -11.52 -1.53
C VAL A 515 43.45 -10.43 -1.77
N ASP A 516 43.49 -9.38 -0.95
CA ASP A 516 42.54 -8.28 -1.11
C ASP A 516 42.73 -7.58 -2.45
N ARG A 517 43.98 -7.32 -2.84
CA ARG A 517 44.24 -6.72 -4.14
C ARG A 517 43.85 -7.66 -5.28
N LEU A 518 44.13 -8.95 -5.13
CA LEU A 518 43.80 -9.90 -6.17
C LEU A 518 42.30 -9.95 -6.43
N CYS A 519 41.51 -10.07 -5.37
CA CYS A 519 40.06 -10.16 -5.53
C CYS A 519 39.47 -8.85 -6.02
N LEU A 520 40.07 -7.71 -5.68
CA LEU A 520 39.62 -6.44 -6.23
C LEU A 520 39.61 -6.47 -7.75
N MET A 521 40.73 -6.88 -8.35
CA MET A 521 40.80 -6.97 -9.82
C MET A 521 39.79 -7.98 -10.34
N ALA A 522 39.72 -9.15 -9.72
CA ALA A 522 38.81 -10.19 -10.21
C ALA A 522 37.36 -9.75 -10.12
N PHE A 523 36.97 -9.17 -8.99
CA PHE A 523 35.57 -8.76 -8.82
C PHE A 523 35.21 -7.60 -9.73
N SER A 524 36.14 -6.67 -9.95
CA SER A 524 35.88 -5.56 -10.87
C SER A 524 35.60 -6.07 -12.28
N VAL A 525 36.45 -7.00 -12.76
CA VAL A 525 36.23 -7.57 -14.09
C VAL A 525 34.87 -8.25 -14.15
N PHE A 526 34.59 -9.10 -13.16
CA PHE A 526 33.34 -9.87 -13.17
C PHE A 526 32.13 -8.96 -13.12
N THR A 527 32.18 -7.90 -12.32
CA THR A 527 31.04 -6.98 -12.23
C THR A 527 30.77 -6.32 -13.57
N ILE A 528 31.81 -5.85 -14.26
CA ILE A 528 31.64 -5.21 -15.57
C ILE A 528 31.07 -6.20 -16.57
N ILE A 529 31.63 -7.41 -16.63
CA ILE A 529 31.20 -8.37 -17.65
C ILE A 529 29.75 -8.77 -17.42
N CYS A 530 29.39 -9.07 -16.18
CA CYS A 530 28.01 -9.47 -15.89
C CYS A 530 27.03 -8.35 -16.21
N THR A 531 27.36 -7.12 -15.81
CA THR A 531 26.49 -5.99 -16.09
C THR A 531 26.31 -5.80 -17.59
N ILE A 532 27.42 -5.68 -18.32
CA ILE A 532 27.33 -5.44 -19.76
C ILE A 532 26.63 -6.60 -20.45
N GLY A 533 27.01 -7.82 -20.09
CA GLY A 533 26.42 -8.98 -20.75
C GLY A 533 24.91 -9.04 -20.60
N ILE A 534 24.42 -8.81 -19.38
CA ILE A 534 22.98 -8.92 -19.13
C ILE A 534 22.21 -7.83 -19.86
N LEU A 535 22.65 -6.57 -19.74
CA LEU A 535 21.92 -5.48 -20.37
C LEU A 535 21.89 -5.63 -21.89
N MET A 536 23.01 -6.01 -22.49
CA MET A 536 23.07 -6.06 -23.95
C MET A 536 22.49 -7.35 -24.52
N SER A 537 22.00 -8.26 -23.67
CA SER A 537 21.30 -9.43 -24.17
C SER A 537 19.96 -9.05 -24.77
N ALA A 538 19.36 -7.95 -24.31
CA ALA A 538 18.03 -7.56 -24.78
C ALA A 538 18.09 -7.18 -26.25
N PRO A 539 17.17 -7.68 -27.08
CA PRO A 539 17.18 -7.26 -28.50
C PRO A 539 16.99 -5.77 -28.70
N ASN A 540 16.27 -5.10 -27.82
CA ASN A 540 15.93 -3.69 -28.00
C ASN A 540 16.85 -2.75 -27.22
N PHE A 541 17.95 -3.26 -26.67
CA PHE A 541 18.80 -2.42 -25.83
C PHE A 541 19.42 -1.28 -26.64
N VAL A 542 19.95 -1.60 -27.83
CA VAL A 542 20.59 -0.57 -28.63
C VAL A 542 19.58 0.49 -29.05
N GLU A 543 18.37 0.07 -29.45
CA GLU A 543 17.34 1.02 -29.82
C GLU A 543 16.97 1.92 -28.65
N ALA A 544 16.82 1.34 -27.46
CA ALA A 544 16.43 2.14 -26.30
C ALA A 544 17.45 3.22 -26.00
N VAL A 545 18.74 2.88 -26.04
CA VAL A 545 19.78 3.88 -25.78
C VAL A 545 19.71 5.00 -26.80
N SER A 546 19.56 4.66 -28.08
CA SER A 546 19.55 5.67 -29.13
C SER A 546 18.37 6.62 -28.97
N LYS A 547 17.19 6.07 -28.66
CA LYS A 547 15.98 6.88 -28.67
C LYS A 547 15.78 7.62 -27.36
N ASP A 548 16.13 7.01 -26.24
CA ASP A 548 15.80 7.57 -24.92
C ASP A 548 16.97 8.29 -24.26
N PHE A 549 18.20 7.85 -24.50
CA PHE A 549 19.36 8.51 -23.93
C PHE A 549 20.12 9.31 -24.99
N GLU B 1 -39.15 -8.70 -44.98
CA GLU B 1 -40.64 -8.78 -44.84
C GLU B 1 -41.02 -10.00 -44.03
N PHE B 2 -40.32 -11.11 -44.25
CA PHE B 2 -40.61 -12.33 -43.51
C PHE B 2 -40.03 -12.27 -42.11
N GLN B 3 -38.87 -11.65 -41.94
CA GLN B 3 -38.32 -11.49 -40.60
C GLN B 3 -39.22 -10.60 -39.76
N ARG B 4 -39.73 -9.51 -40.36
CA ARG B 4 -40.68 -8.65 -39.66
C ARG B 4 -41.96 -9.39 -39.33
N LYS B 5 -42.48 -10.16 -40.29
CA LYS B 5 -43.70 -10.94 -40.07
C LYS B 5 -43.52 -11.97 -38.96
N LEU B 6 -42.40 -12.67 -38.96
CA LEU B 6 -42.17 -13.72 -37.95
C LEU B 6 -42.03 -13.13 -36.54
N TYR B 7 -41.33 -12.00 -36.40
CA TYR B 7 -41.20 -11.39 -35.08
C TYR B 7 -42.56 -10.94 -34.55
N LYS B 8 -43.41 -10.43 -35.42
CA LYS B 8 -44.76 -10.05 -35.01
C LYS B 8 -45.57 -11.27 -34.58
N GLU B 9 -45.39 -12.39 -35.27
CA GLU B 9 -46.20 -13.58 -34.99
C GLU B 9 -45.76 -14.25 -33.69
N LEU B 10 -44.46 -14.29 -33.42
CA LEU B 10 -43.97 -15.07 -32.30
C LEU B 10 -44.30 -14.45 -30.95
N VAL B 11 -44.43 -13.12 -30.89
CA VAL B 11 -44.65 -12.46 -29.61
C VAL B 11 -46.14 -12.28 -29.33
N LYS B 12 -46.99 -12.83 -30.20
CA LYS B 12 -48.43 -12.78 -29.98
C LYS B 12 -48.80 -13.71 -28.84
N ASN B 13 -49.20 -13.13 -27.70
CA ASN B 13 -49.60 -13.85 -26.49
C ASN B 13 -48.43 -14.48 -25.74
N TYR B 14 -47.19 -14.19 -26.12
CA TYR B 14 -46.06 -14.74 -25.39
C TYR B 14 -45.97 -14.08 -24.02
N ASN B 15 -45.72 -14.90 -22.99
CA ASN B 15 -45.58 -14.42 -21.61
C ASN B 15 -44.23 -14.83 -21.06
N PRO B 16 -43.27 -13.92 -20.96
CA PRO B 16 -41.95 -14.30 -20.43
C PRO B 16 -41.99 -14.91 -19.04
N LEU B 17 -43.06 -14.73 -18.27
CA LEU B 17 -43.17 -15.36 -16.97
C LEU B 17 -43.33 -16.87 -17.07
N GLU B 18 -43.79 -17.37 -18.21
CA GLU B 18 -44.24 -18.75 -18.33
C GLU B 18 -43.09 -19.66 -18.76
N ARG B 19 -42.83 -20.70 -17.97
CA ARG B 19 -41.88 -21.74 -18.34
C ARG B 19 -42.35 -22.40 -19.64
N PRO B 20 -41.53 -22.42 -20.69
CA PRO B 20 -42.05 -22.78 -22.03
C PRO B 20 -42.10 -24.28 -22.31
N VAL B 21 -43.01 -24.98 -21.65
CA VAL B 21 -43.23 -26.39 -21.88
C VAL B 21 -44.63 -26.57 -22.44
N ALA B 22 -44.86 -27.72 -23.07
CA ALA B 22 -46.18 -28.02 -23.61
C ALA B 22 -47.06 -28.62 -22.53
N ASN B 23 -46.51 -29.55 -21.76
CA ASN B 23 -47.20 -30.20 -20.66
C ASN B 23 -46.69 -29.57 -19.36
N ASP B 24 -47.58 -28.86 -18.65
CA ASP B 24 -47.17 -28.13 -17.45
C ASP B 24 -46.72 -29.06 -16.34
N SER B 25 -47.04 -30.35 -16.40
CA SER B 25 -46.71 -31.26 -15.32
C SER B 25 -45.28 -31.80 -15.40
N GLN B 26 -44.61 -31.63 -16.52
CA GLN B 26 -43.29 -32.20 -16.67
C GLN B 26 -42.22 -31.13 -16.56
N PRO B 27 -41.02 -31.48 -16.10
CA PRO B 27 -39.95 -30.48 -15.98
C PRO B 27 -39.30 -30.17 -17.32
N LEU B 28 -38.80 -28.95 -17.43
CA LEU B 28 -38.08 -28.50 -18.61
C LEU B 28 -36.60 -28.84 -18.46
N THR B 29 -36.04 -29.51 -19.45
CA THR B 29 -34.63 -29.89 -19.43
C THR B 29 -33.79 -28.71 -19.89
N VAL B 30 -32.84 -28.30 -19.05
CA VAL B 30 -31.90 -27.24 -19.36
C VAL B 30 -30.51 -27.86 -19.32
N TYR B 31 -29.78 -27.74 -20.42
CA TYR B 31 -28.40 -28.20 -20.49
C TYR B 31 -27.48 -27.05 -20.12
N PHE B 32 -26.62 -27.28 -19.13
CA PHE B 32 -25.73 -26.25 -18.64
C PHE B 32 -24.29 -26.70 -18.80
N SER B 33 -23.45 -25.78 -19.23
CA SER B 33 -22.01 -26.00 -19.33
C SER B 33 -21.34 -24.64 -19.26
N LEU B 34 -20.01 -24.65 -19.35
CA LEU B 34 -19.26 -23.41 -19.39
C LEU B 34 -18.05 -23.57 -20.28
N SER B 35 -17.51 -22.44 -20.71
CA SER B 35 -16.29 -22.36 -21.50
C SER B 35 -15.32 -21.45 -20.74
N LEU B 36 -14.21 -22.01 -20.27
CA LEU B 36 -13.24 -21.26 -19.47
C LEU B 36 -12.23 -20.61 -20.41
N LEU B 37 -12.22 -19.28 -20.42
CA LEU B 37 -11.28 -18.54 -21.26
C LEU B 37 -10.00 -18.19 -20.51
N GLN B 38 -10.09 -17.77 -19.26
CA GLN B 38 -8.93 -17.29 -18.53
C GLN B 38 -9.12 -17.43 -17.03
N ILE B 39 -8.04 -17.78 -16.34
CA ILE B 39 -7.93 -17.59 -14.90
C ILE B 39 -7.29 -16.22 -14.67
N MET B 40 -8.08 -15.27 -14.21
CA MET B 40 -7.58 -13.90 -14.10
C MET B 40 -6.85 -13.64 -12.78
N ASP B 41 -7.28 -14.21 -11.68
CA ASP B 41 -6.64 -13.92 -10.41
C ASP B 41 -6.94 -15.02 -9.41
N VAL B 42 -5.95 -15.33 -8.59
CA VAL B 42 -6.10 -16.23 -7.45
C VAL B 42 -5.65 -15.42 -6.25
N ASP B 43 -6.60 -14.85 -5.52
CA ASP B 43 -6.31 -14.01 -4.37
C ASP B 43 -6.32 -14.89 -3.13
N GLU B 44 -5.13 -15.28 -2.66
CA GLU B 44 -5.04 -16.14 -1.49
C GLU B 44 -5.41 -15.43 -0.19
N LYS B 45 -5.12 -14.13 -0.08
CA LYS B 45 -5.43 -13.43 1.15
C LYS B 45 -6.94 -13.25 1.34
N ASN B 46 -7.67 -12.88 0.29
CA ASN B 46 -9.12 -12.78 0.40
C ASN B 46 -9.83 -14.08 0.04
N GLN B 47 -9.14 -15.04 -0.48
CA GLN B 47 -9.72 -16.36 -0.78
C GLN B 47 -10.78 -16.25 -1.89
N VAL B 48 -10.40 -15.65 -3.01
CA VAL B 48 -11.32 -15.37 -4.11
C VAL B 48 -10.64 -15.74 -5.43
N LEU B 49 -11.39 -16.37 -6.32
CA LEU B 49 -10.94 -16.70 -7.65
C LEU B 49 -11.67 -15.84 -8.68
N THR B 50 -10.92 -15.22 -9.58
CA THR B 50 -11.48 -14.40 -10.65
C THR B 50 -11.21 -15.07 -12.00
N THR B 51 -12.26 -15.28 -12.77
CA THR B 51 -12.16 -15.99 -14.05
C THR B 51 -12.97 -15.27 -15.12
N ASN B 52 -12.58 -15.49 -16.36
CA ASN B 52 -13.35 -15.06 -17.53
C ASN B 52 -13.98 -16.32 -18.12
N ILE B 53 -15.29 -16.43 -18.02
CA ILE B 53 -16.04 -17.60 -18.46
C ILE B 53 -17.19 -17.20 -19.38
N TRP B 54 -17.58 -18.13 -20.25
CA TRP B 54 -18.78 -18.02 -21.06
C TRP B 54 -19.71 -19.15 -20.61
N LEU B 55 -20.79 -18.80 -19.93
CA LEU B 55 -21.79 -19.78 -19.57
C LEU B 55 -22.48 -20.29 -20.84
N GLN B 56 -22.99 -21.52 -20.78
CA GLN B 56 -23.71 -22.11 -21.90
C GLN B 56 -25.00 -22.75 -21.37
N MET B 57 -26.13 -22.23 -21.81
CA MET B 57 -27.39 -22.82 -21.46
C MET B 57 -28.13 -23.11 -22.74
N SER B 58 -28.86 -24.20 -22.81
CA SER B 58 -29.64 -24.54 -23.98
C SER B 58 -30.88 -25.31 -23.54
N TRP B 59 -32.02 -25.00 -24.14
CA TRP B 59 -33.29 -25.62 -23.81
C TRP B 59 -34.19 -25.52 -25.02
N THR B 60 -35.43 -25.97 -24.87
CA THR B 60 -36.42 -25.94 -25.93
C THR B 60 -37.59 -25.07 -25.49
N ASP B 61 -37.93 -24.09 -26.32
CA ASP B 61 -39.08 -23.23 -26.10
C ASP B 61 -40.22 -23.72 -26.99
N HIS B 62 -41.30 -24.17 -26.35
CA HIS B 62 -42.39 -24.81 -27.09
C HIS B 62 -43.11 -23.82 -28.01
N TYR B 63 -43.07 -22.54 -27.68
CA TYR B 63 -43.85 -21.55 -28.41
C TYR B 63 -43.08 -20.89 -29.54
N LEU B 64 -41.76 -20.92 -29.50
CA LEU B 64 -40.93 -20.22 -30.48
C LEU B 64 -40.49 -21.18 -31.58
N GLN B 65 -41.46 -21.71 -32.31
CA GLN B 65 -41.22 -22.55 -33.47
C GLN B 65 -41.95 -21.96 -34.66
N TRP B 66 -41.45 -22.24 -35.86
CA TRP B 66 -42.11 -21.79 -37.08
C TRP B 66 -41.74 -22.73 -38.22
N ASN B 67 -42.43 -22.57 -39.34
CA ASN B 67 -42.19 -23.38 -40.54
C ASN B 67 -41.34 -22.55 -41.49
N VAL B 68 -40.10 -22.97 -41.72
CA VAL B 68 -39.16 -22.18 -42.51
C VAL B 68 -39.63 -22.03 -43.95
N SER B 69 -40.55 -22.87 -44.41
CA SER B 69 -41.09 -22.69 -45.75
C SER B 69 -41.95 -21.44 -45.84
N GLU B 70 -42.70 -21.15 -44.78
CA GLU B 70 -43.53 -19.95 -44.73
C GLU B 70 -42.72 -18.68 -44.47
N TYR B 71 -41.44 -18.80 -44.11
CA TYR B 71 -40.56 -17.65 -43.89
C TYR B 71 -39.22 -17.94 -44.52
N PRO B 72 -39.15 -17.95 -45.86
CA PRO B 72 -37.91 -18.33 -46.53
C PRO B 72 -36.73 -17.46 -46.09
N GLY B 73 -35.64 -18.12 -45.72
CA GLY B 73 -34.43 -17.44 -45.32
C GLY B 73 -34.32 -17.10 -43.85
N VAL B 74 -35.39 -17.23 -43.08
CA VAL B 74 -35.38 -16.86 -41.66
C VAL B 74 -35.21 -18.16 -40.88
N LYS B 75 -33.96 -18.54 -40.65
CA LYS B 75 -33.66 -19.74 -39.90
C LYS B 75 -33.55 -19.50 -38.40
N THR B 76 -33.29 -18.26 -37.96
CA THR B 76 -33.09 -17.99 -36.55
C THR B 76 -33.63 -16.61 -36.23
N VAL B 77 -33.94 -16.41 -34.94
CA VAL B 77 -34.33 -15.11 -34.39
C VAL B 77 -33.54 -14.89 -33.11
N ARG B 78 -33.62 -13.69 -32.57
CA ARG B 78 -32.87 -13.38 -31.38
C ARG B 78 -33.75 -12.54 -30.46
N PHE B 79 -33.61 -12.73 -29.15
CA PHE B 79 -34.39 -11.95 -28.20
C PHE B 79 -33.49 -11.48 -27.07
N PRO B 80 -33.62 -10.23 -26.65
CA PRO B 80 -32.85 -9.72 -25.52
C PRO B 80 -33.53 -10.06 -24.19
N ASP B 81 -32.90 -9.60 -23.11
CA ASP B 81 -33.37 -9.86 -21.76
C ASP B 81 -34.76 -9.26 -21.53
N GLY B 82 -35.69 -10.09 -21.08
CA GLY B 82 -37.02 -9.66 -20.68
C GLY B 82 -38.12 -9.96 -21.68
N GLN B 83 -37.78 -10.23 -22.93
CA GLN B 83 -38.77 -10.55 -23.95
C GLN B 83 -38.94 -12.05 -24.16
N ILE B 84 -38.23 -12.87 -23.39
CA ILE B 84 -38.20 -14.31 -23.59
C ILE B 84 -37.97 -14.97 -22.23
N TRP B 85 -38.51 -16.17 -22.05
CA TRP B 85 -38.25 -16.93 -20.84
C TRP B 85 -36.82 -17.44 -20.84
N LYS B 86 -36.13 -17.28 -19.72
CA LYS B 86 -34.79 -17.76 -19.52
C LYS B 86 -34.67 -18.49 -18.20
N PRO B 87 -33.79 -19.50 -18.10
CA PRO B 87 -33.49 -20.06 -16.78
C PRO B 87 -32.72 -19.07 -15.92
N ASP B 88 -33.03 -19.06 -14.63
CA ASP B 88 -32.43 -18.11 -13.68
C ASP B 88 -31.28 -18.76 -12.93
N ILE B 89 -30.26 -19.14 -13.67
CA ILE B 89 -29.11 -19.86 -13.12
C ILE B 89 -28.09 -18.85 -12.61
N LEU B 90 -27.71 -18.98 -11.33
CA LEU B 90 -26.74 -18.11 -10.70
C LEU B 90 -25.58 -18.94 -10.19
N LEU B 91 -24.45 -18.26 -9.95
CA LEU B 91 -23.31 -18.87 -9.29
C LEU B 91 -23.53 -18.76 -7.78
N TYR B 92 -23.67 -19.90 -7.11
CA TYR B 92 -24.07 -19.89 -5.71
C TYR B 92 -22.99 -19.26 -4.84
N ASN B 93 -21.73 -19.68 -5.00
CA ASN B 93 -20.64 -19.20 -4.15
C ASN B 93 -19.99 -17.95 -4.75
N SER B 94 -20.80 -16.95 -5.04
CA SER B 94 -20.31 -15.72 -5.64
C SER B 94 -19.72 -14.80 -4.57
N ALA B 95 -18.58 -14.20 -4.88
CA ALA B 95 -17.95 -13.20 -4.03
C ALA B 95 -18.10 -11.79 -4.60
N ASP B 96 -18.86 -11.62 -5.67
CA ASP B 96 -19.03 -10.31 -6.29
C ASP B 96 -20.07 -9.49 -5.54
N GLU B 97 -19.81 -8.19 -5.40
CA GLU B 97 -20.68 -7.34 -4.61
C GLU B 97 -22.07 -7.20 -5.23
N ARG B 98 -22.19 -7.29 -6.55
CA ARG B 98 -23.50 -7.38 -7.19
C ARG B 98 -24.07 -8.79 -7.15
N PHE B 99 -23.25 -9.78 -6.79
CA PHE B 99 -23.60 -11.19 -6.65
C PHE B 99 -23.85 -11.87 -7.99
N ASP B 100 -23.95 -11.12 -9.06
CA ASP B 100 -24.22 -11.72 -10.36
C ASP B 100 -23.50 -10.85 -11.40
N ALA B 101 -22.36 -11.34 -11.87
CA ALA B 101 -21.53 -10.63 -12.84
C ALA B 101 -21.87 -10.97 -14.27
N THR B 102 -22.93 -11.74 -14.50
CA THR B 102 -23.30 -12.14 -15.85
C THR B 102 -23.64 -10.91 -16.69
N PHE B 103 -23.04 -10.81 -17.87
CA PHE B 103 -23.44 -9.81 -18.85
C PHE B 103 -24.50 -10.43 -19.75
N HIS B 104 -25.70 -9.87 -19.72
CA HIS B 104 -26.85 -10.44 -20.40
C HIS B 104 -26.79 -10.17 -21.90
N THR B 105 -26.79 -11.23 -22.69
CA THR B 105 -26.74 -11.17 -24.15
C THR B 105 -28.03 -11.77 -24.72
N ASN B 106 -28.06 -11.92 -26.04
CA ASN B 106 -29.25 -12.42 -26.72
C ASN B 106 -29.43 -13.92 -26.51
N VAL B 107 -30.67 -14.36 -26.66
CA VAL B 107 -31.01 -15.76 -26.79
C VAL B 107 -31.25 -16.03 -28.28
N LEU B 108 -30.54 -17.01 -28.82
CA LEU B 108 -30.66 -17.39 -30.22
C LEU B 108 -31.54 -18.63 -30.35
N VAL B 109 -32.64 -18.50 -31.08
CA VAL B 109 -33.62 -19.57 -31.25
C VAL B 109 -33.69 -19.95 -32.72
N ASN B 110 -33.77 -21.25 -33.00
CA ASN B 110 -33.91 -21.71 -34.36
C ASN B 110 -35.37 -22.09 -34.61
N SER B 111 -35.68 -22.53 -35.83
CA SER B 111 -37.06 -22.76 -36.23
C SER B 111 -37.75 -23.91 -35.51
N SER B 112 -37.03 -24.73 -34.74
CA SER B 112 -37.67 -25.80 -33.99
C SER B 112 -37.79 -25.49 -32.51
N GLY B 113 -37.39 -24.29 -32.10
CA GLY B 113 -37.53 -23.81 -30.73
C GLY B 113 -36.34 -24.03 -29.84
N HIS B 114 -35.27 -24.63 -30.35
CA HIS B 114 -34.05 -24.76 -29.57
CA HIS B 114 -34.05 -24.77 -29.58
C HIS B 114 -33.43 -23.40 -29.30
N CYS B 115 -33.29 -23.08 -28.01
CA CYS B 115 -32.75 -21.80 -27.57
C CYS B 115 -31.35 -21.95 -27.02
N GLN B 116 -30.43 -21.10 -27.46
CA GLN B 116 -29.07 -21.07 -26.94
C GLN B 116 -28.84 -19.72 -26.28
N TYR B 117 -28.10 -19.74 -25.18
CA TYR B 117 -27.84 -18.52 -24.42
C TYR B 117 -26.45 -18.65 -23.83
N LEU B 118 -25.55 -17.75 -24.21
CA LEU B 118 -24.13 -17.84 -23.88
C LEU B 118 -23.63 -16.52 -23.32
N PRO B 119 -24.12 -16.12 -22.16
CA PRO B 119 -23.67 -14.87 -21.56
C PRO B 119 -22.22 -14.96 -21.12
N PRO B 120 -21.40 -13.95 -21.41
CA PRO B 120 -20.05 -13.89 -20.85
C PRO B 120 -20.05 -13.23 -19.48
N GLY B 121 -18.94 -13.41 -18.77
CA GLY B 121 -18.78 -12.75 -17.49
C GLY B 121 -17.39 -12.79 -16.89
N ILE B 122 -17.10 -11.82 -16.03
CA ILE B 122 -15.94 -11.85 -15.15
C ILE B 122 -16.48 -12.28 -13.79
N PHE B 123 -16.24 -13.53 -13.41
CA PHE B 123 -16.82 -14.11 -12.21
C PHE B 123 -15.81 -14.11 -11.06
N LYS B 124 -16.26 -13.63 -9.91
CA LYS B 124 -15.55 -13.70 -8.65
C LYS B 124 -16.22 -14.77 -7.79
N SER B 125 -15.48 -15.79 -7.40
CA SER B 125 -16.03 -16.91 -6.65
C SER B 125 -15.21 -17.13 -5.39
N SER B 126 -15.88 -17.58 -4.34
CA SER B 126 -15.24 -17.93 -3.08
C SER B 126 -14.78 -19.37 -3.12
N CYS B 127 -13.49 -19.59 -2.86
CA CYS B 127 -12.98 -20.93 -2.69
C CYS B 127 -11.91 -20.95 -1.60
N TYR B 128 -11.94 -22.00 -0.80
CA TYR B 128 -10.87 -22.26 0.15
C TYR B 128 -9.56 -22.46 -0.58
N ILE B 129 -8.60 -21.57 -0.34
CA ILE B 129 -7.27 -21.63 -0.94
C ILE B 129 -6.31 -22.12 0.14
N ASP B 130 -5.87 -23.36 0.02
CA ASP B 130 -5.01 -23.99 1.02
C ASP B 130 -3.56 -23.57 0.78
N VAL B 131 -2.97 -22.91 1.77
CA VAL B 131 -1.59 -22.45 1.68
C VAL B 131 -0.65 -23.33 2.51
N ARG B 132 -1.11 -24.50 2.93
CA ARG B 132 -0.27 -25.37 3.76
C ARG B 132 1.05 -25.67 3.07
N TRP B 133 1.01 -25.95 1.76
CA TRP B 133 2.18 -26.34 0.99
C TRP B 133 2.71 -25.21 0.12
N PHE B 134 2.30 -23.96 0.37
CA PHE B 134 2.75 -22.85 -0.46
C PHE B 134 4.27 -22.74 -0.40
N PRO B 135 4.95 -22.51 -1.54
CA PRO B 135 4.42 -22.26 -2.88
C PRO B 135 4.26 -23.50 -3.75
N PHE B 136 4.39 -24.71 -3.20
CA PHE B 136 4.22 -25.94 -3.97
C PHE B 136 2.80 -26.48 -3.85
N ASP B 137 1.80 -25.65 -4.10
CA ASP B 137 0.42 -26.00 -3.78
C ASP B 137 -0.40 -26.25 -5.03
N VAL B 138 -1.45 -27.05 -4.84
CA VAL B 138 -2.48 -27.30 -5.85
C VAL B 138 -3.80 -26.86 -5.24
N GLN B 139 -4.55 -26.07 -5.99
CA GLN B 139 -5.83 -25.53 -5.52
C GLN B 139 -6.97 -26.21 -6.26
N HIS B 140 -8.08 -26.44 -5.55
CA HIS B 140 -9.31 -26.98 -6.11
C HIS B 140 -10.43 -26.00 -5.78
N CYS B 141 -10.76 -25.12 -6.71
CA CYS B 141 -11.77 -24.09 -6.49
C CYS B 141 -13.05 -24.48 -7.22
N LYS B 142 -14.16 -24.50 -6.49
CA LYS B 142 -15.43 -24.92 -7.04
C LYS B 142 -16.24 -23.74 -7.54
N LEU B 143 -16.98 -23.97 -8.62
CA LEU B 143 -17.95 -23.03 -9.15
C LEU B 143 -19.28 -23.77 -9.19
N LYS B 144 -20.20 -23.39 -8.34
CA LYS B 144 -21.47 -24.09 -8.18
C LYS B 144 -22.60 -23.27 -8.81
N PHE B 145 -23.17 -23.80 -9.88
CA PHE B 145 -24.25 -23.14 -10.61
C PHE B 145 -25.56 -23.88 -10.40
N GLY B 146 -26.65 -23.13 -10.31
CA GLY B 146 -27.96 -23.75 -10.19
C GLY B 146 -29.06 -22.73 -10.34
N SER B 147 -30.22 -23.23 -10.76
CA SER B 147 -31.41 -22.40 -10.81
C SER B 147 -31.80 -21.95 -9.40
N TRP B 148 -32.05 -20.66 -9.24
CA TRP B 148 -32.35 -20.14 -7.91
C TRP B 148 -33.76 -20.46 -7.45
N SER B 149 -34.76 -20.29 -8.31
CA SER B 149 -36.15 -20.39 -7.90
C SER B 149 -36.91 -21.55 -8.52
N TYR B 150 -36.28 -22.38 -9.34
CA TYR B 150 -36.94 -23.54 -9.95
C TYR B 150 -36.30 -24.80 -9.38
N GLY B 151 -37.09 -25.62 -8.71
CA GLY B 151 -36.61 -26.87 -8.18
C GLY B 151 -36.63 -27.98 -9.21
N GLY B 152 -36.21 -29.17 -8.76
CA GLY B 152 -36.08 -30.30 -9.65
C GLY B 152 -37.38 -30.73 -10.32
N TRP B 153 -38.53 -30.36 -9.75
CA TRP B 153 -39.79 -30.74 -10.37
C TRP B 153 -40.16 -29.88 -11.57
N SER B 154 -39.57 -28.70 -11.72
CA SER B 154 -39.86 -27.80 -12.82
C SER B 154 -38.71 -27.66 -13.81
N LEU B 155 -37.49 -27.49 -13.32
CA LEU B 155 -36.31 -27.33 -14.17
C LEU B 155 -35.39 -28.52 -13.95
N ASP B 156 -35.15 -29.28 -15.00
CA ASP B 156 -34.28 -30.46 -14.94
C ASP B 156 -32.90 -30.07 -15.47
N LEU B 157 -32.05 -29.59 -14.56
CA LEU B 157 -30.73 -29.15 -14.96
C LEU B 157 -29.84 -30.36 -15.29
N GLN B 158 -29.19 -30.31 -16.43
CA GLN B 158 -28.32 -31.37 -16.91
C GLN B 158 -26.98 -30.79 -17.31
N MET B 159 -25.91 -31.54 -17.05
CA MET B 159 -24.56 -31.07 -17.21
C MET B 159 -23.93 -31.57 -18.50
N GLN B 160 -23.03 -30.75 -19.05
CA GLN B 160 -22.17 -31.15 -20.15
C GLN B 160 -20.74 -30.73 -19.82
N GLU B 161 -19.78 -31.42 -20.42
CA GLU B 161 -18.38 -31.21 -20.10
C GLU B 161 -17.96 -29.79 -20.42
N ALA B 162 -17.13 -29.21 -19.55
CA ALA B 162 -16.65 -27.85 -19.77
C ALA B 162 -15.71 -27.77 -20.96
N ASP B 163 -15.76 -26.64 -21.66
CA ASP B 163 -14.95 -26.37 -22.83
C ASP B 163 -13.70 -25.59 -22.41
N ILE B 164 -12.53 -26.04 -22.85
CA ILE B 164 -11.28 -25.37 -22.54
C ILE B 164 -10.49 -25.12 -23.81
N SER B 165 -11.09 -25.37 -24.96
CA SER B 165 -10.37 -25.19 -26.22
C SER B 165 -9.91 -23.76 -26.43
N GLY B 166 -10.58 -22.79 -25.81
CA GLY B 166 -10.19 -21.39 -25.87
C GLY B 166 -9.40 -20.90 -24.68
N TYR B 167 -8.97 -21.79 -23.79
CA TYR B 167 -8.29 -21.36 -22.57
C TYR B 167 -6.95 -20.71 -22.90
N ILE B 168 -6.72 -19.54 -22.31
CA ILE B 168 -5.46 -18.82 -22.44
C ILE B 168 -4.60 -19.16 -21.23
N PRO B 169 -3.40 -19.71 -21.39
CA PRO B 169 -2.60 -20.10 -20.23
C PRO B 169 -2.25 -18.93 -19.32
N ASN B 170 -2.24 -19.21 -18.03
CA ASN B 170 -1.82 -18.25 -17.00
C ASN B 170 -0.37 -18.52 -16.66
N GLY B 171 0.44 -17.45 -16.61
CA GLY B 171 1.85 -17.61 -16.34
C GLY B 171 2.15 -18.08 -14.93
N GLU B 172 1.20 -17.90 -14.02
CA GLU B 172 1.39 -18.33 -12.64
C GLU B 172 0.77 -19.68 -12.33
N TRP B 173 -0.34 -20.04 -12.98
CA TRP B 173 -1.11 -21.22 -12.64
C TRP B 173 -1.20 -22.14 -13.83
N ASP B 174 -0.92 -23.42 -13.59
CA ASP B 174 -0.99 -24.46 -14.61
C ASP B 174 -2.33 -25.18 -14.47
N LEU B 175 -3.21 -24.97 -15.44
CA LEU B 175 -4.54 -25.60 -15.40
C LEU B 175 -4.41 -27.11 -15.51
N VAL B 176 -4.79 -27.81 -14.45
CA VAL B 176 -4.80 -29.28 -14.47
C VAL B 176 -6.10 -29.83 -15.07
N GLY B 177 -7.24 -29.28 -14.68
CA GLY B 177 -8.48 -29.72 -15.27
C GLY B 177 -9.66 -28.95 -14.70
N ILE B 178 -10.83 -29.24 -15.26
CA ILE B 178 -12.09 -28.64 -14.81
C ILE B 178 -13.21 -29.66 -14.97
N PRO B 179 -13.24 -30.72 -14.17
CA PRO B 179 -14.37 -31.66 -14.22
C PRO B 179 -15.61 -31.08 -13.56
N GLY B 180 -16.74 -31.67 -13.90
CA GLY B 180 -18.02 -31.24 -13.39
C GLY B 180 -18.81 -32.38 -12.81
N LYS B 181 -19.70 -32.05 -11.88
CA LYS B 181 -20.57 -33.02 -11.24
C LYS B 181 -21.95 -32.43 -11.06
N ARG B 182 -22.98 -33.23 -11.35
CA ARG B 182 -24.36 -32.82 -11.18
C ARG B 182 -24.94 -33.51 -9.95
N SER B 183 -25.40 -32.72 -8.99
CA SER B 183 -25.99 -33.24 -7.76
C SER B 183 -27.40 -32.68 -7.58
N GLU B 184 -28.16 -33.32 -6.70
CA GLU B 184 -29.51 -32.86 -6.33
C GLU B 184 -29.59 -32.80 -4.82
N ARG B 185 -29.75 -31.59 -4.28
CA ARG B 185 -29.67 -31.36 -2.84
C ARG B 185 -30.96 -30.78 -2.27
N PHE B 186 -31.24 -31.14 -1.02
CA PHE B 186 -32.36 -30.59 -0.27
C PHE B 186 -31.87 -29.45 0.63
N TYR B 187 -32.67 -28.39 0.72
CA TYR B 187 -32.40 -27.24 1.57
C TYR B 187 -33.52 -27.05 2.57
N GLU B 188 -33.19 -26.42 3.69
CA GLU B 188 -34.17 -26.20 4.75
C GLU B 188 -35.32 -25.31 4.30
N CYS B 189 -35.12 -24.48 3.27
CA CYS B 189 -36.20 -23.61 2.80
C CYS B 189 -37.39 -24.42 2.31
N CYS B 190 -37.13 -25.49 1.57
CA CYS B 190 -38.10 -26.02 0.64
C CYS B 190 -38.08 -27.55 0.66
N LYS B 191 -39.25 -28.16 0.52
CA LYS B 191 -39.32 -29.61 0.46
C LYS B 191 -38.81 -30.14 -0.87
N GLU B 192 -38.96 -29.36 -1.92
CA GLU B 192 -38.51 -29.77 -3.24
C GLU B 192 -36.98 -29.75 -3.29
N PRO B 193 -36.36 -30.72 -3.94
CA PRO B 193 -34.90 -30.67 -4.12
C PRO B 193 -34.51 -29.73 -5.24
N TYR B 194 -33.28 -29.24 -5.17
CA TYR B 194 -32.74 -28.34 -6.17
C TYR B 194 -31.47 -28.95 -6.75
N PRO B 195 -31.36 -29.12 -8.05
CA PRO B 195 -30.11 -29.62 -8.64
C PRO B 195 -29.11 -28.52 -8.93
N ASP B 196 -27.84 -28.88 -8.82
CA ASP B 196 -26.74 -27.98 -9.13
C ASP B 196 -25.72 -28.71 -10.00
N VAL B 197 -24.97 -27.92 -10.76
CA VAL B 197 -23.83 -28.39 -11.53
C VAL B 197 -22.60 -27.66 -11.01
N THR B 198 -21.62 -28.41 -10.53
CA THR B 198 -20.42 -27.84 -9.93
C THR B 198 -19.20 -28.25 -10.73
N PHE B 199 -18.42 -27.25 -11.16
CA PHE B 199 -17.16 -27.46 -11.85
C PHE B 199 -16.03 -27.13 -10.89
N THR B 200 -15.05 -28.01 -10.79
CA THR B 200 -13.90 -27.83 -9.91
C THR B 200 -12.67 -27.51 -10.74
N VAL B 201 -12.23 -26.25 -10.68
CA VAL B 201 -11.01 -25.83 -11.35
C VAL B 201 -9.83 -26.28 -10.50
N THR B 202 -9.06 -27.24 -11.01
CA THR B 202 -7.84 -27.70 -10.35
C THR B 202 -6.65 -27.05 -11.03
N MET B 203 -5.84 -26.33 -10.26
CA MET B 203 -4.71 -25.57 -10.79
C MET B 203 -3.48 -25.83 -9.95
N ARG B 204 -2.33 -25.95 -10.62
CA ARG B 204 -1.04 -26.12 -9.96
C ARG B 204 -0.27 -24.81 -10.07
N ARG B 205 0.25 -24.34 -8.94
CA ARG B 205 1.07 -23.14 -8.95
C ARG B 205 2.44 -23.44 -9.56
N ARG B 206 2.95 -22.48 -10.39
CA ARG B 206 4.26 -22.60 -11.01
C ARG B 206 5.27 -21.94 -10.08
N THR B 207 6.30 -22.70 -9.68
CA THR B 207 7.16 -22.32 -8.57
C THR B 207 8.44 -21.58 -8.97
N LEU B 208 8.70 -21.39 -10.26
CA LEU B 208 9.94 -20.73 -10.66
C LEU B 208 10.04 -19.33 -10.05
N TYR B 209 8.96 -18.56 -10.13
CA TYR B 209 9.00 -17.19 -9.64
C TYR B 209 9.33 -17.13 -8.15
N TYR B 210 8.65 -17.94 -7.35
CA TYR B 210 8.88 -17.91 -5.91
C TYR B 210 10.21 -18.58 -5.55
N GLY B 211 10.64 -19.56 -6.34
CA GLY B 211 11.93 -20.17 -6.07
C GLY B 211 13.07 -19.19 -6.19
N LEU B 212 13.10 -18.42 -7.29
CA LEU B 212 14.17 -17.46 -7.52
C LEU B 212 14.00 -16.17 -6.72
N ASN B 213 12.78 -15.85 -6.27
CA ASN B 213 12.54 -14.58 -5.61
C ASN B 213 12.30 -14.71 -4.10
N LEU B 214 11.94 -15.89 -3.62
CA LEU B 214 11.62 -16.06 -2.20
C LEU B 214 12.47 -17.14 -1.54
N LEU B 215 12.55 -18.34 -2.12
CA LEU B 215 13.23 -19.44 -1.46
C LEU B 215 14.75 -19.30 -1.53
N ILE B 216 15.29 -19.13 -2.73
CA ILE B 216 16.75 -19.05 -2.87
C ILE B 216 17.33 -17.85 -2.15
N PRO B 217 16.84 -16.62 -2.35
CA PRO B 217 17.29 -15.49 -1.53
C PRO B 217 17.46 -15.86 -0.06
N CYS B 218 16.41 -16.42 0.54
CA CYS B 218 16.46 -16.76 1.96
C CYS B 218 17.59 -17.75 2.25
N VAL B 219 17.75 -18.77 1.41
CA VAL B 219 18.79 -19.76 1.64
C VAL B 219 20.15 -19.08 1.68
N LEU B 220 20.43 -18.22 0.72
CA LEU B 220 21.74 -17.57 0.65
C LEU B 220 21.98 -16.68 1.86
N ILE B 221 20.96 -15.93 2.29
CA ILE B 221 21.16 -15.00 3.40
C ILE B 221 21.35 -15.75 4.72
N SER B 222 20.71 -16.92 4.86
CA SER B 222 20.97 -17.76 6.04
C SER B 222 22.41 -18.24 6.04
N ALA B 223 22.93 -18.60 4.87
CA ALA B 223 24.32 -19.05 4.77
C ALA B 223 25.29 -17.98 5.28
N LEU B 224 25.00 -16.72 5.01
CA LEU B 224 25.87 -15.65 5.51
C LEU B 224 25.90 -15.61 7.04
N ALA B 225 24.80 -15.98 7.69
CA ALA B 225 24.80 -16.04 9.15
C ALA B 225 25.86 -17.00 9.66
N LEU B 226 25.94 -18.20 9.07
CA LEU B 226 26.96 -19.16 9.47
C LEU B 226 28.36 -18.64 9.21
N LEU B 227 28.51 -17.63 8.36
CA LEU B 227 29.82 -17.06 8.09
C LEU B 227 30.44 -16.44 9.34
N VAL B 228 29.63 -16.18 10.38
CA VAL B 228 30.15 -15.57 11.60
C VAL B 228 31.14 -16.50 12.28
N PHE B 229 30.89 -17.81 12.20
CA PHE B 229 31.77 -18.80 12.83
C PHE B 229 33.11 -18.95 12.12
N LEU B 230 33.38 -18.11 11.13
CA LEU B 230 34.69 -18.06 10.48
C LEU B 230 35.37 -16.71 10.68
N LEU B 231 34.62 -15.71 11.12
CA LEU B 231 35.16 -14.37 11.32
C LEU B 231 35.97 -14.31 12.61
N PRO B 232 37.24 -13.92 12.57
CA PRO B 232 38.01 -13.85 13.82
C PRO B 232 37.39 -12.89 14.81
N ALA B 233 37.55 -13.20 16.10
CA ALA B 233 36.96 -12.38 17.14
C ALA B 233 37.58 -10.99 17.22
N ASP B 234 38.87 -10.88 16.90
CA ASP B 234 39.53 -9.57 16.98
C ASP B 234 39.05 -8.60 15.91
N SER B 235 38.39 -9.08 14.87
CA SER B 235 37.78 -8.17 13.91
C SER B 235 36.78 -7.24 14.60
N GLY B 236 36.19 -7.69 15.70
CA GLY B 236 35.20 -6.87 16.40
C GLY B 236 33.94 -6.61 15.62
N GLU B 237 33.54 -7.53 14.74
CA GLU B 237 32.36 -7.36 13.90
C GLU B 237 31.46 -8.58 13.91
N LYS B 238 31.69 -9.54 14.81
CA LYS B 238 30.88 -10.75 14.85
C LYS B 238 29.41 -10.45 15.11
N ILE B 239 29.14 -9.54 16.05
CA ILE B 239 27.76 -9.28 16.42
C ILE B 239 27.04 -8.47 15.36
N SER B 240 27.76 -7.63 14.61
CA SER B 240 27.11 -6.81 13.60
C SER B 240 26.66 -7.66 12.42
N LEU B 241 27.48 -8.62 12.01
CA LEU B 241 27.09 -9.52 10.93
C LEU B 241 25.82 -10.28 11.29
N GLY B 242 25.77 -10.88 12.47
CA GLY B 242 24.64 -11.73 12.82
C GLY B 242 23.34 -10.96 12.95
N ILE B 243 23.33 -9.89 13.75
CA ILE B 243 22.11 -9.14 13.98
C ILE B 243 21.63 -8.48 12.70
N THR B 244 22.55 -8.10 11.81
CA THR B 244 22.15 -7.51 10.54
C THR B 244 21.39 -8.52 9.71
N VAL B 245 21.90 -9.74 9.62
CA VAL B 245 21.17 -10.80 8.92
C VAL B 245 19.80 -10.98 9.55
N LEU B 246 19.74 -10.94 10.89
CA LEU B 246 18.46 -11.14 11.57
C LEU B 246 17.46 -10.06 11.21
N LEU B 247 17.91 -8.80 11.20
CA LEU B 247 17.01 -7.71 10.86
C LEU B 247 16.51 -7.88 9.43
N SER B 248 17.40 -8.28 8.52
CA SER B 248 17.00 -8.51 7.13
C SER B 248 15.95 -9.61 7.03
N LEU B 249 16.13 -10.71 7.74
CA LEU B 249 15.19 -11.80 7.62
C LEU B 249 13.84 -11.44 8.25
N THR B 250 13.82 -10.54 9.22
CA THR B 250 12.54 -10.14 9.80
C THR B 250 11.69 -9.40 8.77
N VAL B 251 12.30 -8.46 8.06
CA VAL B 251 11.61 -7.80 6.97
C VAL B 251 11.12 -8.83 5.95
N PHE B 252 11.94 -9.81 5.61
CA PHE B 252 11.51 -10.84 4.67
C PHE B 252 10.27 -11.60 5.15
N MET B 253 10.16 -11.88 6.43
CA MET B 253 8.95 -12.57 6.89
C MET B 253 7.74 -11.68 6.66
N LEU B 254 7.83 -10.42 7.04
CA LEU B 254 6.76 -9.47 6.78
C LEU B 254 6.49 -9.31 5.30
N LEU B 255 7.47 -9.47 4.44
CA LEU B 255 7.10 -9.43 3.03
C LEU B 255 6.20 -10.60 2.64
N VAL B 256 6.48 -11.81 3.13
CA VAL B 256 5.58 -12.92 2.87
C VAL B 256 4.24 -12.72 3.58
N ALA B 257 4.21 -11.87 4.61
CA ALA B 257 2.98 -11.64 5.35
C ALA B 257 1.92 -10.96 4.50
N GLU B 258 2.34 -10.14 3.54
CA GLU B 258 1.41 -9.40 2.70
C GLU B 258 0.66 -10.28 1.70
N ILE B 259 1.09 -11.53 1.49
CA ILE B 259 0.49 -12.37 0.47
C ILE B 259 -0.23 -13.58 1.06
N MET B 260 -0.06 -13.87 2.34
CA MET B 260 -0.67 -15.07 2.90
C MET B 260 -1.93 -14.72 3.67
N PRO B 261 -2.96 -15.57 3.66
CA PRO B 261 -4.12 -15.32 4.50
C PRO B 261 -3.79 -15.52 5.98
N ALA B 262 -4.56 -14.86 6.82
CA ALA B 262 -4.38 -14.95 8.27
C ALA B 262 -5.20 -16.08 8.90
N THR B 263 -5.12 -17.28 8.32
CA THR B 263 -5.88 -18.42 8.80
C THR B 263 -5.05 -19.28 9.73
N SER B 264 -5.74 -20.15 10.46
CA SER B 264 -5.13 -21.01 11.47
C SER B 264 -5.40 -22.48 11.22
N ASP B 265 -5.74 -22.86 9.99
CA ASP B 265 -5.97 -24.27 9.70
C ASP B 265 -4.68 -25.07 9.76
N SER B 266 -3.55 -24.46 9.46
CA SER B 266 -2.26 -25.15 9.48
C SER B 266 -1.16 -24.10 9.41
N VAL B 267 0.02 -24.48 9.90
CA VAL B 267 1.20 -23.65 9.73
C VAL B 267 1.74 -23.91 8.33
N PRO B 268 1.83 -22.90 7.46
CA PRO B 268 2.27 -23.15 6.08
C PRO B 268 3.71 -23.63 6.02
N LEU B 269 4.04 -24.24 4.88
CA LEU B 269 5.41 -24.69 4.64
C LEU B 269 6.38 -23.52 4.67
N ILE B 270 6.01 -22.40 4.06
CA ILE B 270 6.90 -21.24 4.00
C ILE B 270 7.09 -20.66 5.40
N ALA B 271 6.05 -20.68 6.23
CA ALA B 271 6.20 -20.22 7.61
C ALA B 271 7.18 -21.09 8.38
N GLN B 272 7.11 -22.41 8.20
CA GLN B 272 8.06 -23.30 8.88
C GLN B 272 9.48 -23.01 8.43
N TYR B 273 9.69 -22.82 7.14
CA TYR B 273 11.04 -22.56 6.63
C TYR B 273 11.61 -21.28 7.24
N PHE B 274 10.81 -20.22 7.26
CA PHE B 274 11.27 -18.97 7.86
C PHE B 274 11.47 -19.12 9.36
N ALA B 275 10.56 -19.80 10.05
CA ALA B 275 10.77 -20.10 11.46
C ALA B 275 12.11 -20.78 11.67
N SER B 276 12.28 -21.96 11.08
CA SER B 276 13.52 -22.71 11.30
C SER B 276 14.74 -21.84 11.04
N THR B 277 14.74 -21.08 9.95
CA THR B 277 15.89 -20.26 9.61
C THR B 277 16.12 -19.19 10.67
N MET B 278 15.04 -18.57 11.17
CA MET B 278 15.19 -17.47 12.12
C MET B 278 15.80 -17.93 13.44
N ILE B 279 15.35 -19.07 13.98
CA ILE B 279 15.96 -19.58 15.21
C ILE B 279 17.42 -19.95 14.97
N ILE B 280 17.75 -20.46 13.79
CA ILE B 280 19.14 -20.81 13.52
C ILE B 280 20.02 -19.56 13.53
N VAL B 281 19.56 -18.49 12.87
CA VAL B 281 20.32 -17.24 12.89
C VAL B 281 20.34 -16.66 14.30
N GLY B 282 19.21 -16.69 14.99
CA GLY B 282 19.17 -16.18 16.35
C GLY B 282 20.05 -16.98 17.29
N LEU B 283 20.05 -18.31 17.14
CA LEU B 283 20.90 -19.15 17.97
C LEU B 283 22.39 -18.90 17.68
N SER B 284 22.73 -18.60 16.43
CA SER B 284 24.12 -18.27 16.11
C SER B 284 24.56 -17.00 16.84
N VAL B 285 23.66 -16.05 17.02
CA VAL B 285 23.99 -14.85 17.79
C VAL B 285 24.28 -15.22 19.24
N VAL B 286 23.47 -16.11 19.81
CA VAL B 286 23.71 -16.56 21.17
C VAL B 286 25.09 -17.20 21.29
N VAL B 287 25.41 -18.09 20.35
CA VAL B 287 26.72 -18.76 20.35
C VAL B 287 27.85 -17.74 20.22
N THR B 288 27.64 -16.71 19.41
CA THR B 288 28.67 -15.70 19.23
C THR B 288 29.00 -15.01 20.55
N VAL B 289 27.98 -14.73 21.35
CA VAL B 289 28.19 -14.12 22.66
C VAL B 289 29.04 -15.04 23.53
N ILE B 290 28.75 -16.34 23.50
CA ILE B 290 29.54 -17.30 24.27
C ILE B 290 30.99 -17.30 23.78
N VAL B 291 31.18 -17.31 22.47
CA VAL B 291 32.54 -17.35 21.91
C VAL B 291 33.30 -16.09 22.32
N LEU B 292 32.65 -14.92 22.22
CA LEU B 292 33.30 -13.68 22.61
C LEU B 292 33.60 -13.65 24.10
N GLN B 293 32.71 -14.22 24.90
CA GLN B 293 32.91 -14.26 26.35
C GLN B 293 34.19 -15.02 26.71
N TYR B 294 34.50 -16.09 25.98
CA TYR B 294 35.78 -16.77 26.18
C TYR B 294 36.93 -15.93 25.67
N HIS B 295 36.81 -15.40 24.45
CA HIS B 295 37.94 -14.71 23.83
C HIS B 295 38.37 -13.50 24.65
N HIS B 296 37.44 -12.91 25.41
CA HIS B 296 37.71 -11.73 26.23
C HIS B 296 37.75 -12.06 27.71
N HIS B 297 38.00 -13.31 28.05
CA HIS B 297 38.02 -13.72 29.46
C HIS B 297 39.19 -13.09 30.19
N ASP B 298 38.92 -12.52 31.35
CA ASP B 298 39.98 -11.91 32.15
C ASP B 298 40.93 -12.99 32.66
N PRO B 299 42.24 -12.85 32.46
CA PRO B 299 43.15 -13.91 32.92
C PRO B 299 43.25 -14.03 34.43
N ASP B 300 42.80 -13.02 35.18
CA ASP B 300 42.86 -13.03 36.63
C ASP B 300 41.51 -13.31 37.27
N GLY B 301 40.53 -13.76 36.48
CA GLY B 301 39.22 -14.09 37.01
C GLY B 301 39.19 -15.54 37.47
N GLY B 302 38.09 -16.23 37.18
CA GLY B 302 38.00 -17.63 37.54
C GLY B 302 39.04 -18.45 36.82
N LYS B 303 39.10 -19.75 37.08
CA LYS B 303 40.02 -20.65 36.41
C LYS B 303 39.26 -21.60 35.51
N MET B 304 39.79 -21.81 34.31
CA MET B 304 39.16 -22.67 33.31
C MET B 304 38.82 -24.02 33.94
N PRO B 305 37.53 -24.36 34.06
CA PRO B 305 37.16 -25.67 34.62
C PRO B 305 37.84 -26.83 33.92
N LYS B 306 38.04 -27.92 34.67
CA LYS B 306 38.58 -29.14 34.08
C LYS B 306 37.66 -29.68 32.99
N TRP B 307 36.34 -29.60 33.19
CA TRP B 307 35.43 -30.10 32.17
C TRP B 307 35.63 -29.34 30.86
N THR B 308 35.88 -28.04 30.94
CA THR B 308 36.19 -27.27 29.74
C THR B 308 37.55 -27.66 29.18
N ARG B 309 38.56 -27.74 30.06
CA ARG B 309 39.92 -28.05 29.62
C ARG B 309 40.00 -29.37 28.85
N VAL B 310 39.13 -30.32 29.16
CA VAL B 310 39.21 -31.64 28.56
C VAL B 310 38.34 -31.73 27.30
N ILE B 311 37.07 -31.36 27.40
CA ILE B 311 36.16 -31.49 26.27
C ILE B 311 36.68 -30.71 25.07
N LEU B 312 37.23 -29.51 25.30
CA LEU B 312 37.59 -28.61 24.22
C LEU B 312 39.06 -28.73 23.81
N LEU B 313 39.99 -28.48 24.74
CA LEU B 313 41.40 -28.44 24.35
C LEU B 313 41.94 -29.80 23.92
N ASN B 314 41.28 -30.91 24.28
CA ASN B 314 41.77 -32.24 23.94
C ASN B 314 40.86 -32.93 22.94
N TRP B 315 39.63 -33.26 23.34
CA TRP B 315 38.76 -34.04 22.46
C TRP B 315 38.39 -33.26 21.20
N CYS B 316 37.58 -32.20 21.37
CA CYS B 316 37.14 -31.43 20.22
C CYS B 316 38.31 -30.90 19.40
N ALA B 317 39.39 -30.50 20.07
CA ALA B 317 40.52 -29.94 19.34
C ALA B 317 41.23 -31.00 18.51
N TRP B 318 41.33 -32.22 19.02
CA TRP B 318 41.92 -33.30 18.23
C TRP B 318 41.01 -33.70 17.06
N PHE B 319 39.72 -33.88 17.34
CA PHE B 319 38.78 -34.30 16.31
C PHE B 319 38.79 -33.32 15.12
N LEU B 320 38.91 -32.03 15.40
CA LEU B 320 38.85 -31.01 14.36
C LEU B 320 40.21 -30.69 13.76
N ARG B 321 41.26 -31.40 14.16
CA ARG B 321 42.61 -31.18 13.65
C ARG B 321 42.98 -29.70 13.71
N MET B 322 43.10 -29.21 14.94
CA MET B 322 43.34 -27.80 15.20
C MET B 322 44.65 -27.55 15.92
N LYS B 323 44.88 -28.20 17.06
CA LYS B 323 46.09 -27.99 17.84
C LYS B 323 46.19 -26.54 18.30
N PRO B 479 78.10 -1.42 46.95
CA PRO B 479 76.82 -1.24 47.64
C PRO B 479 75.69 -0.83 46.70
N ASP B 480 76.02 -0.04 45.68
CA ASP B 480 75.02 0.37 44.70
C ASP B 480 74.78 -0.70 43.65
N LEU B 481 75.71 -1.64 43.47
CA LEU B 481 75.50 -2.74 42.54
C LEU B 481 74.36 -3.63 43.01
N ALA B 482 74.26 -3.85 44.32
CA ALA B 482 73.18 -4.68 44.84
C ALA B 482 71.83 -4.00 44.67
N LYS B 483 71.77 -2.68 44.89
CA LYS B 483 70.53 -1.96 44.69
C LYS B 483 70.08 -2.01 43.24
N ILE B 484 71.03 -1.98 42.30
CA ILE B 484 70.68 -2.07 40.89
C ILE B 484 70.08 -3.44 40.60
N LEU B 485 70.63 -4.48 41.23
CA LEU B 485 70.14 -5.84 40.96
C LEU B 485 68.68 -5.99 41.37
N GLU B 486 68.25 -5.29 42.43
CA GLU B 486 66.87 -5.42 42.88
C GLU B 486 65.91 -4.71 41.94
N GLU B 487 66.33 -3.59 41.35
CA GLU B 487 65.47 -2.89 40.39
C GLU B 487 65.34 -3.68 39.09
N VAL B 488 66.48 -4.13 38.55
CA VAL B 488 66.42 -4.88 37.29
C VAL B 488 65.69 -6.21 37.50
N ARG B 489 65.87 -6.82 38.67
CA ARG B 489 65.18 -8.06 38.96
C ARG B 489 63.67 -7.85 39.05
N TYR B 490 63.24 -6.73 39.62
CA TYR B 490 61.82 -6.41 39.62
C TYR B 490 61.30 -6.25 38.20
N ILE B 491 62.07 -5.56 37.35
CA ILE B 491 61.64 -5.36 35.96
C ILE B 491 61.51 -6.70 35.26
N ALA B 492 62.53 -7.55 35.41
CA ALA B 492 62.49 -8.86 34.75
C ALA B 492 61.36 -9.71 35.31
N ASN B 493 61.16 -9.69 36.63
CA ASN B 493 60.08 -10.47 37.22
C ASN B 493 58.72 -9.97 36.74
N ARG B 494 58.56 -8.65 36.61
CA ARG B 494 57.30 -8.11 36.11
C ARG B 494 57.02 -8.61 34.70
N PHE B 495 58.05 -8.66 33.85
CA PHE B 495 57.88 -9.17 32.50
C PHE B 495 57.44 -10.63 32.52
N ARG B 496 58.02 -11.42 33.41
CA ARG B 496 57.65 -12.83 33.51
C ARG B 496 56.20 -13.02 33.91
N CYS B 497 55.72 -12.21 34.86
CA CYS B 497 54.33 -12.34 35.31
C CYS B 497 53.33 -12.08 34.19
N GLN B 498 53.52 -11.01 33.43
CA GLN B 498 52.62 -10.79 32.30
C GLN B 498 52.71 -11.92 31.28
N ASP B 499 53.93 -12.46 31.07
CA ASP B 499 54.09 -13.53 30.09
C ASP B 499 53.23 -14.73 30.45
N GLU B 500 53.27 -15.16 31.71
CA GLU B 500 52.43 -16.29 32.11
C GLU B 500 50.95 -15.92 32.03
N SER B 501 50.63 -14.67 32.36
CA SER B 501 49.25 -14.21 32.28
C SER B 501 48.73 -14.30 30.84
N GLU B 502 49.52 -13.83 29.88
CA GLU B 502 49.05 -13.86 28.49
C GLU B 502 49.00 -15.29 27.96
N ALA B 503 49.81 -16.19 28.51
CA ALA B 503 49.69 -17.60 28.16
C ALA B 503 48.33 -18.15 28.55
N VAL B 504 47.84 -17.77 29.73
CA VAL B 504 46.50 -18.16 30.16
C VAL B 504 45.47 -17.60 29.18
N CYS B 505 45.64 -16.35 28.77
CA CYS B 505 44.73 -15.75 27.80
C CYS B 505 44.73 -16.51 26.48
N SER B 506 45.89 -17.03 26.07
CA SER B 506 45.96 -17.78 24.82
C SER B 506 45.09 -19.03 24.88
N GLU B 507 45.09 -19.72 26.01
CA GLU B 507 44.23 -20.89 26.15
C GLU B 507 42.76 -20.52 26.01
N TRP B 508 42.35 -19.44 26.66
CA TRP B 508 40.95 -19.01 26.56
C TRP B 508 40.61 -18.61 25.13
N LYS B 509 41.53 -17.92 24.46
CA LYS B 509 41.30 -17.55 23.07
C LYS B 509 41.22 -18.79 22.18
N PHE B 510 42.06 -19.79 22.44
CA PHE B 510 42.01 -21.03 21.67
C PHE B 510 40.70 -21.77 21.92
N ALA B 511 40.24 -21.80 23.17
CA ALA B 511 38.95 -22.41 23.46
C ALA B 511 37.84 -21.77 22.66
N ALA B 512 37.85 -20.43 22.56
CA ALA B 512 36.85 -19.75 21.75
C ALA B 512 36.94 -20.20 20.29
N CYS B 513 38.16 -20.30 19.76
CA CYS B 513 38.33 -20.76 18.39
C CYS B 513 37.77 -22.17 18.19
N VAL B 514 38.01 -23.06 19.15
CA VAL B 514 37.52 -24.42 19.04
C VAL B 514 35.99 -24.44 19.08
N VAL B 515 35.40 -23.71 20.02
CA VAL B 515 33.95 -23.63 20.09
C VAL B 515 33.39 -23.05 18.79
N ASP B 516 34.08 -22.05 18.24
CA ASP B 516 33.63 -21.44 17.00
C ASP B 516 33.67 -22.45 15.85
N ARG B 517 34.75 -23.22 15.75
CA ARG B 517 34.84 -24.26 14.72
C ARG B 517 33.80 -25.35 14.95
N LEU B 518 33.59 -25.73 16.20
CA LEU B 518 32.63 -26.79 16.51
C LEU B 518 31.22 -26.39 16.07
N CYS B 519 30.79 -25.19 16.44
CA CYS B 519 29.45 -24.74 16.10
C CYS B 519 29.29 -24.51 14.60
N LEU B 520 30.36 -24.11 13.91
CA LEU B 520 30.30 -24.00 12.46
C LEU B 520 29.85 -25.31 11.82
N MET B 521 30.49 -26.42 12.18
CA MET B 521 30.09 -27.71 11.65
C MET B 521 28.65 -28.06 12.05
N ALA B 522 28.32 -27.86 13.32
CA ALA B 522 26.98 -28.22 13.78
C ALA B 522 25.90 -27.39 13.10
N PHE B 523 26.11 -26.07 12.98
CA PHE B 523 25.11 -25.23 12.37
C PHE B 523 24.98 -25.49 10.88
N SER B 524 26.09 -25.78 10.20
CA SER B 524 26.03 -26.11 8.78
C SER B 524 25.19 -27.36 8.55
N VAL B 525 25.41 -28.40 9.33
CA VAL B 525 24.61 -29.62 9.20
C VAL B 525 23.15 -29.31 9.44
N PHE B 526 22.85 -28.61 10.54
CA PHE B 526 21.46 -28.34 10.89
C PHE B 526 20.77 -27.50 9.84
N THR B 527 21.46 -26.50 9.27
CA THR B 527 20.85 -25.67 8.24
C THR B 527 20.48 -26.50 7.02
N ILE B 528 21.38 -27.38 6.58
CA ILE B 528 21.10 -28.22 5.41
C ILE B 528 19.91 -29.14 5.69
N ILE B 529 19.91 -29.80 6.84
CA ILE B 529 18.87 -30.78 7.14
C ILE B 529 17.51 -30.11 7.22
N CYS B 530 17.44 -28.98 7.94
CA CYS B 530 16.17 -28.28 8.08
C CYS B 530 15.66 -27.79 6.74
N THR B 531 16.54 -27.21 5.92
CA THR B 531 16.13 -26.73 4.61
C THR B 531 15.62 -27.87 3.74
N ILE B 532 16.42 -28.93 3.59
CA ILE B 532 16.02 -30.03 2.73
C ILE B 532 14.76 -30.69 3.27
N GLY B 533 14.71 -30.93 4.58
CA GLY B 533 13.56 -31.60 5.15
C GLY B 533 12.26 -30.85 4.91
N ILE B 534 12.27 -29.53 5.12
CA ILE B 534 11.05 -28.75 4.99
C ILE B 534 10.59 -28.71 3.53
N LEU B 535 11.50 -28.40 2.60
CA LEU B 535 11.10 -28.29 1.19
C LEU B 535 10.57 -29.62 0.66
N MET B 536 11.22 -30.72 1.00
CA MET B 536 10.84 -32.01 0.42
C MET B 536 9.66 -32.64 1.15
N SER B 537 9.13 -32.00 2.20
CA SER B 537 7.91 -32.50 2.82
C SER B 537 6.71 -32.32 1.91
N ALA B 538 6.75 -31.35 1.00
CA ALA B 538 5.61 -31.06 0.15
C ALA B 538 5.38 -32.22 -0.82
N PRO B 539 4.14 -32.69 -0.97
CA PRO B 539 3.89 -33.78 -1.93
C PRO B 539 4.26 -33.41 -3.37
N ASN B 540 4.14 -32.14 -3.75
CA ASN B 540 4.35 -31.71 -5.13
C ASN B 540 5.73 -31.15 -5.38
N PHE B 541 6.66 -31.30 -4.43
CA PHE B 541 7.98 -30.68 -4.60
C PHE B 541 8.73 -31.28 -5.78
N VAL B 542 8.72 -32.61 -5.89
CA VAL B 542 9.45 -33.26 -6.98
C VAL B 542 8.85 -32.85 -8.32
N GLU B 543 7.53 -32.82 -8.41
CA GLU B 543 6.87 -32.41 -9.66
C GLU B 543 7.24 -30.98 -10.02
N ALA B 544 7.24 -30.07 -9.03
CA ALA B 544 7.55 -28.67 -9.31
C ALA B 544 8.95 -28.51 -9.88
N VAL B 545 9.94 -29.20 -9.29
CA VAL B 545 11.30 -29.10 -9.79
C VAL B 545 11.39 -29.60 -11.22
N SER B 546 10.75 -30.73 -11.51
CA SER B 546 10.83 -31.30 -12.86
C SER B 546 10.20 -30.39 -13.90
N LYS B 547 9.05 -29.79 -13.58
CA LYS B 547 8.31 -29.03 -14.58
C LYS B 547 8.80 -27.59 -14.70
N ASP B 548 9.20 -26.98 -13.58
CA ASP B 548 9.51 -25.55 -13.58
C ASP B 548 11.00 -25.25 -13.64
N PHE B 549 11.84 -26.12 -13.07
CA PHE B 549 13.29 -25.92 -13.10
C PHE B 549 13.94 -26.89 -14.08
N GLU C 1 -50.69 -24.52 -21.49
CA GLU C 1 -51.97 -23.81 -21.72
C GLU C 1 -52.55 -23.33 -20.40
N PHE C 2 -52.43 -24.17 -19.36
CA PHE C 2 -52.95 -23.79 -18.06
C PHE C 2 -52.02 -22.81 -17.35
N GLN C 3 -50.71 -22.97 -17.53
CA GLN C 3 -49.77 -22.01 -16.97
C GLN C 3 -49.97 -20.64 -17.59
N ARG C 4 -50.16 -20.59 -18.92
CA ARG C 4 -50.45 -19.34 -19.59
C ARG C 4 -51.77 -18.74 -19.10
N LYS C 5 -52.81 -19.58 -18.99
CA LYS C 5 -54.10 -19.12 -18.51
C LYS C 5 -54.03 -18.56 -17.10
N LEU C 6 -53.32 -19.24 -16.21
CA LEU C 6 -53.23 -18.82 -14.82
C LEU C 6 -52.47 -17.49 -14.68
N TYR C 7 -51.38 -17.31 -15.41
CA TYR C 7 -50.64 -16.06 -15.35
C TYR C 7 -51.50 -14.89 -15.84
N LYS C 8 -52.31 -15.12 -16.87
CA LYS C 8 -53.22 -14.07 -17.35
C LYS C 8 -54.28 -13.75 -16.30
N GLU C 9 -54.75 -14.76 -15.58
CA GLU C 9 -55.84 -14.55 -14.63
C GLU C 9 -55.35 -13.84 -13.36
N LEU C 10 -54.15 -14.17 -12.90
CA LEU C 10 -53.69 -13.66 -11.61
C LEU C 10 -53.34 -12.17 -11.65
N VAL C 11 -52.93 -11.66 -12.80
CA VAL C 11 -52.48 -10.27 -12.88
C VAL C 11 -53.63 -9.35 -13.28
N LYS C 12 -54.84 -9.90 -13.38
CA LYS C 12 -56.02 -9.08 -13.69
C LYS C 12 -56.37 -8.24 -12.47
N ASN C 13 -56.17 -6.93 -12.57
CA ASN C 13 -56.45 -5.95 -11.52
C ASN C 13 -55.45 -6.00 -10.36
N TYR C 14 -54.37 -6.76 -10.48
CA TYR C 14 -53.37 -6.79 -9.41
C TYR C 14 -52.64 -5.44 -9.36
N ASN C 15 -52.44 -4.94 -8.15
CA ASN C 15 -51.75 -3.66 -7.93
C ASN C 15 -50.56 -3.89 -7.01
N PRO C 16 -49.33 -3.93 -7.52
CA PRO C 16 -48.17 -4.15 -6.64
C PRO C 16 -48.04 -3.14 -5.50
N LEU C 17 -48.68 -1.98 -5.60
CA LEU C 17 -48.64 -1.02 -4.51
C LEU C 17 -49.41 -1.50 -3.28
N GLU C 18 -50.34 -2.42 -3.46
CA GLU C 18 -51.30 -2.77 -2.42
C GLU C 18 -50.77 -3.91 -1.54
N ARG C 19 -50.72 -3.66 -0.24
CA ARG C 19 -50.41 -4.69 0.74
C ARG C 19 -51.46 -5.81 0.63
N PRO C 20 -51.06 -7.06 0.39
CA PRO C 20 -52.04 -8.09 0.00
C PRO C 20 -52.74 -8.78 1.17
N VAL C 21 -53.62 -8.04 1.83
CA VAL C 21 -54.44 -8.59 2.91
C VAL C 21 -55.89 -8.53 2.48
N ALA C 22 -56.72 -9.33 3.15
CA ALA C 22 -58.14 -9.32 2.86
C ALA C 22 -58.83 -8.21 3.63
N ASN C 23 -58.49 -8.07 4.91
CA ASN C 23 -59.02 -7.05 5.78
C ASN C 23 -57.96 -5.95 5.92
N ASP C 24 -58.25 -4.77 5.39
CA ASP C 24 -57.27 -3.69 5.39
C ASP C 24 -56.90 -3.22 6.79
N SER C 25 -57.71 -3.53 7.80
CA SER C 25 -57.45 -3.04 9.14
C SER C 25 -56.44 -3.87 9.91
N GLN C 26 -56.11 -5.05 9.44
CA GLN C 26 -55.23 -5.91 10.20
C GLN C 26 -53.84 -5.94 9.58
N PRO C 27 -52.80 -6.15 10.37
CA PRO C 27 -51.44 -6.20 9.81
C PRO C 27 -51.13 -7.52 9.13
N LEU C 28 -50.25 -7.45 8.13
CA LEU C 28 -49.79 -8.62 7.41
C LEU C 28 -48.58 -9.22 8.12
N THR C 29 -48.66 -10.52 8.41
CA THR C 29 -47.56 -11.20 9.09
C THR C 29 -46.49 -11.59 8.08
N VAL C 30 -45.28 -11.14 8.31
CA VAL C 30 -44.13 -11.48 7.48
C VAL C 30 -43.15 -12.22 8.37
N TYR C 31 -42.78 -13.43 7.97
CA TYR C 31 -41.78 -14.21 8.68
C TYR C 31 -40.40 -13.93 8.06
N PHE C 32 -39.47 -13.52 8.89
CA PHE C 32 -38.14 -13.16 8.44
C PHE C 32 -37.11 -14.05 9.11
N SER C 33 -36.13 -14.48 8.32
CA SER C 33 -34.99 -15.23 8.82
C SER C 33 -33.85 -15.04 7.84
N LEU C 34 -32.72 -15.69 8.13
CA LEU C 34 -31.60 -15.65 7.21
C LEU C 34 -30.85 -16.97 7.26
N SER C 35 -30.07 -17.22 6.22
CA SER C 35 -29.20 -18.38 6.11
C SER C 35 -27.79 -17.86 5.87
N LEU C 36 -26.90 -18.10 6.83
CA LEU C 36 -25.53 -17.60 6.78
C LEU C 36 -24.66 -18.61 6.05
N LEU C 37 -24.14 -18.22 4.88
CA LEU C 37 -23.27 -19.10 4.11
C LEU C 37 -21.79 -18.90 4.44
N GLN C 38 -21.35 -17.66 4.60
CA GLN C 38 -19.94 -17.39 4.77
C GLN C 38 -19.72 -16.07 5.50
N ILE C 39 -18.71 -16.03 6.36
CA ILE C 39 -18.13 -14.80 6.86
C ILE C 39 -16.97 -14.45 5.93
N MET C 40 -17.15 -13.44 5.11
CA MET C 40 -16.15 -13.12 4.10
C MET C 40 -15.01 -12.24 4.61
N ASP C 41 -15.31 -11.27 5.48
CA ASP C 41 -14.26 -10.38 5.94
C ASP C 41 -14.67 -9.75 7.26
N VAL C 42 -13.69 -9.56 8.12
CA VAL C 42 -13.83 -8.81 9.36
C VAL C 42 -12.76 -7.72 9.28
N ASP C 43 -13.17 -6.52 8.88
CA ASP C 43 -12.25 -5.39 8.71
C ASP C 43 -12.24 -4.61 10.02
N GLU C 44 -11.22 -4.83 10.85
CA GLU C 44 -11.12 -4.15 12.14
C GLU C 44 -10.80 -2.67 11.99
N LYS C 45 -10.01 -2.29 10.98
CA LYS C 45 -9.65 -0.89 10.83
C LYS C 45 -10.84 -0.04 10.40
N ASN C 46 -11.64 -0.51 9.44
CA ASN C 46 -12.83 0.23 9.04
C ASN C 46 -14.06 -0.18 9.84
N GLN C 47 -14.00 -1.21 10.62
CA GLN C 47 -15.10 -1.64 11.49
C GLN C 47 -16.31 -2.09 10.66
N VAL C 48 -16.07 -3.02 9.74
CA VAL C 48 -17.08 -3.49 8.81
C VAL C 48 -17.01 -5.01 8.72
N LEU C 49 -18.18 -5.65 8.69
CA LEU C 49 -18.29 -7.09 8.51
C LEU C 49 -18.90 -7.38 7.14
N THR C 50 -18.26 -8.27 6.39
CA THR C 50 -18.74 -8.70 5.09
C THR C 50 -19.16 -10.16 5.15
N THR C 51 -20.39 -10.46 4.74
CA THR C 51 -20.94 -11.80 4.82
C THR C 51 -21.69 -12.15 3.54
N ASN C 52 -21.79 -13.44 3.27
CA ASN C 52 -22.64 -13.97 2.21
C ASN C 52 -23.85 -14.60 2.89
N ILE C 53 -25.02 -13.99 2.71
CA ILE C 53 -26.25 -14.42 3.37
C ILE C 53 -27.36 -14.59 2.34
N TRP C 54 -28.32 -15.46 2.67
CA TRP C 54 -29.56 -15.60 1.94
C TRP C 54 -30.68 -15.18 2.88
N LEU C 55 -31.30 -14.03 2.60
CA LEU C 55 -32.45 -13.62 3.37
C LEU C 55 -33.62 -14.56 3.10
N GLN C 56 -34.52 -14.68 4.06
CA GLN C 56 -35.72 -15.51 3.91
C GLN C 56 -36.93 -14.71 4.38
N MET C 57 -37.83 -14.45 3.47
CA MET C 57 -39.07 -13.81 3.82
C MET C 57 -40.21 -14.68 3.34
N SER C 58 -41.28 -14.77 4.08
CA SER C 58 -42.45 -15.54 3.68
C SER C 58 -43.70 -14.88 4.25
N TRP C 59 -44.75 -14.81 3.44
CA TRP C 59 -46.00 -14.19 3.82
C TRP C 59 -47.10 -14.81 2.98
N THR C 60 -48.31 -14.29 3.13
CA THR C 60 -49.48 -14.77 2.40
C THR C 60 -50.04 -13.63 1.56
N ASP C 61 -50.19 -13.89 0.26
CA ASP C 61 -50.80 -12.95 -0.66
C ASP C 61 -52.24 -13.38 -0.89
N HIS C 62 -53.18 -12.53 -0.49
CA HIS C 62 -54.58 -12.89 -0.53
C HIS C 62 -55.10 -13.07 -1.95
N TYR C 63 -54.48 -12.40 -2.92
CA TYR C 63 -54.99 -12.40 -4.28
C TYR C 63 -54.38 -13.48 -5.16
N LEU C 64 -53.22 -14.01 -4.79
CA LEU C 64 -52.52 -14.97 -5.63
C LEU C 64 -52.83 -16.40 -5.16
N GLN C 65 -54.09 -16.77 -5.25
CA GLN C 65 -54.53 -18.13 -4.98
C GLN C 65 -55.31 -18.65 -6.19
N TRP C 66 -55.32 -19.98 -6.33
CA TRP C 66 -56.08 -20.59 -7.41
C TRP C 66 -56.44 -22.01 -7.00
N ASN C 67 -57.32 -22.62 -7.79
CA ASN C 67 -57.77 -23.99 -7.56
C ASN C 67 -56.98 -24.91 -8.50
N VAL C 68 -56.13 -25.76 -7.92
CA VAL C 68 -55.24 -26.58 -8.73
C VAL C 68 -56.00 -27.57 -9.59
N SER C 69 -57.27 -27.83 -9.29
CA SER C 69 -58.06 -28.70 -10.15
C SER C 69 -58.35 -28.01 -11.49
N GLU C 70 -58.59 -26.71 -11.47
CA GLU C 70 -58.82 -25.95 -12.68
C GLU C 70 -57.54 -25.68 -13.48
N TYR C 71 -56.37 -25.95 -12.91
CA TYR C 71 -55.10 -25.77 -13.60
C TYR C 71 -54.21 -26.96 -13.29
N PRO C 72 -54.55 -28.13 -13.85
CA PRO C 72 -53.80 -29.35 -13.51
C PRO C 72 -52.32 -29.20 -13.79
N GLY C 73 -51.51 -29.55 -12.79
CA GLY C 73 -50.06 -29.51 -12.92
C GLY C 73 -49.41 -28.20 -12.53
N VAL C 74 -50.17 -27.12 -12.35
CA VAL C 74 -49.60 -25.82 -12.05
C VAL C 74 -49.73 -25.62 -10.54
N LYS C 75 -48.73 -26.07 -9.81
CA LYS C 75 -48.71 -25.92 -8.36
C LYS C 75 -48.08 -24.62 -7.91
N THR C 76 -47.25 -23.98 -8.73
CA THR C 76 -46.56 -22.76 -8.30
C THR C 76 -46.40 -21.83 -9.49
N VAL C 77 -46.22 -20.55 -9.18
CA VAL C 77 -45.89 -19.52 -10.16
C VAL C 77 -44.74 -18.70 -9.59
N ARG C 78 -44.19 -17.82 -10.42
CA ARG C 78 -43.06 -17.03 -10.00
C ARG C 78 -43.24 -15.61 -10.54
N PHE C 79 -42.81 -14.62 -9.77
CA PHE C 79 -42.91 -13.25 -10.22
C PHE C 79 -41.61 -12.50 -9.92
N PRO C 80 -41.12 -11.71 -10.86
CA PRO C 80 -39.91 -10.91 -10.61
C PRO C 80 -40.25 -9.60 -9.92
N ASP C 81 -39.22 -8.80 -9.70
CA ASP C 81 -39.34 -7.53 -9.00
C ASP C 81 -40.25 -6.56 -9.75
N GLY C 82 -41.25 -6.04 -9.05
CA GLY C 82 -42.13 -5.01 -9.57
C GLY C 82 -43.49 -5.49 -10.02
N GLN C 83 -43.66 -6.79 -10.25
CA GLN C 83 -44.96 -7.34 -10.65
C GLN C 83 -45.75 -7.91 -9.49
N ILE C 84 -45.23 -7.80 -8.27
CA ILE C 84 -45.82 -8.43 -7.09
C ILE C 84 -45.48 -7.57 -5.88
N TRP C 85 -46.37 -7.57 -4.89
CA TRP C 85 -46.08 -6.88 -3.65
C TRP C 85 -45.03 -7.64 -2.84
N LYS C 86 -44.05 -6.93 -2.34
CA LYS C 86 -43.00 -7.48 -1.50
C LYS C 86 -42.80 -6.61 -0.27
N PRO C 87 -42.40 -7.21 0.85
CA PRO C 87 -41.96 -6.39 1.99
C PRO C 87 -40.65 -5.68 1.69
N ASP C 88 -40.55 -4.44 2.16
CA ASP C 88 -39.38 -3.60 1.90
C ASP C 88 -38.41 -3.63 3.07
N ILE C 89 -37.87 -4.82 3.33
CA ILE C 89 -37.00 -5.05 4.48
C ILE C 89 -35.56 -4.73 4.07
N LEU C 90 -34.92 -3.85 4.82
CA LEU C 90 -33.54 -3.46 4.58
C LEU C 90 -32.69 -3.76 5.80
N LEU C 91 -31.38 -3.83 5.59
CA LEU C 91 -30.42 -3.93 6.68
C LEU C 91 -30.13 -2.52 7.19
N TYR C 92 -30.51 -2.24 8.43
CA TYR C 92 -30.44 -0.87 8.94
C TYR C 92 -29.00 -0.39 9.03
N ASN C 93 -28.12 -1.19 9.64
CA ASN C 93 -26.73 -0.78 9.85
C ASN C 93 -25.85 -1.17 8.66
N SER C 94 -26.26 -0.77 7.47
CA SER C 94 -25.51 -1.11 6.26
C SER C 94 -24.34 -0.16 6.07
N ALA C 95 -23.19 -0.72 5.69
CA ALA C 95 -22.01 0.05 5.34
C ALA C 95 -21.75 0.05 3.84
N ASP C 96 -22.66 -0.48 3.03
CA ASP C 96 -22.48 -0.54 1.60
C ASP C 96 -22.85 0.80 0.97
N GLU C 97 -22.07 1.21 -0.04
CA GLU C 97 -22.27 2.52 -0.66
C GLU C 97 -23.62 2.62 -1.38
N ARG C 98 -24.14 1.51 -1.90
CA ARG C 98 -25.51 1.49 -2.42
C ARG C 98 -26.54 1.33 -1.32
N PHE C 99 -26.09 0.99 -0.11
CA PHE C 99 -26.92 0.82 1.09
C PHE C 99 -27.79 -0.43 1.05
N ASP C 100 -27.90 -1.07 -0.10
CA ASP C 100 -28.75 -2.26 -0.21
C ASP C 100 -28.09 -3.17 -1.24
N ALA C 101 -27.42 -4.21 -0.75
CA ALA C 101 -26.70 -5.15 -1.58
C ALA C 101 -27.54 -6.35 -1.98
N THR C 102 -28.84 -6.33 -1.67
CA THR C 102 -29.70 -7.44 -2.00
C THR C 102 -29.77 -7.63 -3.52
N PHE C 103 -29.54 -8.86 -3.97
CA PHE C 103 -29.79 -9.22 -5.36
C PHE C 103 -31.22 -9.74 -5.47
N HIS C 104 -32.04 -9.03 -6.25
CA HIS C 104 -33.47 -9.30 -6.31
C HIS C 104 -33.74 -10.52 -7.19
N THR C 105 -34.40 -11.52 -6.61
CA THR C 105 -34.75 -12.77 -7.28
C THR C 105 -36.28 -12.90 -7.33
N ASN C 106 -36.75 -14.05 -7.78
CA ASN C 106 -38.18 -14.29 -7.94
C ASN C 106 -38.86 -14.49 -6.58
N VAL C 107 -40.16 -14.23 -6.57
CA VAL C 107 -41.04 -14.64 -5.49
C VAL C 107 -41.79 -15.89 -5.96
N LEU C 108 -41.71 -16.95 -5.17
CA LEU C 108 -42.36 -18.22 -5.49
C LEU C 108 -43.65 -18.33 -4.68
N VAL C 109 -44.78 -18.46 -5.37
CA VAL C 109 -46.09 -18.51 -4.75
C VAL C 109 -46.74 -19.85 -5.08
N ASN C 110 -47.40 -20.46 -4.09
CA ASN C 110 -48.09 -21.72 -4.32
C ASN C 110 -49.59 -21.42 -4.45
N SER C 111 -50.38 -22.47 -4.67
CA SER C 111 -51.80 -22.30 -4.99
C SER C 111 -52.63 -21.75 -3.83
N SER C 112 -52.11 -21.65 -2.62
CA SER C 112 -52.87 -21.08 -1.52
C SER C 112 -52.42 -19.66 -1.18
N GLY C 113 -51.47 -19.10 -1.94
CA GLY C 113 -51.03 -17.74 -1.79
C GLY C 113 -49.80 -17.55 -0.93
N HIS C 114 -49.24 -18.62 -0.38
CA HIS C 114 -48.00 -18.51 0.38
CA HIS C 114 -48.00 -18.51 0.38
C HIS C 114 -46.86 -18.12 -0.53
N CYS C 115 -46.23 -16.99 -0.22
CA CYS C 115 -45.14 -16.43 -1.02
C CYS C 115 -43.82 -16.61 -0.29
N GLN C 116 -42.81 -17.10 -1.01
CA GLN C 116 -41.46 -17.23 -0.47
C GLN C 116 -40.54 -16.35 -1.30
N TYR C 117 -39.58 -15.72 -0.63
CA TYR C 117 -38.66 -14.81 -1.30
C TYR C 117 -37.32 -14.94 -0.59
N LEU C 118 -36.29 -15.36 -1.33
CA LEU C 118 -34.99 -15.70 -0.75
C LEU C 118 -33.88 -15.03 -1.53
N PRO C 119 -33.81 -13.70 -1.49
CA PRO C 119 -32.75 -13.00 -2.22
C PRO C 119 -31.39 -13.26 -1.59
N PRO C 120 -30.36 -13.54 -2.39
CA PRO C 120 -29.01 -13.62 -1.87
C PRO C 120 -28.34 -12.24 -1.84
N GLY C 121 -27.23 -12.16 -1.12
CA GLY C 121 -26.47 -10.94 -1.09
C GLY C 121 -25.10 -11.02 -0.46
N ILE C 122 -24.22 -10.12 -0.86
CA ILE C 122 -22.97 -9.86 -0.17
C ILE C 122 -23.20 -8.61 0.66
N PHE C 123 -23.36 -8.77 1.97
CA PHE C 123 -23.75 -7.69 2.86
C PHE C 123 -22.54 -7.13 3.59
N LYS C 124 -22.42 -5.81 3.58
CA LYS C 124 -21.44 -5.06 4.37
C LYS C 124 -22.20 -4.37 5.49
N SER C 125 -21.83 -4.67 6.73
CA SER C 125 -22.54 -4.16 7.89
C SER C 125 -21.53 -3.48 8.83
N SER C 126 -22.01 -2.44 9.52
CA SER C 126 -21.21 -1.76 10.51
C SER C 126 -21.37 -2.43 11.87
N CYS C 127 -20.26 -2.81 12.48
CA CYS C 127 -20.29 -3.29 13.84
C CYS C 127 -19.05 -2.83 14.59
N TYR C 128 -19.24 -2.46 15.84
CA TYR C 128 -18.14 -2.18 16.73
C TYR C 128 -17.27 -3.42 16.91
N ILE C 129 -16.03 -3.34 16.48
CA ILE C 129 -15.06 -4.43 16.59
C ILE C 129 -14.10 -4.07 17.72
N ASP C 130 -14.23 -4.74 18.86
CA ASP C 130 -13.44 -4.44 20.03
C ASP C 130 -12.08 -5.13 19.92
N VAL C 131 -11.02 -4.33 19.92
CA VAL C 131 -9.66 -4.85 19.82
C VAL C 131 -8.94 -4.81 21.16
N ARG C 132 -9.68 -4.62 22.26
CA ARG C 132 -9.04 -4.53 23.57
C ARG C 132 -8.20 -5.78 23.85
N TRP C 133 -8.72 -6.95 23.51
CA TRP C 133 -8.08 -8.22 23.80
C TRP C 133 -7.42 -8.85 22.57
N PHE C 134 -7.22 -8.07 21.51
CA PHE C 134 -6.64 -8.62 20.29
C PHE C 134 -5.25 -9.18 20.59
N PRO C 135 -4.90 -10.37 20.05
CA PRO C 135 -5.65 -11.22 19.12
C PRO C 135 -6.54 -12.26 19.79
N PHE C 136 -6.74 -12.22 21.11
CA PHE C 136 -7.58 -13.19 21.79
C PHE C 136 -9.00 -12.66 21.97
N ASP C 137 -9.62 -12.19 20.90
CA ASP C 137 -10.86 -11.45 21.01
C ASP C 137 -12.05 -12.24 20.48
N VAL C 138 -13.23 -11.90 21.00
CA VAL C 138 -14.50 -12.39 20.54
C VAL C 138 -15.32 -11.19 20.10
N GLN C 139 -15.89 -11.24 18.90
CA GLN C 139 -16.66 -10.15 18.34
C GLN C 139 -18.14 -10.51 18.32
N HIS C 140 -18.98 -9.51 18.55
CA HIS C 140 -20.44 -9.63 18.49
C HIS C 140 -20.93 -8.57 17.52
N CYS C 141 -21.14 -8.96 16.26
CA CYS C 141 -21.56 -8.03 15.23
C CYS C 141 -23.05 -8.22 14.94
N LYS C 142 -23.81 -7.14 15.00
CA LYS C 142 -25.25 -7.21 14.82
C LYS C 142 -25.64 -6.93 13.38
N LEU C 143 -26.68 -7.61 12.93
CA LEU C 143 -27.33 -7.36 11.64
C LEU C 143 -28.78 -7.07 11.95
N LYS C 144 -29.20 -5.81 11.77
CA LYS C 144 -30.54 -5.37 12.14
C LYS C 144 -31.38 -5.18 10.88
N PHE C 145 -32.40 -6.01 10.73
CA PHE C 145 -33.30 -5.97 9.58
C PHE C 145 -34.66 -5.47 10.00
N GLY C 146 -35.30 -4.71 9.13
CA GLY C 146 -36.66 -4.25 9.40
C GLY C 146 -37.27 -3.60 8.17
N SER C 147 -38.59 -3.62 8.14
CA SER C 147 -39.33 -2.90 7.12
C SER C 147 -39.08 -1.40 7.25
N TRP C 148 -38.75 -0.76 6.13
CA TRP C 148 -38.42 0.66 6.20
C TRP C 148 -39.65 1.55 6.33
N SER C 149 -40.69 1.29 5.56
CA SER C 149 -41.83 2.20 5.50
C SER C 149 -43.14 1.64 6.05
N TYR C 150 -43.15 0.41 6.55
CA TYR C 150 -44.35 -0.18 7.14
C TYR C 150 -44.12 -0.36 8.63
N GLY C 151 -44.94 0.29 9.45
CA GLY C 151 -44.84 0.15 10.88
C GLY C 151 -45.59 -1.06 11.39
N GLY C 152 -45.56 -1.22 12.71
CA GLY C 152 -46.15 -2.38 13.35
C GLY C 152 -47.64 -2.54 13.11
N TRP C 153 -48.34 -1.46 12.76
CA TRP C 153 -49.77 -1.56 12.51
C TRP C 153 -50.10 -2.17 11.16
N SER C 154 -49.17 -2.18 10.21
CA SER C 154 -49.40 -2.73 8.88
C SER C 154 -48.62 -4.00 8.61
N LEU C 155 -47.35 -4.05 8.96
CA LEU C 155 -46.51 -5.22 8.75
C LEU C 155 -46.10 -5.78 10.10
N ASP C 156 -46.49 -7.02 10.36
CA ASP C 156 -46.18 -7.70 11.62
C ASP C 156 -44.98 -8.62 11.39
N LEU C 157 -43.78 -8.06 11.57
CA LEU C 157 -42.56 -8.81 11.34
C LEU C 157 -42.36 -9.84 12.45
N GLN C 158 -42.11 -11.08 12.07
CA GLN C 158 -41.89 -12.18 13.01
C GLN C 158 -40.62 -12.90 12.65
N MET C 159 -39.91 -13.37 13.67
CA MET C 159 -38.57 -13.92 13.52
C MET C 159 -38.60 -15.45 13.55
N GLN C 160 -37.66 -16.04 12.83
CA GLN C 160 -37.38 -17.47 12.88
C GLN C 160 -35.88 -17.66 13.01
N GLU C 161 -35.48 -18.79 13.59
CA GLU C 161 -34.08 -19.03 13.88
C GLU C 161 -33.25 -19.05 12.60
N ALA C 162 -32.05 -18.48 12.68
CA ALA C 162 -31.15 -18.44 11.53
C ALA C 162 -30.65 -19.84 11.18
N ASP C 163 -30.45 -20.06 9.88
CA ASP C 163 -29.99 -21.31 9.33
C ASP C 163 -28.48 -21.24 9.13
N ILE C 164 -27.76 -22.24 9.62
CA ILE C 164 -26.30 -22.30 9.48
C ILE C 164 -25.88 -23.64 8.90
N SER C 165 -26.84 -24.45 8.46
CA SER C 165 -26.51 -25.77 7.94
C SER C 165 -25.60 -25.69 6.72
N GLY C 166 -25.64 -24.59 5.98
CA GLY C 166 -24.77 -24.37 4.85
C GLY C 166 -23.54 -23.55 5.12
N TYR C 167 -23.25 -23.24 6.39
CA TYR C 167 -22.13 -22.36 6.72
C TYR C 167 -20.80 -23.00 6.32
N ILE C 168 -19.98 -22.24 5.63
CA ILE C 168 -18.63 -22.65 5.25
C ILE C 168 -17.67 -22.08 6.29
N PRO C 169 -16.88 -22.91 6.97
CA PRO C 169 -15.99 -22.37 8.02
C PRO C 169 -14.97 -21.38 7.48
N ASN C 170 -14.69 -20.36 8.28
CA ASN C 170 -13.66 -19.38 8.00
C ASN C 170 -12.38 -19.79 8.73
N GLY C 171 -11.26 -19.75 8.02
CA GLY C 171 -10.01 -20.16 8.62
C GLY C 171 -9.51 -19.23 9.72
N GLU C 172 -10.01 -17.99 9.73
CA GLU C 172 -9.62 -17.03 10.74
C GLU C 172 -10.60 -16.93 11.89
N TRP C 173 -11.88 -17.13 11.65
CA TRP C 173 -12.92 -16.87 12.64
C TRP C 173 -13.72 -18.14 12.91
N ASP C 174 -13.90 -18.45 14.17
CA ASP C 174 -14.65 -19.61 14.63
C ASP C 174 -16.06 -19.15 14.99
N LEU C 175 -17.05 -19.54 14.18
CA LEU C 175 -18.42 -19.13 14.41
C LEU C 175 -18.93 -19.75 15.71
N VAL C 176 -19.24 -18.91 16.69
CA VAL C 176 -19.82 -19.36 17.95
C VAL C 176 -21.34 -19.50 17.85
N GLY C 177 -22.02 -18.52 17.27
CA GLY C 177 -23.45 -18.63 17.08
C GLY C 177 -24.01 -17.41 16.37
N ILE C 178 -25.30 -17.49 16.09
CA ILE C 178 -26.03 -16.39 15.47
C ILE C 178 -27.46 -16.37 16.02
N PRO C 179 -27.67 -16.00 17.28
CA PRO C 179 -29.03 -15.86 17.80
C PRO C 179 -29.70 -14.59 17.28
N GLY C 180 -31.02 -14.59 17.37
CA GLY C 180 -31.81 -13.48 16.90
C GLY C 180 -32.79 -13.01 17.97
N LYS C 181 -33.17 -11.74 17.86
CA LYS C 181 -34.12 -11.13 18.78
C LYS C 181 -35.04 -10.20 18.00
N ARG C 182 -36.33 -10.26 18.32
CA ARG C 182 -37.34 -9.41 17.71
C ARG C 182 -37.75 -8.33 18.70
N SER C 183 -37.56 -7.07 18.32
CA SER C 183 -37.93 -5.94 19.16
C SER C 183 -38.89 -5.02 18.41
N GLU C 184 -39.55 -4.14 19.17
CA GLU C 184 -40.43 -3.13 18.60
C GLU C 184 -40.03 -1.77 19.18
N ARG C 185 -39.56 -0.87 18.33
CA ARG C 185 -38.97 0.39 18.79
C ARG C 185 -39.71 1.60 18.20
N PHE C 186 -39.74 2.67 18.99
CA PHE C 186 -40.28 3.96 18.58
C PHE C 186 -39.15 4.87 18.09
N TYR C 187 -39.41 5.60 17.02
CA TYR C 187 -38.47 6.57 16.46
C TYR C 187 -39.09 7.96 16.46
N GLU C 188 -38.22 8.97 16.48
CA GLU C 188 -38.69 10.34 16.51
C GLU C 188 -39.48 10.73 15.26
N CYS C 189 -39.29 10.02 14.14
CA CYS C 189 -40.02 10.35 12.93
C CYS C 189 -41.52 10.18 13.11
N CYS C 190 -41.92 9.11 13.79
CA CYS C 190 -43.25 8.56 13.62
C CYS C 190 -43.82 8.10 14.95
N LYS C 191 -45.12 8.28 15.13
CA LYS C 191 -45.77 7.81 16.36
C LYS C 191 -45.91 6.30 16.36
N GLU C 192 -46.05 5.70 15.19
CA GLU C 192 -46.20 4.26 15.08
C GLU C 192 -44.87 3.58 15.41
N PRO C 193 -44.90 2.46 16.13
CA PRO C 193 -43.66 1.72 16.36
C PRO C 193 -43.27 0.88 15.15
N TYR C 194 -41.98 0.58 15.05
CA TYR C 194 -41.45 -0.23 13.97
C TYR C 194 -40.74 -1.43 14.56
N PRO C 195 -41.09 -2.66 14.16
CA PRO C 195 -40.37 -3.82 14.64
C PRO C 195 -39.15 -4.16 13.80
N ASP C 196 -38.15 -4.71 14.48
CA ASP C 196 -36.93 -5.17 13.83
C ASP C 196 -36.58 -6.56 14.32
N VAL C 197 -35.83 -7.28 13.49
CA VAL C 197 -35.25 -8.56 13.84
C VAL C 197 -33.74 -8.41 13.73
N THR C 198 -33.03 -8.65 14.83
CA THR C 198 -31.59 -8.46 14.88
C THR C 198 -30.91 -9.79 15.19
N PHE C 199 -29.97 -10.17 14.33
CA PHE C 199 -29.15 -11.37 14.51
C PHE C 199 -27.75 -10.92 14.91
N THR C 200 -27.21 -11.52 15.96
CA THR C 200 -25.88 -11.20 16.47
C THR C 200 -24.92 -12.32 16.11
N VAL C 201 -24.04 -12.07 15.16
CA VAL C 201 -22.99 -13.02 14.80
C VAL C 201 -21.89 -12.93 15.85
N THR C 202 -21.74 -13.99 16.65
CA THR C 202 -20.66 -14.08 17.62
C THR C 202 -19.56 -14.97 17.06
N MET C 203 -18.35 -14.44 16.96
CA MET C 203 -17.23 -15.12 16.35
C MET C 203 -16.00 -15.01 17.23
N ARG C 204 -15.25 -16.10 17.33
CA ARG C 204 -14.00 -16.14 18.06
C ARG C 204 -12.84 -16.14 17.08
N ARG C 205 -11.88 -15.25 17.28
CA ARG C 205 -10.68 -15.24 16.45
C ARG C 205 -9.80 -16.43 16.76
N ARG C 206 -9.22 -17.07 15.69
CA ARG C 206 -8.30 -18.18 15.85
C ARG C 206 -6.89 -17.61 15.93
N THR C 207 -6.16 -17.93 17.01
CA THR C 207 -4.94 -17.23 17.37
C THR C 207 -3.66 -17.88 16.87
N LEU C 208 -3.72 -19.04 16.21
CA LEU C 208 -2.50 -19.70 15.76
C LEU C 208 -1.68 -18.79 14.83
N TYR C 209 -2.36 -18.16 13.86
CA TYR C 209 -1.64 -17.33 12.89
C TYR C 209 -0.90 -16.19 13.57
N TYR C 210 -1.58 -15.47 14.46
CA TYR C 210 -0.94 -14.34 15.11
C TYR C 210 0.06 -14.79 16.17
N GLY C 211 -0.17 -15.93 16.79
CA GLY C 211 0.79 -16.44 17.75
C GLY C 211 2.14 -16.73 17.12
N LEU C 212 2.14 -17.44 15.99
CA LEU C 212 3.38 -17.79 15.31
C LEU C 212 3.97 -16.64 14.50
N ASN C 213 3.17 -15.65 14.12
CA ASN C 213 3.64 -14.58 13.25
C ASN C 213 3.81 -13.25 13.95
N LEU C 214 3.19 -13.04 15.10
CA LEU C 214 3.25 -11.76 15.79
C LEU C 214 3.77 -11.88 17.22
N LEU C 215 3.20 -12.78 18.02
CA LEU C 215 3.55 -12.85 19.43
C LEU C 215 4.91 -13.50 19.65
N ILE C 216 5.11 -14.71 19.11
CA ILE C 216 6.37 -15.42 19.33
C ILE C 216 7.55 -14.66 18.75
N PRO C 217 7.54 -14.26 17.47
CA PRO C 217 8.63 -13.39 16.96
C PRO C 217 9.06 -12.33 17.96
N CYS C 218 8.10 -11.55 18.45
CA CYS C 218 8.42 -10.47 19.38
C CYS C 218 9.10 -10.99 20.63
N VAL C 219 8.59 -12.09 21.19
CA VAL C 219 9.19 -12.64 22.41
C VAL C 219 10.66 -12.97 22.17
N LEU C 220 10.96 -13.64 21.06
CA LEU C 220 12.33 -14.05 20.79
C LEU C 220 13.25 -12.85 20.61
N ILE C 221 12.77 -11.82 19.90
CA ILE C 221 13.63 -10.67 19.62
C ILE C 221 13.87 -9.87 20.89
N SER C 222 12.91 -9.84 21.81
CA SER C 222 13.15 -9.20 23.10
C SER C 222 14.22 -9.95 23.88
N ALA C 223 14.19 -11.28 23.80
CA ALA C 223 15.20 -12.09 24.49
C ALA C 223 16.61 -11.74 24.02
N LEU C 224 16.78 -11.44 22.73
CA LEU C 224 18.10 -11.05 22.23
C LEU C 224 18.59 -9.77 22.88
N ALA C 225 17.67 -8.85 23.21
CA ALA C 225 18.07 -7.62 23.90
C ALA C 225 18.77 -7.94 25.21
N LEU C 226 18.20 -8.85 26.01
CA LEU C 226 18.84 -9.24 27.27
C LEU C 226 20.19 -9.88 27.05
N LEU C 227 20.46 -10.35 25.84
CA LEU C 227 21.76 -10.96 25.54
C LEU C 227 22.91 -9.97 25.70
N VAL C 228 22.60 -8.67 25.72
CA VAL C 228 23.64 -7.65 25.85
C VAL C 228 24.34 -7.77 27.20
N PHE C 229 23.59 -8.14 28.24
CA PHE C 229 24.16 -8.28 29.58
C PHE C 229 25.06 -9.50 29.72
N LEU C 230 25.34 -10.21 28.64
CA LEU C 230 26.31 -11.28 28.63
C LEU C 230 27.48 -10.98 27.70
N LEU C 231 27.37 -9.98 26.84
CA LEU C 231 28.41 -9.64 25.90
C LEU C 231 29.51 -8.86 26.61
N PRO C 232 30.77 -9.30 26.56
CA PRO C 232 31.84 -8.54 27.23
C PRO C 232 31.94 -7.14 26.67
N ALA C 233 32.34 -6.21 27.54
CA ALA C 233 32.45 -4.81 27.14
C ALA C 233 33.55 -4.57 26.13
N ASP C 234 34.64 -5.36 26.19
CA ASP C 234 35.75 -5.16 25.26
C ASP C 234 35.40 -5.56 23.84
N SER C 235 34.33 -6.33 23.63
CA SER C 235 33.87 -6.61 22.28
C SER C 235 33.56 -5.32 21.53
N GLY C 236 33.18 -4.26 22.25
CA GLY C 236 32.85 -3.00 21.62
C GLY C 236 31.63 -3.05 20.74
N GLU C 237 30.66 -3.92 21.08
CA GLU C 237 29.45 -4.08 20.26
C GLU C 237 28.18 -4.07 21.10
N LYS C 238 28.29 -3.70 22.39
CA LYS C 238 27.11 -3.70 23.26
C LYS C 238 26.03 -2.76 22.75
N ILE C 239 26.41 -1.56 22.32
CA ILE C 239 25.40 -0.58 21.91
C ILE C 239 24.79 -0.94 20.57
N SER C 240 25.53 -1.63 19.70
CA SER C 240 24.99 -1.95 18.38
C SER C 240 23.91 -3.03 18.50
N LEU C 241 24.14 -4.03 19.35
CA LEU C 241 23.13 -5.06 19.56
C LEU C 241 21.82 -4.46 20.07
N GLY C 242 21.90 -3.61 21.11
CA GLY C 242 20.68 -3.10 21.71
C GLY C 242 19.88 -2.20 20.79
N ILE C 243 20.53 -1.18 20.21
CA ILE C 243 19.82 -0.24 19.35
C ILE C 243 19.29 -0.92 18.10
N THR C 244 19.98 -1.96 17.63
CA THR C 244 19.50 -2.69 16.46
C THR C 244 18.18 -3.39 16.78
N VAL C 245 18.13 -4.06 17.94
CA VAL C 245 16.88 -4.67 18.37
C VAL C 245 15.79 -3.61 18.48
N LEU C 246 16.14 -2.44 19.00
CA LEU C 246 15.15 -1.37 19.17
C LEU C 246 14.60 -0.92 17.82
N LEU C 247 15.47 -0.73 16.83
CA LEU C 247 15.01 -0.31 15.51
C LEU C 247 14.08 -1.36 14.93
N SER C 248 14.45 -2.65 15.09
CA SER C 248 13.61 -3.73 14.59
C SER C 248 12.24 -3.71 15.25
N LEU C 249 12.16 -3.53 16.56
CA LEU C 249 10.88 -3.57 17.22
C LEU C 249 10.03 -2.35 16.86
N THR C 250 10.64 -1.23 16.49
CA THR C 250 9.84 -0.08 16.10
C THR C 250 9.11 -0.37 14.80
N VAL C 251 9.80 -0.94 13.82
CA VAL C 251 9.12 -1.38 12.61
C VAL C 251 8.00 -2.36 12.93
N PHE C 252 8.24 -3.30 13.84
CA PHE C 252 7.18 -4.24 14.22
C PHE C 252 5.95 -3.54 14.79
N MET C 253 6.11 -2.48 15.56
CA MET C 253 4.93 -1.80 16.05
C MET C 253 4.14 -1.21 14.89
N LEU C 254 4.82 -0.53 13.99
CA LEU C 254 4.18 0.00 12.80
C LEU C 254 3.58 -1.10 11.94
N LEU C 255 4.13 -2.30 11.95
CA LEU C 255 3.41 -3.34 11.22
C LEU C 255 2.05 -3.65 11.84
N VAL C 256 1.97 -3.72 13.17
CA VAL C 256 0.66 -3.90 13.80
C VAL C 256 -0.22 -2.68 13.61
N ALA C 257 0.39 -1.53 13.32
CA ALA C 257 -0.37 -0.29 13.15
C ALA C 257 -1.29 -0.38 11.93
N GLU C 258 -0.88 -1.11 10.90
CA GLU C 258 -1.66 -1.21 9.67
C GLU C 258 -2.93 -2.01 9.82
N ILE C 259 -3.12 -2.75 10.91
CA ILE C 259 -4.27 -3.64 11.06
C ILE C 259 -5.20 -3.21 12.18
N MET C 260 -4.79 -2.27 13.04
CA MET C 260 -5.62 -1.91 14.17
C MET C 260 -6.36 -0.61 13.90
N PRO C 261 -7.59 -0.46 14.37
CA PRO C 261 -8.27 0.83 14.24
C PRO C 261 -7.62 1.89 15.14
N ALA C 262 -7.80 3.14 14.75
CA ALA C 262 -7.25 4.28 15.50
C ALA C 262 -8.23 4.80 16.55
N THR C 263 -8.79 3.91 17.36
CA THR C 263 -9.77 4.28 18.38
C THR C 263 -9.10 4.46 19.74
N SER C 264 -9.83 5.10 20.65
CA SER C 264 -9.33 5.44 21.97
C SER C 264 -10.21 4.88 23.08
N ASP C 265 -11.03 3.87 22.78
CA ASP C 265 -11.86 3.27 23.82
C ASP C 265 -11.03 2.54 24.86
N SER C 266 -9.88 1.99 24.46
CA SER C 266 -9.02 1.26 25.38
C SER C 266 -7.66 1.06 24.71
N VAL C 267 -6.65 0.86 25.54
CA VAL C 267 -5.34 0.46 25.03
C VAL C 267 -5.38 -1.03 24.78
N PRO C 268 -5.16 -1.50 23.54
CA PRO C 268 -5.27 -2.94 23.28
C PRO C 268 -4.22 -3.75 24.00
N LEU C 269 -4.49 -5.04 24.12
CA LEU C 269 -3.55 -5.97 24.75
C LEU C 269 -2.23 -5.99 23.99
N ILE C 270 -2.31 -6.01 22.64
CA ILE C 270 -1.10 -6.07 21.83
C ILE C 270 -0.29 -4.78 21.98
N ALA C 271 -0.97 -3.64 22.11
CA ALA C 271 -0.26 -2.38 22.34
C ALA C 271 0.50 -2.42 23.67
N GLN C 272 -0.14 -2.95 24.72
CA GLN C 272 0.54 -3.04 26.01
C GLN C 272 1.77 -3.93 25.92
N TYR C 273 1.65 -5.07 25.24
CA TYR C 273 2.77 -5.98 25.13
C TYR C 273 3.94 -5.32 24.42
N PHE C 274 3.67 -4.63 23.30
CA PHE C 274 4.74 -3.92 22.60
C PHE C 274 5.30 -2.78 23.44
N ALA C 275 4.42 -2.02 24.09
CA ALA C 275 4.90 -0.99 25.01
C ALA C 275 5.88 -1.59 26.02
N SER C 276 5.40 -2.53 26.85
CA SER C 276 6.24 -3.11 27.88
C SER C 276 7.58 -3.57 27.31
N THR C 277 7.55 -4.26 26.18
CA THR C 277 8.78 -4.78 25.59
C THR C 277 9.71 -3.64 25.19
N MET C 278 9.15 -2.58 24.60
CA MET C 278 9.98 -1.48 24.10
C MET C 278 10.72 -0.75 25.22
N ILE C 279 10.05 -0.46 26.33
CA ILE C 279 10.73 0.17 27.45
C ILE C 279 11.79 -0.76 28.03
N ILE C 280 11.54 -2.07 28.04
CA ILE C 280 12.54 -2.99 28.55
C ILE C 280 13.79 -2.96 27.69
N VAL C 281 13.62 -3.01 26.36
CA VAL C 281 14.78 -2.92 25.48
C VAL C 281 15.43 -1.55 25.58
N GLY C 282 14.63 -0.49 25.64
CA GLY C 282 15.20 0.84 25.79
C GLY C 282 15.92 1.02 27.10
N LEU C 283 15.36 0.49 28.18
CA LEU C 283 16.02 0.57 29.48
C LEU C 283 17.33 -0.22 29.50
N SER C 284 17.39 -1.34 28.78
CA SER C 284 18.64 -2.09 28.70
C SER C 284 19.74 -1.27 28.02
N VAL C 285 19.37 -0.44 27.04
CA VAL C 285 20.35 0.45 26.42
C VAL C 285 20.88 1.44 27.44
N VAL C 286 19.99 1.99 28.26
CA VAL C 286 20.41 2.92 29.32
C VAL C 286 21.40 2.24 30.25
N VAL C 287 21.07 1.03 30.69
CA VAL C 287 21.96 0.28 31.59
C VAL C 287 23.29 0.00 30.92
N THR C 288 23.28 -0.29 29.62
CA THR C 288 24.53 -0.56 28.92
C THR C 288 25.46 0.64 28.98
N VAL C 289 24.91 1.84 28.83
CA VAL C 289 25.72 3.05 28.93
C VAL C 289 26.36 3.16 30.31
N ILE C 290 25.58 2.85 31.35
CA ILE C 290 26.13 2.87 32.71
C ILE C 290 27.25 1.85 32.84
N VAL C 291 27.03 0.64 32.34
CA VAL C 291 28.04 -0.41 32.45
C VAL C 291 29.31 0.00 31.72
N LEU C 292 29.17 0.55 30.51
CA LEU C 292 30.34 0.99 29.75
C LEU C 292 31.04 2.14 30.45
N GLN C 293 30.27 3.03 31.08
CA GLN C 293 30.86 4.16 31.79
C GLN C 293 31.78 3.70 32.91
N TYR C 294 31.42 2.62 33.61
CA TYR C 294 32.34 2.03 34.59
C TYR C 294 33.53 1.37 33.92
N HIS C 295 33.27 0.55 32.90
CA HIS C 295 34.34 -0.24 32.31
C HIS C 295 35.43 0.66 31.72
N HIS C 296 35.07 1.87 31.31
CA HIS C 296 36.01 2.82 30.70
C HIS C 296 36.34 3.97 31.64
N HIS C 297 36.18 3.76 32.95
CA HIS C 297 36.43 4.83 33.91
C HIS C 297 37.92 5.14 33.96
N ASP C 298 38.24 6.43 33.92
CA ASP C 298 39.64 6.86 33.99
C ASP C 298 40.20 6.56 35.38
N PRO C 299 41.34 5.88 35.49
CA PRO C 299 41.87 5.55 36.83
C PRO C 299 42.33 6.77 37.60
N ASP C 300 42.55 7.90 36.95
CA ASP C 300 43.03 9.12 37.61
C ASP C 300 41.92 10.13 37.80
N GLY C 301 40.66 9.75 37.60
CA GLY C 301 39.54 10.64 37.81
C GLY C 301 39.08 10.60 39.25
N GLY C 302 37.77 10.60 39.46
CA GLY C 302 37.24 10.51 40.81
C GLY C 302 37.64 9.20 41.46
N LYS C 303 37.25 9.01 42.71
CA LYS C 303 37.52 7.76 43.43
C LYS C 303 36.21 7.03 43.67
N MET C 304 36.24 5.72 43.47
CA MET C 304 35.06 4.86 43.63
C MET C 304 34.42 5.12 44.99
N PRO C 305 33.20 5.65 45.02
CA PRO C 305 32.54 5.89 46.31
C PRO C 305 32.47 4.65 47.18
N LYS C 306 32.44 4.87 48.50
CA LYS C 306 32.26 3.76 49.44
C LYS C 306 30.93 3.05 49.20
N TRP C 307 29.87 3.80 48.90
CA TRP C 307 28.58 3.16 48.67
C TRP C 307 28.66 2.20 47.50
N THR C 308 29.42 2.55 46.46
CA THR C 308 29.64 1.65 45.35
C THR C 308 30.52 0.48 45.78
N ARG C 309 31.62 0.76 46.46
CA ARG C 309 32.56 -0.27 46.87
C ARG C 309 31.90 -1.36 47.70
N VAL C 310 30.85 -1.03 48.45
CA VAL C 310 30.23 -1.99 49.35
C VAL C 310 29.08 -2.72 48.69
N ILE C 311 28.14 -1.98 48.09
CA ILE C 311 26.96 -2.61 47.49
C ILE C 311 27.37 -3.61 46.42
N LEU C 312 28.38 -3.27 45.61
CA LEU C 312 28.74 -4.06 44.44
C LEU C 312 29.85 -5.07 44.73
N LEU C 313 31.03 -4.59 45.15
CA LEU C 313 32.16 -5.51 45.28
C LEU C 313 31.99 -6.51 46.41
N ASN C 314 31.09 -6.27 47.36
CA ASN C 314 30.90 -7.19 48.48
C ASN C 314 29.54 -7.87 48.44
N TRP C 315 28.44 -7.13 48.60
CA TRP C 315 27.13 -7.74 48.67
C TRP C 315 26.74 -8.41 47.36
N CYS C 316 26.50 -7.60 46.33
CA CYS C 316 26.08 -8.15 45.04
C CYS C 316 27.06 -9.19 44.52
N ALA C 317 28.37 -8.95 44.73
CA ALA C 317 29.37 -9.86 44.20
C ALA C 317 29.33 -11.20 44.92
N TRP C 318 29.08 -11.19 46.22
CA TRP C 318 28.94 -12.45 46.96
C TRP C 318 27.66 -13.17 46.58
N PHE C 319 26.54 -12.45 46.54
CA PHE C 319 25.26 -13.07 46.22
C PHE C 319 25.31 -13.77 44.88
N LEU C 320 25.99 -13.19 43.90
CA LEU C 320 26.03 -13.74 42.55
C LEU C 320 27.17 -14.72 42.34
N ARG C 321 27.93 -15.05 43.39
CA ARG C 321 29.04 -15.99 43.29
C ARG C 321 29.97 -15.63 42.13
N MET C 322 30.61 -14.48 42.27
CA MET C 322 31.45 -13.92 41.22
C MET C 322 32.91 -13.80 41.63
N LYS C 323 33.18 -13.12 42.74
CA LYS C 323 34.55 -12.89 43.20
C LYS C 323 35.33 -12.10 42.16
N PRO C 479 81.33 6.63 40.55
CA PRO C 479 80.50 7.82 40.39
C PRO C 479 79.39 7.62 39.36
N ASP C 480 79.69 6.85 38.30
CA ASP C 480 78.69 6.56 37.28
C ASP C 480 77.75 5.44 37.70
N LEU C 481 78.16 4.61 38.66
CA LEU C 481 77.28 3.57 39.16
C LEU C 481 76.07 4.17 39.86
N ALA C 482 76.27 5.26 40.59
CA ALA C 482 75.15 5.91 41.28
C ALA C 482 74.19 6.54 40.28
N LYS C 483 74.72 7.16 39.22
CA LYS C 483 73.86 7.74 38.20
C LYS C 483 73.02 6.67 37.52
N ILE C 484 73.60 5.48 37.30
CA ILE C 484 72.84 4.41 36.68
C ILE C 484 71.71 3.97 37.60
N LEU C 485 71.95 3.96 38.92
CA LEU C 485 70.92 3.53 39.85
C LEU C 485 69.70 4.44 39.81
N GLU C 486 69.91 5.73 39.56
CA GLU C 486 68.80 6.67 39.53
C GLU C 486 67.96 6.49 38.27
N GLU C 487 68.59 6.15 37.15
CA GLU C 487 67.83 5.92 35.92
C GLU C 487 67.04 4.62 36.01
N VAL C 488 67.68 3.53 36.43
CA VAL C 488 66.98 2.26 36.53
C VAL C 488 65.89 2.33 37.60
N ARG C 489 66.15 3.07 38.67
CA ARG C 489 65.14 3.22 39.72
C ARG C 489 63.93 4.00 39.21
N TYR C 490 64.16 5.02 38.38
CA TYR C 490 63.04 5.71 37.75
C TYR C 490 62.23 4.77 36.86
N ILE C 491 62.93 3.94 36.08
CA ILE C 491 62.23 2.99 35.21
C ILE C 491 61.39 2.03 36.04
N ALA C 492 61.99 1.47 37.09
CA ALA C 492 61.26 0.52 37.92
C ALA C 492 60.09 1.20 38.64
N ASN C 493 60.32 2.42 39.14
CA ASN C 493 59.24 3.15 39.81
C ASN C 493 58.11 3.47 38.84
N ARG C 494 58.44 3.82 37.60
CA ARG C 494 57.41 4.09 36.61
C ARG C 494 56.56 2.86 36.37
N PHE C 495 57.20 1.69 36.29
CA PHE C 495 56.45 0.45 36.09
C PHE C 495 55.50 0.19 37.26
N ARG C 496 55.96 0.47 38.48
CA ARG C 496 55.12 0.28 39.66
C ARG C 496 53.89 1.18 39.65
N CYS C 497 54.05 2.44 39.24
CA CYS C 497 52.93 3.36 39.22
C CYS C 497 51.83 2.91 38.26
N GLN C 498 52.18 2.51 37.05
CA GLN C 498 51.16 1.99 36.14
C GLN C 498 50.51 0.73 36.71
N ASP C 499 51.29 -0.12 37.38
CA ASP C 499 50.73 -1.36 37.92
C ASP C 499 49.62 -1.06 38.90
N GLU C 500 49.85 -0.12 39.83
CA GLU C 500 48.80 0.22 40.79
C GLU C 500 47.64 0.88 40.06
N SER C 501 47.93 1.69 39.05
CA SER C 501 46.87 2.34 38.28
C SER C 501 45.97 1.31 37.62
N GLU C 502 46.56 0.30 36.97
CA GLU C 502 45.75 -0.70 36.29
C GLU C 502 44.98 -1.56 37.28
N ALA C 503 45.50 -1.71 38.51
CA ALA C 503 44.75 -2.40 39.55
C ALA C 503 43.45 -1.66 39.86
N VAL C 504 43.52 -0.33 39.93
CA VAL C 504 42.31 0.47 40.12
C VAL C 504 41.35 0.25 38.96
N CYS C 505 41.87 0.22 37.74
CA CYS C 505 41.03 -0.04 36.58
C CYS C 505 40.35 -1.40 36.66
N SER C 506 41.05 -2.40 37.22
CA SER C 506 40.44 -3.73 37.34
C SER C 506 39.21 -3.70 38.24
N GLU C 507 39.27 -2.95 39.34
CA GLU C 507 38.11 -2.83 40.21
C GLU C 507 36.93 -2.22 39.46
N TRP C 508 37.17 -1.16 38.70
CA TRP C 508 36.10 -0.52 37.95
C TRP C 508 35.54 -1.47 36.90
N LYS C 509 36.42 -2.21 36.24
CA LYS C 509 35.95 -3.19 35.25
C LYS C 509 35.13 -4.29 35.92
N PHE C 510 35.57 -4.73 37.11
CA PHE C 510 34.81 -5.75 37.83
C PHE C 510 33.45 -5.22 38.28
N ALA C 511 33.40 -3.96 38.72
CA ALA C 511 32.13 -3.36 39.07
C ALA C 511 31.17 -3.38 37.89
N ALA C 512 31.66 -3.06 36.69
CA ALA C 512 30.83 -3.13 35.51
C ALA C 512 30.30 -4.53 35.28
N CYS C 513 31.16 -5.54 35.45
CA CYS C 513 30.74 -6.92 35.28
C CYS C 513 29.66 -7.28 36.29
N VAL C 514 29.80 -6.84 37.53
CA VAL C 514 28.80 -7.15 38.55
C VAL C 514 27.47 -6.48 38.21
N VAL C 515 27.51 -5.20 37.85
CA VAL C 515 26.29 -4.50 37.45
C VAL C 515 25.66 -5.20 36.25
N ASP C 516 26.49 -5.65 35.31
CA ASP C 516 25.96 -6.33 34.13
C ASP C 516 25.27 -7.64 34.52
N ARG C 517 25.89 -8.42 35.40
CA ARG C 517 25.26 -9.65 35.89
C ARG C 517 23.99 -9.36 36.67
N LEU C 518 24.03 -8.32 37.51
CA LEU C 518 22.86 -7.98 38.32
C LEU C 518 21.66 -7.64 37.43
N CYS C 519 21.86 -6.76 36.46
CA CYS C 519 20.76 -6.35 35.59
C CYS C 519 20.28 -7.49 34.70
N LEU C 520 21.17 -8.41 34.32
CA LEU C 520 20.75 -9.59 33.58
C LEU C 520 19.65 -10.34 34.32
N MET C 521 19.88 -10.65 35.60
CA MET C 521 18.87 -11.34 36.39
C MET C 521 17.61 -10.49 36.52
N ALA C 522 17.75 -9.20 36.81
CA ALA C 522 16.58 -8.35 37.00
C ALA C 522 15.77 -8.24 35.72
N PHE C 523 16.43 -8.02 34.59
CA PHE C 523 15.70 -7.85 33.34
C PHE C 523 15.05 -9.15 32.88
N SER C 524 15.71 -10.28 33.11
CA SER C 524 15.12 -11.57 32.77
C SER C 524 13.82 -11.80 33.54
N VAL C 525 13.84 -11.55 34.85
CA VAL C 525 12.64 -11.70 35.66
C VAL C 525 11.54 -10.79 35.13
N PHE C 526 11.87 -9.51 34.93
CA PHE C 526 10.88 -8.54 34.51
C PHE C 526 10.28 -8.88 33.15
N THR C 527 11.12 -9.35 32.22
CA THR C 527 10.61 -9.71 30.90
C THR C 527 9.61 -10.86 30.99
N ILE C 528 9.92 -11.88 31.78
CA ILE C 528 9.01 -13.02 31.93
C ILE C 528 7.69 -12.57 32.57
N ILE C 529 7.78 -11.79 33.65
CA ILE C 529 6.56 -11.41 34.37
C ILE C 529 5.67 -10.55 33.49
N CYS C 530 6.25 -9.55 32.82
CA CYS C 530 5.45 -8.68 31.96
C CYS C 530 4.80 -9.46 30.83
N THR C 531 5.57 -10.35 30.19
CA THR C 531 5.01 -11.14 29.09
C THR C 531 3.87 -12.02 29.59
N ILE C 532 4.11 -12.82 30.62
CA ILE C 532 3.08 -13.72 31.12
C ILE C 532 1.88 -12.94 31.62
N GLY C 533 2.13 -11.87 32.39
CA GLY C 533 1.02 -11.10 32.94
C GLY C 533 0.11 -10.53 31.87
N ILE C 534 0.69 -9.95 30.81
CA ILE C 534 -0.10 -9.31 29.78
C ILE C 534 -0.92 -10.34 29.00
N LEU C 535 -0.27 -11.43 28.54
CA LEU C 535 -0.98 -12.41 27.75
C LEU C 535 -2.11 -13.07 28.54
N MET C 536 -1.88 -13.40 29.81
CA MET C 536 -2.89 -14.11 30.57
C MET C 536 -3.96 -13.19 31.15
N SER C 537 -3.86 -11.89 30.92
CA SER C 537 -4.94 -10.99 31.32
C SER C 537 -6.19 -11.21 30.49
N ALA C 538 -6.03 -11.69 29.27
CA ALA C 538 -7.16 -11.85 28.36
C ALA C 538 -8.10 -12.94 28.89
N PRO C 539 -9.42 -12.69 28.94
CA PRO C 539 -10.34 -13.74 29.39
C PRO C 539 -10.28 -15.01 28.55
N ASN C 540 -10.01 -14.89 27.25
CA ASN C 540 -10.06 -16.02 26.33
C ASN C 540 -8.70 -16.65 26.07
N PHE C 541 -7.68 -16.27 26.84
CA PHE C 541 -6.33 -16.77 26.55
C PHE C 541 -6.25 -18.29 26.74
N VAL C 542 -6.81 -18.79 27.84
CA VAL C 542 -6.74 -20.22 28.11
C VAL C 542 -7.49 -21.00 27.02
N GLU C 543 -8.67 -20.50 26.63
CA GLU C 543 -9.43 -21.16 25.58
C GLU C 543 -8.66 -21.18 24.27
N ALA C 544 -8.03 -20.06 23.92
CA ALA C 544 -7.30 -20.00 22.65
C ALA C 544 -6.17 -21.02 22.60
N VAL C 545 -5.41 -21.15 23.70
CA VAL C 545 -4.32 -22.12 23.73
C VAL C 545 -4.86 -23.53 23.55
N SER C 546 -5.94 -23.86 24.25
CA SER C 546 -6.48 -25.21 24.19
C SER C 546 -6.97 -25.55 22.79
N LYS C 547 -7.66 -24.61 22.13
CA LYS C 547 -8.30 -24.91 20.86
C LYS C 547 -7.35 -24.78 19.68
N ASP C 548 -6.44 -23.81 19.73
CA ASP C 548 -5.60 -23.50 18.57
C ASP C 548 -4.21 -24.08 18.64
N PHE C 549 -3.64 -24.21 19.84
CA PHE C 549 -2.31 -24.79 20.00
C PHE C 549 -2.40 -26.20 20.58
N GLU D 1 -60.10 -4.52 -0.34
CA GLU D 1 -61.01 -3.96 -1.38
C GLU D 1 -60.94 -2.43 -1.35
N PHE D 2 -60.86 -1.87 -0.15
CA PHE D 2 -60.79 -0.41 -0.03
C PHE D 2 -59.39 0.09 -0.35
N GLN D 3 -58.36 -0.67 0.02
CA GLN D 3 -57.00 -0.28 -0.34
C GLN D 3 -56.82 -0.30 -1.85
N ARG D 4 -57.36 -1.33 -2.51
CA ARG D 4 -57.32 -1.40 -3.96
C ARG D 4 -58.09 -0.25 -4.59
N LYS D 5 -59.29 0.02 -4.06
CA LYS D 5 -60.11 1.12 -4.57
C LYS D 5 -59.41 2.47 -4.42
N LEU D 6 -58.80 2.72 -3.26
CA LEU D 6 -58.15 4.00 -3.01
C LEU D 6 -56.94 4.21 -3.91
N TYR D 7 -56.12 3.18 -4.13
CA TYR D 7 -54.97 3.31 -5.01
C TYR D 7 -55.40 3.61 -6.44
N LYS D 8 -56.51 3.01 -6.89
CA LYS D 8 -57.03 3.30 -8.20
C LYS D 8 -57.52 4.75 -8.30
N GLU D 9 -58.12 5.26 -7.23
CA GLU D 9 -58.71 6.59 -7.26
C GLU D 9 -57.64 7.67 -7.20
N LEU D 10 -56.57 7.45 -6.43
CA LEU D 10 -55.61 8.52 -6.20
C LEU D 10 -54.74 8.80 -7.42
N VAL D 11 -54.52 7.80 -8.26
CA VAL D 11 -53.61 7.99 -9.40
C VAL D 11 -54.37 8.42 -10.64
N LYS D 12 -55.67 8.67 -10.51
CA LYS D 12 -56.47 9.15 -11.63
C LYS D 12 -56.10 10.61 -11.92
N ASN D 13 -55.43 10.84 -13.05
CA ASN D 13 -54.98 12.15 -13.51
C ASN D 13 -53.80 12.70 -12.72
N TYR D 14 -53.18 11.91 -11.85
CA TYR D 14 -52.01 12.39 -11.13
C TYR D 14 -50.84 12.54 -12.09
N ASN D 15 -50.12 13.64 -11.96
CA ASN D 15 -48.95 13.93 -12.79
C ASN D 15 -47.73 14.16 -11.91
N PRO D 16 -46.82 13.19 -11.80
CA PRO D 16 -45.64 13.37 -10.94
C PRO D 16 -44.81 14.60 -11.30
N LEU D 17 -44.94 15.15 -12.50
CA LEU D 17 -44.21 16.36 -12.85
C LEU D 17 -44.70 17.58 -12.08
N GLU D 18 -45.94 17.54 -11.58
CA GLU D 18 -46.60 18.72 -11.06
C GLU D 18 -46.33 18.90 -9.57
N ARG D 19 -45.82 20.06 -9.20
CA ARG D 19 -45.67 20.44 -7.81
C ARG D 19 -47.04 20.44 -7.15
N PRO D 20 -47.25 19.68 -6.06
CA PRO D 20 -48.63 19.45 -5.57
C PRO D 20 -49.16 20.53 -4.64
N VAL D 21 -49.46 21.69 -5.21
CA VAL D 21 -50.07 22.77 -4.46
C VAL D 21 -51.44 23.05 -5.05
N ALA D 22 -52.28 23.72 -4.27
CA ALA D 22 -53.60 24.07 -4.74
C ALA D 22 -53.54 25.36 -5.54
N ASN D 23 -52.83 26.36 -5.02
CA ASN D 23 -52.63 27.64 -5.66
C ASN D 23 -51.25 27.65 -6.28
N ASP D 24 -51.18 27.69 -7.61
CA ASP D 24 -49.90 27.60 -8.32
C ASP D 24 -49.00 28.79 -8.03
N SER D 25 -49.53 29.89 -7.51
CA SER D 25 -48.72 31.08 -7.30
C SER D 25 -47.94 31.06 -6.00
N GLN D 26 -48.25 30.16 -5.09
CA GLN D 26 -47.59 30.16 -3.80
C GLN D 26 -46.57 29.03 -3.71
N PRO D 27 -45.51 29.20 -2.92
CA PRO D 27 -44.51 28.14 -2.80
C PRO D 27 -44.96 27.01 -1.88
N LEU D 28 -44.45 25.82 -2.16
CA LEU D 28 -44.71 24.65 -1.34
C LEU D 28 -43.69 24.56 -0.23
N THR D 29 -44.17 24.44 1.00
CA THR D 29 -43.28 24.34 2.16
C THR D 29 -42.79 22.90 2.31
N VAL D 30 -41.49 22.73 2.32
CA VAL D 30 -40.85 21.44 2.54
C VAL D 30 -40.02 21.55 3.80
N TYR D 31 -40.29 20.68 4.77
CA TYR D 31 -39.51 20.62 5.99
C TYR D 31 -38.39 19.61 5.82
N PHE D 32 -37.17 20.04 6.04
CA PHE D 32 -36.00 19.20 5.85
C PHE D 32 -35.25 19.06 7.17
N SER D 33 -34.79 17.85 7.43
CA SER D 33 -33.95 17.56 8.58
C SER D 33 -33.16 16.30 8.27
N LEU D 34 -32.34 15.88 9.22
CA LEU D 34 -31.60 14.63 9.06
C LEU D 34 -31.46 13.96 10.41
N SER D 35 -31.18 12.65 10.36
CA SER D 35 -30.90 11.83 11.53
C SER D 35 -29.54 11.20 11.32
N LEU D 36 -28.57 11.57 12.16
CA LEU D 36 -27.20 11.10 12.04
C LEU D 36 -27.04 9.79 12.81
N LEU D 37 -26.76 8.70 12.09
CA LEU D 37 -26.58 7.41 12.72
C LEU D 37 -25.12 7.13 13.06
N GLN D 38 -24.19 7.46 12.15
CA GLN D 38 -22.80 7.09 12.34
C GLN D 38 -21.90 8.03 11.56
N ILE D 39 -20.75 8.36 12.16
CA ILE D 39 -19.61 8.92 11.43
C ILE D 39 -18.74 7.74 11.01
N MET D 40 -18.73 7.43 9.73
CA MET D 40 -18.03 6.24 9.26
C MET D 40 -16.55 6.47 8.99
N ASP D 41 -16.18 7.64 8.46
CA ASP D 41 -14.78 7.87 8.14
C ASP D 41 -14.50 9.36 8.07
N VAL D 42 -13.31 9.74 8.52
CA VAL D 42 -12.79 11.09 8.36
C VAL D 42 -11.46 10.91 7.65
N ASP D 43 -11.47 11.10 6.33
CA ASP D 43 -10.27 10.93 5.51
C ASP D 43 -9.58 12.28 5.40
N GLU D 44 -8.53 12.49 6.19
CA GLU D 44 -7.81 13.76 6.18
C GLU D 44 -6.98 13.95 4.92
N LYS D 45 -6.44 12.89 4.35
CA LYS D 45 -5.63 13.03 3.15
C LYS D 45 -6.46 13.43 1.93
N ASN D 46 -7.62 12.80 1.73
CA ASN D 46 -8.50 13.19 0.64
C ASN D 46 -9.50 14.28 1.03
N GLN D 47 -9.62 14.59 2.29
CA GLN D 47 -10.49 15.65 2.77
C GLN D 47 -11.96 15.31 2.51
N VAL D 48 -12.38 14.14 2.98
CA VAL D 48 -13.72 13.63 2.73
C VAL D 48 -14.28 13.06 4.02
N LEU D 49 -15.56 13.32 4.28
CA LEU D 49 -16.27 12.78 5.42
C LEU D 49 -17.32 11.78 4.94
N THR D 50 -17.32 10.59 5.53
CA THR D 50 -18.29 9.55 5.22
C THR D 50 -19.20 9.32 6.42
N THR D 51 -20.51 9.40 6.19
CA THR D 51 -21.49 9.29 7.26
C THR D 51 -22.65 8.40 6.82
N ASN D 52 -23.32 7.82 7.81
CA ASN D 52 -24.58 7.12 7.60
C ASN D 52 -25.69 8.01 8.15
N ILE D 53 -26.53 8.52 7.27
CA ILE D 53 -27.57 9.47 7.62
C ILE D 53 -28.91 9.02 7.06
N TRP D 54 -29.99 9.43 7.72
CA TRP D 54 -31.35 9.29 7.22
C TRP D 54 -31.89 10.70 7.00
N LEU D 55 -32.06 11.07 5.73
CA LEU D 55 -32.69 12.35 5.43
C LEU D 55 -34.15 12.31 5.83
N GLN D 56 -34.70 13.48 6.14
CA GLN D 56 -36.11 13.61 6.51
C GLN D 56 -36.72 14.76 5.74
N MET D 57 -37.68 14.45 4.89
CA MET D 57 -38.40 15.47 4.19
C MET D 57 -39.89 15.27 4.45
N SER D 58 -40.64 16.32 4.60
CA SER D 58 -42.08 16.24 4.80
C SER D 58 -42.74 17.45 4.17
N TRP D 59 -43.86 17.22 3.51
CA TRP D 59 -44.61 18.27 2.83
C TRP D 59 -46.06 17.82 2.74
N THR D 60 -46.87 18.62 2.06
CA THR D 60 -48.28 18.35 1.88
C THR D 60 -48.58 18.21 0.39
N ASP D 61 -49.20 17.10 0.01
CA ASP D 61 -49.63 16.85 -1.34
C ASP D 61 -51.12 17.14 -1.43
N HIS D 62 -51.49 18.14 -2.22
CA HIS D 62 -52.87 18.59 -2.26
C HIS D 62 -53.81 17.54 -2.85
N TYR D 63 -53.28 16.65 -3.70
CA TYR D 63 -54.12 15.70 -4.41
C TYR D 63 -54.28 14.37 -3.71
N LEU D 64 -53.36 14.03 -2.81
CA LEU D 64 -53.37 12.72 -2.17
C LEU D 64 -54.05 12.79 -0.80
N GLN D 65 -55.33 13.15 -0.82
CA GLN D 65 -56.17 13.15 0.36
C GLN D 65 -57.39 12.28 0.10
N TRP D 66 -57.97 11.75 1.18
CA TRP D 66 -59.18 10.97 1.06
C TRP D 66 -59.94 11.03 2.38
N ASN D 67 -61.17 10.54 2.36
CA ASN D 67 -62.02 10.49 3.54
C ASN D 67 -61.97 9.09 4.12
N VAL D 68 -61.39 8.95 5.31
CA VAL D 68 -61.17 7.63 5.89
C VAL D 68 -62.47 6.91 6.19
N SER D 69 -63.59 7.62 6.24
CA SER D 69 -64.87 6.95 6.42
C SER D 69 -65.24 6.15 5.18
N GLU D 70 -64.93 6.67 4.00
CA GLU D 70 -65.20 5.97 2.76
C GLU D 70 -64.21 4.84 2.48
N TYR D 71 -63.12 4.75 3.25
CA TYR D 71 -62.13 3.68 3.10
C TYR D 71 -61.75 3.19 4.49
N PRO D 72 -62.66 2.49 5.17
CA PRO D 72 -62.38 2.10 6.55
C PRO D 72 -61.10 1.28 6.67
N GLY D 73 -60.24 1.68 7.61
CA GLY D 73 -59.00 0.98 7.87
C GLY D 73 -57.81 1.43 7.05
N VAL D 74 -58.00 2.23 6.01
CA VAL D 74 -56.91 2.66 5.14
C VAL D 74 -56.51 4.06 5.60
N LYS D 75 -55.59 4.12 6.55
CA LYS D 75 -55.10 5.39 7.05
C LYS D 75 -53.91 5.93 6.27
N THR D 76 -53.17 5.07 5.57
CA THR D 76 -51.97 5.52 4.86
C THR D 76 -51.81 4.73 3.58
N VAL D 77 -51.06 5.31 2.64
CA VAL D 77 -50.66 4.66 1.41
C VAL D 77 -49.17 4.91 1.22
N ARG D 78 -48.59 4.23 0.23
CA ARG D 78 -47.17 4.37 -0.01
C ARG D 78 -46.94 4.42 -1.51
N PHE D 79 -45.95 5.21 -1.93
CA PHE D 79 -45.63 5.29 -3.34
C PHE D 79 -44.12 5.23 -3.54
N PRO D 80 -43.66 4.47 -4.52
CA PRO D 80 -42.22 4.41 -4.81
C PRO D 80 -41.80 5.56 -5.73
N ASP D 81 -40.51 5.55 -6.08
CA ASP D 81 -39.93 6.60 -6.90
C ASP D 81 -40.56 6.64 -8.29
N GLY D 82 -41.03 7.81 -8.68
CA GLY D 82 -41.55 8.06 -10.02
C GLY D 82 -43.06 8.11 -10.12
N GLN D 83 -43.78 7.59 -9.13
CA GLN D 83 -45.23 7.62 -9.15
C GLN D 83 -45.82 8.76 -8.34
N ILE D 84 -44.97 9.62 -7.78
CA ILE D 84 -45.38 10.68 -6.86
C ILE D 84 -44.40 11.83 -7.00
N TRP D 85 -44.89 13.05 -6.78
CA TRP D 85 -44.00 14.20 -6.78
C TRP D 85 -43.16 14.21 -5.51
N LYS D 86 -41.87 14.45 -5.68
CA LYS D 86 -40.92 14.55 -4.58
C LYS D 86 -40.05 15.77 -4.74
N PRO D 87 -39.61 16.38 -3.64
CA PRO D 87 -38.58 17.42 -3.75
C PRO D 87 -37.24 16.83 -4.17
N ASP D 88 -36.53 17.57 -5.02
CA ASP D 88 -35.26 17.12 -5.58
C ASP D 88 -34.08 17.69 -4.80
N ILE D 89 -34.00 17.33 -3.54
CA ILE D 89 -33.00 17.86 -2.63
C ILE D 89 -31.73 17.01 -2.73
N LEU D 90 -30.61 17.65 -3.02
CA LEU D 90 -29.32 16.98 -3.12
C LEU D 90 -28.34 17.57 -2.13
N LEU D 91 -27.29 16.82 -1.84
CA LEU D 91 -26.17 17.31 -1.05
C LEU D 91 -25.22 18.06 -1.98
N TYR D 92 -25.08 19.36 -1.77
CA TYR D 92 -24.34 20.19 -2.72
C TYR D 92 -22.86 19.80 -2.75
N ASN D 93 -22.23 19.71 -1.58
CA ASN D 93 -20.79 19.43 -1.51
C ASN D 93 -20.52 17.92 -1.47
N SER D 94 -21.07 17.20 -2.44
CA SER D 94 -20.90 15.76 -2.48
C SER D 94 -19.56 15.39 -3.11
N ALA D 95 -18.88 14.42 -2.50
CA ALA D 95 -17.66 13.86 -3.05
C ALA D 95 -17.86 12.46 -3.64
N ASP D 96 -19.10 12.00 -3.74
CA ASP D 96 -19.38 10.68 -4.28
C ASP D 96 -19.37 10.71 -5.80
N GLU D 97 -18.83 9.64 -6.41
CA GLU D 97 -18.67 9.61 -7.86
C GLU D 97 -20.01 9.60 -8.58
N ARG D 98 -21.06 9.03 -7.98
CA ARG D 98 -22.41 9.16 -8.52
C ARG D 98 -23.05 10.48 -8.14
N PHE D 99 -22.45 11.23 -7.21
CA PHE D 99 -22.88 12.55 -6.75
C PHE D 99 -24.14 12.49 -5.89
N ASP D 100 -24.83 11.36 -5.87
CA ASP D 100 -26.05 11.25 -5.09
C ASP D 100 -26.13 9.82 -4.58
N ALA D 101 -25.81 9.62 -3.30
CA ALA D 101 -25.79 8.32 -2.67
C ALA D 101 -27.12 7.97 -2.02
N THR D 102 -28.14 8.78 -2.21
CA THR D 102 -29.43 8.52 -1.60
C THR D 102 -30.01 7.20 -2.11
N PHE D 103 -30.42 6.34 -1.19
CA PHE D 103 -31.19 5.14 -1.53
C PHE D 103 -32.67 5.49 -1.49
N HIS D 104 -33.33 5.40 -2.63
CA HIS D 104 -34.71 5.86 -2.77
C HIS D 104 -35.68 4.86 -2.17
N THR D 105 -36.46 5.31 -1.20
CA THR D 105 -37.46 4.50 -0.50
C THR D 105 -38.85 5.06 -0.78
N ASN D 106 -39.84 4.52 -0.08
CA ASN D 106 -41.23 4.92 -0.30
C ASN D 106 -41.51 6.30 0.31
N VAL D 107 -42.53 6.93 -0.23
CA VAL D 107 -43.16 8.10 0.39
C VAL D 107 -44.43 7.63 1.08
N LEU D 108 -44.55 7.94 2.36
CA LEU D 108 -45.71 7.56 3.17
C LEU D 108 -46.64 8.74 3.31
N VAL D 109 -47.87 8.59 2.84
CA VAL D 109 -48.87 9.66 2.84
C VAL D 109 -50.05 9.25 3.70
N ASN D 110 -50.58 10.18 4.49
CA ASN D 110 -51.74 9.89 5.31
C ASN D 110 -52.97 10.50 4.65
N SER D 111 -54.14 10.32 5.26
CA SER D 111 -55.40 10.70 4.64
C SER D 111 -55.58 12.20 4.46
N SER D 112 -54.73 13.04 5.03
CA SER D 112 -54.84 14.47 4.83
C SER D 112 -53.81 15.02 3.84
N GLY D 113 -52.98 14.14 3.26
CA GLY D 113 -52.02 14.51 2.25
C GLY D 113 -50.63 14.78 2.77
N HIS D 114 -50.39 14.69 4.07
CA HIS D 114 -49.05 14.84 4.61
CA HIS D 114 -49.05 14.84 4.61
C HIS D 114 -48.15 13.71 4.14
N CYS D 115 -47.08 14.05 3.44
CA CYS D 115 -46.14 13.09 2.88
C CYS D 115 -44.84 13.09 3.67
N GLN D 116 -44.36 11.90 4.04
CA GLN D 116 -43.08 11.75 4.70
C GLN D 116 -42.17 10.93 3.81
N TYR D 117 -40.89 11.29 3.77
CA TYR D 117 -39.93 10.61 2.93
C TYR D 117 -38.60 10.62 3.68
N LEU D 118 -38.09 9.43 3.97
CA LEU D 118 -36.92 9.26 4.83
C LEU D 118 -35.90 8.34 4.16
N PRO D 119 -35.32 8.75 3.06
CA PRO D 119 -34.32 7.90 2.39
C PRO D 119 -33.06 7.78 3.22
N PRO D 120 -32.50 6.58 3.36
CA PRO D 120 -31.19 6.43 3.98
C PRO D 120 -30.07 6.59 2.96
N GLY D 121 -28.86 6.77 3.48
CA GLY D 121 -27.71 6.85 2.61
C GLY D 121 -26.36 6.78 3.28
N ILE D 122 -25.35 6.34 2.55
CA ILE D 122 -23.95 6.48 2.92
C ILE D 122 -23.43 7.69 2.14
N PHE D 123 -23.26 8.82 2.81
CA PHE D 123 -22.92 10.07 2.17
C PHE D 123 -21.43 10.36 2.29
N LYS D 124 -20.80 10.71 1.17
CA LYS D 124 -19.44 11.20 1.10
C LYS D 124 -19.51 12.69 0.82
N SER D 125 -18.94 13.50 1.70
CA SER D 125 -19.01 14.94 1.58
C SER D 125 -17.60 15.53 1.65
N SER D 126 -17.41 16.64 0.93
CA SER D 126 -16.16 17.36 0.96
C SER D 126 -16.16 18.38 2.09
N CYS D 127 -15.16 18.31 2.96
CA CYS D 127 -14.98 19.34 3.97
C CYS D 127 -13.50 19.59 4.19
N TYR D 128 -13.16 20.86 4.37
CA TYR D 128 -11.82 21.24 4.79
C TYR D 128 -11.51 20.64 6.15
N ILE D 129 -10.50 19.77 6.19
CA ILE D 129 -10.06 19.13 7.42
C ILE D 129 -8.75 19.78 7.82
N ASP D 130 -8.80 20.60 8.87
CA ASP D 130 -7.64 21.37 9.32
C ASP D 130 -6.76 20.49 10.19
N VAL D 131 -5.51 20.28 9.75
CA VAL D 131 -4.56 19.47 10.49
C VAL D 131 -3.52 20.32 11.21
N ARG D 132 -3.78 21.62 11.35
CA ARG D 132 -2.81 22.50 12.00
C ARG D 132 -2.48 22.00 13.40
N TRP D 133 -3.49 21.57 14.15
CA TRP D 133 -3.35 21.15 15.53
C TRP D 133 -3.37 19.63 15.69
N PHE D 134 -3.20 18.88 14.61
CA PHE D 134 -3.26 17.43 14.70
C PHE D 134 -2.17 16.92 15.65
N PRO D 135 -2.49 15.95 16.52
CA PRO D 135 -3.74 15.21 16.68
C PRO D 135 -4.73 15.83 17.66
N PHE D 136 -4.50 17.05 18.15
CA PHE D 136 -5.42 17.69 19.09
C PHE D 136 -6.40 18.61 18.37
N ASP D 137 -7.08 18.10 17.33
CA ASP D 137 -7.84 18.95 16.44
C ASP D 137 -9.35 18.75 16.62
N VAL D 138 -10.07 19.80 16.26
CA VAL D 138 -11.53 19.79 16.17
C VAL D 138 -11.89 20.13 14.74
N GLN D 139 -12.77 19.32 14.13
CA GLN D 139 -13.17 19.52 12.75
C GLN D 139 -14.62 20.01 12.70
N HIS D 140 -14.89 20.88 11.73
CA HIS D 140 -16.22 21.39 11.45
C HIS D 140 -16.54 21.10 9.99
N CYS D 141 -17.23 20.01 9.73
CA CYS D 141 -17.54 19.59 8.37
C CYS D 141 -19.00 19.91 8.06
N LYS D 142 -19.22 20.62 6.96
CA LYS D 142 -20.56 21.05 6.59
C LYS D 142 -21.21 20.07 5.62
N LEU D 143 -22.52 19.93 5.77
CA LEU D 143 -23.35 19.18 4.83
C LEU D 143 -24.43 20.14 4.37
N LYS D 144 -24.37 20.54 3.10
CA LYS D 144 -25.24 21.57 2.54
C LYS D 144 -26.27 20.91 1.64
N PHE D 145 -27.54 20.95 2.04
CA PHE D 145 -28.63 20.36 1.29
C PHE D 145 -29.52 21.45 0.71
N GLY D 146 -30.03 21.21 -0.48
CA GLY D 146 -30.95 22.15 -1.09
C GLY D 146 -31.58 21.57 -2.34
N SER D 147 -32.76 22.11 -2.66
CA SER D 147 -33.42 21.76 -3.90
C SER D 147 -32.57 22.23 -5.09
N TRP D 148 -32.37 21.34 -6.05
CA TRP D 148 -31.51 21.69 -7.17
C TRP D 148 -32.19 22.60 -8.18
N SER D 149 -33.44 22.31 -8.56
CA SER D 149 -34.10 23.01 -9.64
C SER D 149 -35.30 23.86 -9.23
N TYR D 150 -35.63 23.92 -7.94
CA TYR D 150 -36.74 24.74 -7.47
C TYR D 150 -36.17 25.85 -6.61
N GLY D 151 -36.40 27.10 -7.02
CA GLY D 151 -35.95 28.23 -6.25
C GLY D 151 -36.93 28.61 -5.16
N GLY D 152 -36.59 29.67 -4.44
CA GLY D 152 -37.37 30.10 -3.29
C GLY D 152 -38.80 30.48 -3.63
N TRP D 153 -39.10 30.81 -4.88
CA TRP D 153 -40.46 31.18 -5.25
C TRP D 153 -41.39 29.98 -5.38
N SER D 154 -40.85 28.77 -5.57
CA SER D 154 -41.65 27.56 -5.73
C SER D 154 -41.54 26.61 -4.55
N LEU D 155 -40.34 26.36 -4.05
CA LEU D 155 -40.12 25.46 -2.92
C LEU D 155 -39.59 26.26 -1.75
N ASP D 156 -40.34 26.27 -0.65
CA ASP D 156 -39.97 26.99 0.56
C ASP D 156 -39.34 26.01 1.55
N LEU D 157 -38.03 25.83 1.43
CA LEU D 157 -37.32 24.90 2.28
C LEU D 157 -37.23 25.44 3.70
N GLN D 158 -37.60 24.62 4.68
CA GLN D 158 -37.57 24.99 6.08
C GLN D 158 -36.84 23.91 6.87
N MET D 159 -36.10 24.35 7.88
CA MET D 159 -35.19 23.49 8.62
C MET D 159 -35.81 23.04 9.95
N GLN D 160 -35.42 21.85 10.37
CA GLN D 160 -35.73 21.35 11.71
C GLN D 160 -34.45 20.75 12.30
N GLU D 161 -34.38 20.73 13.62
CA GLU D 161 -33.15 20.32 14.30
C GLU D 161 -32.81 18.87 13.96
N ALA D 162 -31.52 18.60 13.79
CA ALA D 162 -31.05 17.27 13.47
C ALA D 162 -31.26 16.32 14.65
N ASP D 163 -31.55 15.06 14.32
CA ASP D 163 -31.79 14.00 15.30
C ASP D 163 -30.50 13.22 15.50
N ILE D 164 -30.13 13.02 16.76
CA ILE D 164 -28.92 12.27 17.11
C ILE D 164 -29.24 11.18 18.11
N SER D 165 -30.53 10.96 18.40
CA SER D 165 -30.90 9.97 19.39
C SER D 165 -30.43 8.57 19.01
N GLY D 166 -30.24 8.30 17.72
CA GLY D 166 -29.73 7.03 17.25
C GLY D 166 -28.26 7.01 16.96
N TYR D 167 -27.51 8.06 17.30
CA TYR D 167 -26.10 8.14 16.96
C TYR D 167 -25.31 7.05 17.67
N ILE D 168 -24.49 6.34 16.90
CA ILE D 168 -23.58 5.32 17.42
C ILE D 168 -22.21 5.98 17.61
N PRO D 169 -21.64 5.97 18.81
CA PRO D 169 -20.36 6.65 19.02
C PRO D 169 -19.24 6.07 18.18
N ASN D 170 -18.36 6.95 17.71
CA ASN D 170 -17.15 6.58 16.98
C ASN D 170 -15.99 6.54 17.96
N GLY D 171 -15.20 5.47 17.90
CA GLY D 171 -14.08 5.33 18.82
C GLY D 171 -12.98 6.34 18.60
N GLU D 172 -12.92 6.95 17.42
CA GLU D 172 -11.91 7.94 17.11
C GLU D 172 -12.39 9.37 17.30
N TRP D 173 -13.67 9.64 17.05
CA TRP D 173 -14.19 11.00 17.01
C TRP D 173 -15.30 11.17 18.02
N ASP D 174 -15.20 12.24 18.81
CA ASP D 174 -16.19 12.58 19.83
C ASP D 174 -17.14 13.62 19.25
N LEU D 175 -18.38 13.22 18.99
CA LEU D 175 -19.36 14.13 18.41
C LEU D 175 -19.67 15.26 19.39
N VAL D 176 -19.33 16.49 19.00
CA VAL D 176 -19.64 17.66 19.81
C VAL D 176 -21.05 18.18 19.51
N GLY D 177 -21.42 18.27 18.24
CA GLY D 177 -22.78 18.68 17.92
C GLY D 177 -22.99 18.69 16.42
N ILE D 178 -24.24 18.98 16.05
CA ILE D 178 -24.63 19.10 14.65
C ILE D 178 -25.72 20.17 14.52
N PRO D 179 -25.39 21.45 14.70
CA PRO D 179 -26.37 22.50 14.47
C PRO D 179 -26.61 22.74 12.98
N GLY D 180 -27.74 23.38 12.70
CA GLY D 180 -28.13 23.66 11.34
C GLY D 180 -28.49 25.11 11.17
N LYS D 181 -28.36 25.58 9.92
CA LYS D 181 -28.68 26.95 9.56
C LYS D 181 -29.37 26.97 8.20
N ARG D 182 -30.41 27.77 8.08
CA ARG D 182 -31.14 27.93 6.82
C ARG D 182 -30.80 29.28 6.22
N SER D 183 -30.25 29.27 5.01
CA SER D 183 -29.88 30.49 4.30
C SER D 183 -30.58 30.54 2.95
N GLU D 184 -30.60 31.73 2.36
CA GLU D 184 -31.14 31.94 1.02
C GLU D 184 -30.09 32.68 0.19
N ARG D 185 -29.56 32.04 -0.84
CA ARG D 185 -28.44 32.57 -1.60
C ARG D 185 -28.78 32.77 -3.08
N PHE D 186 -28.16 33.78 -3.68
CA PHE D 186 -28.25 34.05 -5.10
C PHE D 186 -27.05 33.45 -5.83
N TYR D 187 -27.30 32.87 -6.99
CA TYR D 187 -26.27 32.29 -7.85
C TYR D 187 -26.27 32.98 -9.20
N GLU D 188 -25.11 32.95 -9.86
CA GLU D 188 -24.97 33.59 -11.17
C GLU D 188 -25.88 32.98 -12.23
N CYS D 189 -26.30 31.73 -12.04
CA CYS D 189 -27.18 31.10 -13.04
C CYS D 189 -28.49 31.84 -13.16
N CYS D 190 -29.06 32.26 -12.05
CA CYS D 190 -30.50 32.50 -11.97
C CYS D 190 -30.78 33.73 -11.12
N LYS D 191 -31.80 34.50 -11.52
CA LYS D 191 -32.19 35.67 -10.74
C LYS D 191 -32.90 35.26 -9.47
N GLU D 192 -33.59 34.13 -9.49
CA GLU D 192 -34.32 33.66 -8.32
C GLU D 192 -33.33 33.18 -7.26
N PRO D 193 -33.57 33.45 -5.98
CA PRO D 193 -32.72 32.89 -4.94
C PRO D 193 -33.06 31.44 -4.65
N TYR D 194 -32.07 30.72 -4.12
CA TYR D 194 -32.25 29.32 -3.76
C TYR D 194 -31.92 29.14 -2.29
N PRO D 195 -32.82 28.59 -1.48
CA PRO D 195 -32.51 28.32 -0.08
C PRO D 195 -31.82 26.98 0.13
N ASP D 196 -30.96 26.97 1.15
CA ASP D 196 -30.26 25.76 1.56
C ASP D 196 -30.35 25.60 3.07
N VAL D 197 -30.22 24.36 3.51
CA VAL D 197 -30.11 24.02 4.92
C VAL D 197 -28.77 23.34 5.10
N THR D 198 -27.92 23.89 5.96
CA THR D 198 -26.57 23.39 6.17
C THR D 198 -26.41 22.95 7.62
N PHE D 199 -25.99 21.71 7.80
CA PHE D 199 -25.68 21.15 9.11
C PHE D 199 -24.17 21.04 9.23
N THR D 200 -23.62 21.52 10.35
CA THR D 200 -22.19 21.49 10.61
C THR D 200 -21.89 20.43 11.67
N VAL D 201 -21.29 19.32 11.25
CA VAL D 201 -20.85 18.28 12.17
C VAL D 201 -19.56 18.74 12.82
N THR D 202 -19.60 19.02 14.11
CA THR D 202 -18.41 19.38 14.88
C THR D 202 -17.96 18.16 15.67
N MET D 203 -16.72 17.73 15.45
CA MET D 203 -16.19 16.52 16.06
C MET D 203 -14.81 16.79 16.64
N ARG D 204 -14.56 16.22 17.82
CA ARG D 204 -13.27 16.31 18.47
C ARG D 204 -12.55 14.98 18.32
N ARG D 205 -11.29 15.02 17.87
CA ARG D 205 -10.49 13.81 17.79
C ARG D 205 -10.09 13.33 19.17
N ARG D 206 -10.14 11.98 19.39
CA ARG D 206 -9.72 11.39 20.66
C ARG D 206 -8.24 11.03 20.53
N THR D 207 -7.42 11.53 21.46
CA THR D 207 -5.98 11.55 21.30
C THR D 207 -5.25 10.38 21.97
N LEU D 208 -5.96 9.48 22.66
CA LEU D 208 -5.27 8.39 23.33
C LEU D 208 -4.48 7.54 22.34
N TYR D 209 -5.10 7.19 21.21
CA TYR D 209 -4.44 6.32 20.24
C TYR D 209 -3.14 6.94 19.73
N TYR D 210 -3.20 8.20 19.33
CA TYR D 210 -2.01 8.84 18.78
C TYR D 210 -1.01 9.18 19.87
N GLY D 211 -1.48 9.45 21.09
CA GLY D 211 -0.55 9.71 22.18
C GLY D 211 0.33 8.51 22.47
N LEU D 212 -0.28 7.33 22.60
CA LEU D 212 0.48 6.12 22.91
C LEU D 212 1.21 5.54 21.71
N ASN D 213 0.78 5.85 20.48
CA ASN D 213 1.35 5.25 19.29
C ASN D 213 2.23 6.18 18.47
N LEU D 214 2.10 7.49 18.65
CA LEU D 214 2.85 8.45 17.86
C LEU D 214 3.67 9.41 18.71
N LEU D 215 3.05 10.06 19.70
CA LEU D 215 3.75 11.09 20.46
C LEU D 215 4.75 10.49 21.45
N ILE D 216 4.29 9.59 22.31
CA ILE D 216 5.18 9.02 23.32
C ILE D 216 6.34 8.25 22.70
N PRO D 217 6.12 7.29 21.79
CA PRO D 217 7.25 6.68 21.08
C PRO D 217 8.34 7.67 20.70
N CYS D 218 7.94 8.73 20.00
CA CYS D 218 8.91 9.73 19.55
C CYS D 218 9.66 10.34 20.71
N VAL D 219 8.96 10.70 21.79
CA VAL D 219 9.62 11.31 22.94
C VAL D 219 10.71 10.39 23.48
N LEU D 220 10.38 9.11 23.65
CA LEU D 220 11.34 8.17 24.22
C LEU D 220 12.56 8.00 23.32
N ILE D 221 12.34 7.92 22.00
CA ILE D 221 13.46 7.68 21.09
C ILE D 221 14.36 8.90 21.00
N SER D 222 13.79 10.10 21.14
CA SER D 222 14.63 11.29 21.22
C SER D 222 15.50 11.27 22.46
N ALA D 223 14.94 10.81 23.58
CA ALA D 223 15.70 10.72 24.82
C ALA D 223 16.93 9.83 24.65
N LEU D 224 16.82 8.76 23.88
CA LEU D 224 17.97 7.90 23.63
C LEU D 224 19.09 8.63 22.92
N ALA D 225 18.74 9.59 22.06
CA ALA D 225 19.77 10.38 21.38
C ALA D 225 20.65 11.12 22.40
N LEU D 226 20.02 11.75 23.39
CA LEU D 226 20.79 12.43 24.43
C LEU D 226 21.66 11.48 25.22
N LEU D 227 21.36 10.18 25.17
CA LEU D 227 22.17 9.20 25.88
C LEU D 227 23.60 9.16 25.37
N VAL D 228 23.85 9.71 24.17
CA VAL D 228 25.20 9.69 23.61
C VAL D 228 26.15 10.51 24.47
N PHE D 229 25.66 11.59 25.06
CA PHE D 229 26.49 12.46 25.90
C PHE D 229 26.85 11.82 27.23
N LEU D 230 26.49 10.56 27.44
CA LEU D 230 26.93 9.81 28.61
C LEU D 230 27.79 8.62 28.24
N LEU D 231 27.83 8.25 26.96
CA LEU D 231 28.60 7.11 26.50
C LEU D 231 30.07 7.49 26.40
N PRO D 232 30.98 6.79 27.08
CA PRO D 232 32.41 7.13 26.96
C PRO D 232 32.89 7.05 25.53
N ALA D 233 33.85 7.92 25.19
CA ALA D 233 34.38 7.97 23.83
C ALA D 233 35.14 6.70 23.46
N ASP D 234 35.80 6.05 24.43
CA ASP D 234 36.57 4.86 24.12
C ASP D 234 35.69 3.67 23.77
N SER D 235 34.40 3.71 24.10
CA SER D 235 33.50 2.66 23.62
C SER D 235 33.52 2.56 22.10
N GLY D 236 33.81 3.65 21.41
CA GLY D 236 33.82 3.65 19.96
C GLY D 236 32.47 3.40 19.33
N GLU D 237 31.39 3.82 19.98
CA GLU D 237 30.04 3.59 19.49
C GLU D 237 29.19 4.85 19.54
N LYS D 238 29.78 6.01 19.79
CA LYS D 238 29.01 7.25 19.89
C LYS D 238 28.28 7.57 18.59
N ILE D 239 28.96 7.40 17.46
CA ILE D 239 28.35 7.78 16.19
C ILE D 239 27.28 6.79 15.77
N SER D 240 27.40 5.52 16.16
CA SER D 240 26.42 4.53 15.75
C SER D 240 25.10 4.74 16.47
N LEU D 241 25.16 5.07 17.75
CA LEU D 241 23.94 5.36 18.50
C LEU D 241 23.18 6.52 17.88
N GLY D 242 23.87 7.64 17.61
CA GLY D 242 23.19 8.83 17.14
C GLY D 242 22.57 8.65 15.77
N ILE D 243 23.36 8.21 14.79
CA ILE D 243 22.85 8.06 13.42
C ILE D 243 21.76 7.02 13.35
N THR D 244 21.83 5.99 14.20
CA THR D 244 20.78 4.98 14.21
C THR D 244 19.46 5.59 14.64
N VAL D 245 19.48 6.39 15.71
CA VAL D 245 18.27 7.09 16.13
C VAL D 245 17.77 7.97 15.00
N LEU D 246 18.69 8.63 14.29
CA LEU D 246 18.28 9.53 13.20
C LEU D 246 17.58 8.75 12.09
N LEU D 247 18.14 7.60 11.70
CA LEU D 247 17.51 6.80 10.66
C LEU D 247 16.11 6.37 11.09
N SER D 248 15.98 5.95 12.35
CA SER D 248 14.68 5.54 12.88
C SER D 248 13.68 6.69 12.83
N LEU D 249 14.07 7.89 13.21
CA LEU D 249 13.13 8.99 13.22
C LEU D 249 12.76 9.41 11.81
N THR D 250 13.61 9.20 10.82
CA THR D 250 13.26 9.54 9.46
C THR D 250 12.12 8.67 8.96
N VAL D 251 12.21 7.36 9.20
CA VAL D 251 11.10 6.47 8.88
C VAL D 251 9.83 6.92 9.61
N PHE D 252 9.94 7.30 10.87
CA PHE D 252 8.77 7.78 11.60
C PHE D 252 8.12 9.01 10.95
N MET D 253 8.91 9.91 10.41
CA MET D 253 8.27 11.06 9.74
C MET D 253 7.49 10.58 8.53
N LEU D 254 8.08 9.73 7.72
CA LEU D 254 7.38 9.15 6.57
C LEU D 254 6.18 8.33 7.03
N LEU D 255 6.18 7.73 8.20
CA LEU D 255 4.94 7.09 8.61
C LEU D 255 3.82 8.09 8.82
N VAL D 256 4.10 9.25 9.44
CA VAL D 256 3.08 10.27 9.56
C VAL D 256 2.72 10.86 8.19
N ALA D 257 3.62 10.71 7.22
CA ALA D 257 3.38 11.27 5.89
C ALA D 257 2.20 10.60 5.20
N GLU D 258 1.97 9.32 5.50
CA GLU D 258 0.90 8.57 4.86
C GLU D 258 -0.49 8.99 5.31
N ILE D 259 -0.63 9.76 6.39
CA ILE D 259 -1.92 10.10 6.93
C ILE D 259 -2.25 11.58 6.83
N MET D 260 -1.28 12.43 6.49
CA MET D 260 -1.53 13.86 6.47
C MET D 260 -1.75 14.34 5.04
N PRO D 261 -2.63 15.31 4.82
CA PRO D 261 -2.76 15.89 3.47
C PRO D 261 -1.53 16.71 3.11
N ALA D 262 -1.30 16.83 1.80
CA ALA D 262 -0.16 17.60 1.28
C ALA D 262 -0.51 19.07 1.05
N THR D 263 -1.11 19.71 2.04
CA THR D 263 -1.53 21.10 1.92
C THR D 263 -0.47 22.03 2.52
N SER D 264 -0.60 23.32 2.17
CA SER D 264 0.36 24.34 2.58
C SER D 264 -0.31 25.49 3.33
N ASP D 265 -1.50 25.26 3.89
CA ASP D 265 -2.16 26.31 4.66
C ASP D 265 -1.41 26.62 5.94
N SER D 266 -0.75 25.64 6.52
CA SER D 266 -0.01 25.83 7.76
C SER D 266 0.90 24.62 7.98
N VAL D 267 1.96 24.84 8.76
CA VAL D 267 2.80 23.73 9.20
C VAL D 267 2.10 23.07 10.37
N PRO D 268 1.75 21.78 10.29
CA PRO D 268 1.02 21.15 11.39
C PRO D 268 1.84 21.08 12.67
N LEU D 269 1.12 20.89 13.79
CA LEU D 269 1.78 20.75 15.08
C LEU D 269 2.69 19.53 15.09
N ILE D 270 2.24 18.41 14.51
CA ILE D 270 3.03 17.19 14.50
C ILE D 270 4.28 17.38 13.65
N ALA D 271 4.17 18.13 12.55
CA ALA D 271 5.34 18.42 11.73
C ALA D 271 6.38 19.22 12.51
N GLN D 272 5.92 20.21 13.28
CA GLN D 272 6.85 21.00 14.08
C GLN D 272 7.55 20.13 15.12
N TYR D 273 6.80 19.25 15.78
CA TYR D 273 7.41 18.40 16.79
C TYR D 273 8.47 17.50 16.19
N PHE D 274 8.19 16.88 15.04
CA PHE D 274 9.18 16.05 14.39
C PHE D 274 10.36 16.88 13.89
N ALA D 275 10.09 18.04 13.31
CA ALA D 275 11.17 18.95 12.93
C ALA D 275 12.08 19.21 14.12
N SER D 276 11.54 19.82 15.19
CA SER D 276 12.35 20.17 16.34
C SER D 276 13.18 18.98 16.81
N THR D 277 12.55 17.81 16.91
CA THR D 277 13.26 16.63 17.41
C THR D 277 14.39 16.24 16.46
N MET D 278 14.15 16.31 15.15
CA MET D 278 15.16 15.88 14.19
C MET D 278 16.41 16.74 14.23
N ILE D 279 16.26 18.06 14.29
CA ILE D 279 17.42 18.93 14.39
C ILE D 279 18.17 18.68 15.70
N ILE D 280 17.44 18.39 16.79
CA ILE D 280 18.10 18.12 18.05
C ILE D 280 18.95 16.87 17.95
N VAL D 281 18.40 15.80 17.38
CA VAL D 281 19.19 14.58 17.20
C VAL D 281 20.32 14.82 16.21
N GLY D 282 20.05 15.54 15.12
CA GLY D 282 21.11 15.84 14.17
C GLY D 282 22.20 16.70 14.76
N LEU D 283 21.81 17.70 15.56
CA LEU D 283 22.80 18.55 16.22
C LEU D 283 23.64 17.77 17.21
N SER D 284 23.05 16.79 17.89
CA SER D 284 23.82 15.95 18.81
C SER D 284 24.90 15.16 18.07
N VAL D 285 24.62 14.74 16.83
CA VAL D 285 25.64 14.08 16.03
C VAL D 285 26.79 15.03 15.74
N VAL D 286 26.47 16.28 15.41
CA VAL D 286 27.51 17.27 15.16
C VAL D 286 28.38 17.45 16.41
N VAL D 287 27.74 17.59 17.56
CA VAL D 287 28.48 17.75 18.81
C VAL D 287 29.35 16.53 19.08
N THR D 288 28.84 15.34 18.76
CA THR D 288 29.62 14.13 19.01
C THR D 288 30.93 14.16 18.21
N VAL D 289 30.88 14.63 16.97
CA VAL D 289 32.08 14.75 16.16
C VAL D 289 33.07 15.70 16.83
N ILE D 290 32.59 16.82 17.37
CA ILE D 290 33.47 17.75 18.06
C ILE D 290 34.08 17.08 19.28
N VAL D 291 33.27 16.36 20.05
CA VAL D 291 33.78 15.70 21.26
C VAL D 291 34.84 14.67 20.90
N LEU D 292 34.58 13.87 19.86
CA LEU D 292 35.55 12.87 19.43
C LEU D 292 36.81 13.52 18.90
N GLN D 293 36.67 14.66 18.22
CA GLN D 293 37.83 15.36 17.69
C GLN D 293 38.79 15.79 18.81
N TYR D 294 38.26 16.20 19.96
CA TYR D 294 39.11 16.48 21.11
C TYR D 294 39.70 15.19 21.68
N HIS D 295 38.86 14.17 21.89
CA HIS D 295 39.31 12.97 22.58
C HIS D 295 40.44 12.29 21.81
N HIS D 296 40.48 12.48 20.49
CA HIS D 296 41.49 11.86 19.63
C HIS D 296 42.51 12.87 19.12
N HIS D 297 42.66 13.99 19.82
CA HIS D 297 43.58 15.03 19.37
C HIS D 297 45.03 14.56 19.49
N ASP D 298 45.80 14.77 18.44
CA ASP D 298 47.20 14.38 18.44
C ASP D 298 47.97 15.23 19.43
N PRO D 299 48.74 14.63 20.35
CA PRO D 299 49.46 15.46 21.34
C PRO D 299 50.56 16.30 20.74
N ASP D 300 51.01 15.99 19.52
CA ASP D 300 52.08 16.73 18.87
C ASP D 300 51.57 17.67 17.79
N GLY D 301 50.27 17.92 17.75
CA GLY D 301 49.69 18.84 16.79
C GLY D 301 49.69 20.25 17.34
N GLY D 302 48.61 20.99 17.12
CA GLY D 302 48.51 22.33 17.65
C GLY D 302 48.53 22.31 19.17
N LYS D 303 48.48 23.49 19.79
CA LYS D 303 48.44 23.59 21.24
C LYS D 303 47.08 24.13 21.67
N MET D 304 46.54 23.54 22.72
CA MET D 304 45.23 23.90 23.25
C MET D 304 45.16 25.41 23.47
N PRO D 305 44.31 26.12 22.72
CA PRO D 305 44.20 27.57 22.90
C PRO D 305 43.90 27.95 24.35
N LYS D 306 44.34 29.16 24.72
CA LYS D 306 44.03 29.69 26.05
C LYS D 306 42.53 29.83 26.25
N TRP D 307 41.81 30.25 25.21
CA TRP D 307 40.36 30.41 25.34
C TRP D 307 39.72 29.07 25.69
N THR D 308 40.22 27.98 25.11
CA THR D 308 39.73 26.65 25.46
C THR D 308 40.17 26.30 26.89
N ARG D 309 41.44 26.51 27.20
CA ARG D 309 41.98 26.13 28.50
C ARG D 309 41.21 26.78 29.65
N VAL D 310 40.65 27.97 29.43
CA VAL D 310 39.99 28.71 30.51
C VAL D 310 38.51 28.39 30.58
N ILE D 311 37.81 28.51 29.45
CA ILE D 311 36.36 28.29 29.44
C ILE D 311 36.02 26.90 29.95
N LEU D 312 36.80 25.90 29.55
CA LEU D 312 36.45 24.51 29.82
C LEU D 312 37.13 23.97 31.08
N LEU D 313 38.46 23.97 31.13
CA LEU D 313 39.13 23.33 32.25
C LEU D 313 38.91 24.05 33.58
N ASN D 314 38.49 25.31 33.57
CA ASN D 314 38.30 26.07 34.80
C ASN D 314 36.83 26.39 35.05
N TRP D 315 36.21 27.22 34.20
CA TRP D 315 34.84 27.65 34.45
C TRP D 315 33.87 26.49 34.37
N CYS D 316 33.67 25.96 33.16
CA CYS D 316 32.71 24.87 32.98
C CYS D 316 33.02 23.69 33.88
N ALA D 317 34.31 23.39 34.09
CA ALA D 317 34.67 22.23 34.89
C ALA D 317 34.33 22.44 36.36
N TRP D 318 34.49 23.66 36.86
CA TRP D 318 34.10 23.97 38.24
C TRP D 318 32.58 23.95 38.38
N PHE D 319 31.88 24.63 37.47
CA PHE D 319 30.42 24.70 37.55
C PHE D 319 29.80 23.31 37.59
N LEU D 320 30.34 22.37 36.83
CA LEU D 320 29.77 21.03 36.72
C LEU D 320 30.32 20.07 37.77
N ARG D 321 31.16 20.54 38.69
CA ARG D 321 31.74 19.70 39.73
C ARG D 321 32.35 18.43 39.14
N MET D 322 33.40 18.63 38.36
CA MET D 322 34.04 17.54 37.62
C MET D 322 35.49 17.33 38.04
N LYS D 323 36.31 18.38 38.00
CA LYS D 323 37.73 18.26 38.33
C LYS D 323 38.42 17.28 37.38
N PRO D 479 85.45 2.31 31.58
CA PRO D 479 85.14 2.90 30.27
C PRO D 479 83.80 2.41 29.72
N ASP D 480 83.45 1.16 30.01
CA ASP D 480 82.17 0.62 29.58
C ASP D 480 81.03 1.02 30.51
N LEU D 481 81.34 1.41 31.74
CA LEU D 481 80.30 1.88 32.65
C LEU D 481 79.68 3.18 32.14
N ALA D 482 80.50 4.06 31.56
CA ALA D 482 79.98 5.31 31.02
C ALA D 482 79.10 5.07 29.81
N LYS D 483 79.49 4.12 28.95
CA LYS D 483 78.66 3.81 27.79
C LYS D 483 77.31 3.24 28.21
N ILE D 484 77.30 2.45 29.29
CA ILE D 484 76.03 1.91 29.77
C ILE D 484 75.14 3.04 30.27
N LEU D 485 75.73 4.05 30.91
CA LEU D 485 74.94 5.15 31.45
C LEU D 485 74.23 5.91 30.34
N GLU D 486 74.83 6.01 29.16
CA GLU D 486 74.21 6.74 28.07
C GLU D 486 73.04 5.97 27.47
N GLU D 487 73.13 4.64 27.43
CA GLU D 487 72.02 3.84 26.92
C GLU D 487 70.85 3.85 27.88
N VAL D 488 71.12 3.60 29.17
CA VAL D 488 70.03 3.59 30.15
C VAL D 488 69.42 4.98 30.28
N ARG D 489 70.24 6.02 30.17
CA ARG D 489 69.72 7.38 30.25
C ARG D 489 68.82 7.69 29.07
N TYR D 490 69.18 7.21 27.87
CA TYR D 490 68.28 7.36 26.73
C TYR D 490 66.96 6.65 26.98
N ILE D 491 67.02 5.43 27.52
CA ILE D 491 65.79 4.69 27.78
C ILE D 491 64.92 5.46 28.78
N ALA D 492 65.52 5.92 29.87
CA ALA D 492 64.76 6.65 30.88
C ALA D 492 64.22 7.96 30.31
N ASN D 493 65.03 8.67 29.53
CA ASN D 493 64.58 9.92 28.93
C ASN D 493 63.42 9.66 27.96
N ARG D 494 63.50 8.58 27.18
CA ARG D 494 62.41 8.26 26.27
C ARG D 494 61.11 8.03 27.04
N PHE D 495 61.19 7.33 28.17
CA PHE D 495 60.00 7.10 28.97
C PHE D 495 59.42 8.42 29.48
N ARG D 496 60.27 9.35 29.88
CA ARG D 496 59.81 10.64 30.36
C ARG D 496 59.08 11.42 29.27
N CYS D 497 59.61 11.40 28.04
CA CYS D 497 58.97 12.15 26.95
C CYS D 497 57.55 11.66 26.66
N GLN D 498 57.35 10.34 26.58
CA GLN D 498 55.99 9.84 26.38
C GLN D 498 55.10 10.21 27.57
N ASP D 499 55.64 10.18 28.78
CA ASP D 499 54.83 10.50 29.95
C ASP D 499 54.26 11.91 29.86
N GLU D 500 55.09 12.88 29.51
CA GLU D 500 54.59 14.25 29.37
C GLU D 500 53.62 14.33 28.19
N SER D 501 53.90 13.60 27.12
CA SER D 501 53.00 13.58 25.97
C SER D 501 51.62 13.08 26.35
N GLU D 502 51.55 11.97 27.10
CA GLU D 502 50.25 11.42 27.47
C GLU D 502 49.54 12.32 28.47
N ALA D 503 50.29 13.10 29.24
CA ALA D 503 49.66 14.09 30.12
C ALA D 503 48.92 15.13 29.30
N VAL D 504 49.51 15.57 28.19
CA VAL D 504 48.82 16.50 27.29
C VAL D 504 47.56 15.85 26.74
N CYS D 505 47.65 14.57 26.36
CA CYS D 505 46.47 13.86 25.88
C CYS D 505 45.38 13.80 26.93
N SER D 506 45.75 13.66 28.21
CA SER D 506 44.75 13.62 29.27
C SER D 506 43.94 14.91 29.33
N GLU D 507 44.61 16.05 29.18
CA GLU D 507 43.89 17.32 29.17
C GLU D 507 42.88 17.37 28.03
N TRP D 508 43.29 16.95 26.83
CA TRP D 508 42.37 16.97 25.70
C TRP D 508 41.21 16.01 25.93
N LYS D 509 41.49 14.84 26.50
CA LYS D 509 40.43 13.90 26.81
C LYS D 509 39.47 14.48 27.85
N PHE D 510 40.03 15.16 28.86
CA PHE D 510 39.18 15.78 29.87
C PHE D 510 38.33 16.89 29.28
N ALA D 511 38.90 17.68 28.37
CA ALA D 511 38.12 18.71 27.69
C ALA D 511 36.93 18.10 26.96
N ALA D 512 37.15 16.97 26.29
CA ALA D 512 36.05 16.30 25.61
C ALA D 512 34.98 15.89 26.62
N CYS D 513 35.38 15.35 27.76
CA CYS D 513 34.42 14.97 28.79
C CYS D 513 33.63 16.16 29.28
N VAL D 514 34.29 17.30 29.48
CA VAL D 514 33.59 18.50 29.94
C VAL D 514 32.60 18.97 28.89
N VAL D 515 33.03 19.04 27.63
CA VAL D 515 32.11 19.43 26.56
C VAL D 515 30.94 18.47 26.49
N ASP D 516 31.22 17.18 26.67
CA ASP D 516 30.15 16.18 26.63
C ASP D 516 29.14 16.40 27.76
N ARG D 517 29.64 16.65 28.97
CA ARG D 517 28.75 16.94 30.09
C ARG D 517 27.99 18.25 29.88
N LEU D 518 28.66 19.26 29.35
CA LEU D 518 28.01 20.54 29.12
C LEU D 518 26.85 20.41 28.16
N CYS D 519 27.08 19.75 27.02
CA CYS D 519 26.02 19.61 26.02
C CYS D 519 24.90 18.70 26.51
N LEU D 520 25.21 17.72 27.35
CA LEU D 520 24.16 16.90 27.95
C LEU D 520 23.12 17.76 28.65
N MET D 521 23.58 18.65 29.54
CA MET D 521 22.66 19.56 30.23
C MET D 521 21.92 20.45 29.25
N ALA D 522 22.64 21.05 28.30
CA ALA D 522 21.99 21.96 27.36
C ALA D 522 20.96 21.25 26.50
N PHE D 523 21.29 20.07 25.98
CA PHE D 523 20.35 19.36 25.11
C PHE D 523 19.15 18.85 25.89
N SER D 524 19.35 18.41 27.13
CA SER D 524 18.23 17.98 27.96
C SER D 524 17.23 19.11 28.17
N VAL D 525 17.74 20.29 28.53
CA VAL D 525 16.85 21.44 28.72
C VAL D 525 16.10 21.74 27.43
N PHE D 526 16.84 21.82 26.32
CA PHE D 526 16.22 22.19 25.05
C PHE D 526 15.16 21.17 24.62
N THR D 527 15.44 19.88 24.81
CA THR D 527 14.48 18.86 24.44
C THR D 527 13.18 19.00 25.22
N ILE D 528 13.28 19.23 26.53
CA ILE D 528 12.08 19.39 27.36
C ILE D 528 11.30 20.62 26.93
N ILE D 529 11.99 21.75 26.74
CA ILE D 529 11.28 23.00 26.43
C ILE D 529 10.59 22.89 25.09
N CYS D 530 11.28 22.37 24.08
CA CYS D 530 10.68 22.26 22.76
C CYS D 530 9.47 21.31 22.78
N THR D 531 9.61 20.17 23.45
CA THR D 531 8.51 19.23 23.54
C THR D 531 7.30 19.86 24.23
N ILE D 532 7.51 20.40 25.44
CA ILE D 532 6.40 20.97 26.19
C ILE D 532 5.80 22.15 25.42
N GLY D 533 6.66 23.03 24.90
CA GLY D 533 6.15 24.20 24.21
C GLY D 533 5.27 23.85 23.02
N ILE D 534 5.70 22.89 22.21
CA ILE D 534 4.94 22.54 21.00
C ILE D 534 3.60 21.90 21.36
N LEU D 535 3.62 20.91 22.26
CA LEU D 535 2.37 20.23 22.60
C LEU D 535 1.36 21.16 23.24
N MET D 536 1.80 22.05 24.13
CA MET D 536 0.87 22.91 24.84
C MET D 536 0.47 24.13 24.04
N SER D 537 0.99 24.31 22.82
CA SER D 537 0.52 25.39 21.96
C SER D 537 -0.91 25.12 21.49
N ALA D 538 -1.31 23.86 21.41
CA ALA D 538 -2.63 23.52 20.88
C ALA D 538 -3.71 24.04 21.82
N PRO D 539 -4.74 24.71 21.31
CA PRO D 539 -5.83 25.16 22.21
C PRO D 539 -6.53 24.02 22.94
N ASN D 540 -6.61 22.84 22.35
CA ASN D 540 -7.38 21.74 22.92
C ASN D 540 -6.50 20.73 23.67
N PHE D 541 -5.23 21.07 23.94
CA PHE D 541 -4.34 20.10 24.57
C PHE D 541 -4.81 19.76 25.98
N VAL D 542 -5.17 20.78 26.76
CA VAL D 542 -5.60 20.54 28.14
C VAL D 542 -6.87 19.70 28.15
N GLU D 543 -7.82 20.02 27.27
CA GLU D 543 -9.05 19.23 27.20
C GLU D 543 -8.76 17.78 26.83
N ALA D 544 -7.88 17.55 25.86
CA ALA D 544 -7.58 16.19 25.43
C ALA D 544 -7.00 15.36 26.57
N VAL D 545 -6.08 15.93 27.34
CA VAL D 545 -5.49 15.20 28.46
C VAL D 545 -6.57 14.84 29.48
N SER D 546 -7.44 15.79 29.81
CA SER D 546 -8.45 15.54 30.82
C SER D 546 -9.42 14.45 30.39
N LYS D 547 -9.85 14.47 29.12
CA LYS D 547 -10.89 13.57 28.67
C LYS D 547 -10.36 12.20 28.28
N ASP D 548 -9.16 12.15 27.67
CA ASP D 548 -8.65 10.92 27.10
C ASP D 548 -7.63 10.21 27.99
N PHE D 549 -6.84 10.96 28.75
CA PHE D 549 -5.87 10.35 29.64
C PHE D 549 -6.32 10.44 31.10
N GLU E 1 -54.37 23.67 -10.78
CA GLU E 1 -55.25 23.35 -11.94
C GLU E 1 -54.59 23.80 -13.24
N PHE E 2 -53.95 24.97 -13.19
CA PHE E 2 -53.28 25.49 -14.39
C PHE E 2 -51.96 24.79 -14.61
N GLN E 3 -51.24 24.43 -13.54
CA GLN E 3 -50.01 23.68 -13.71
C GLN E 3 -50.30 22.30 -14.31
N ARG E 4 -51.37 21.65 -13.82
CA ARG E 4 -51.77 20.37 -14.40
C ARG E 4 -52.19 20.53 -15.85
N LYS E 5 -52.98 21.57 -16.16
CA LYS E 5 -53.41 21.82 -17.53
C LYS E 5 -52.23 22.07 -18.45
N LEU E 6 -51.27 22.87 -18.02
CA LEU E 6 -50.12 23.21 -18.87
C LEU E 6 -49.24 21.99 -19.15
N TYR E 7 -49.00 21.15 -18.14
CA TYR E 7 -48.20 19.95 -18.37
C TYR E 7 -48.88 19.01 -19.35
N LYS E 8 -50.20 18.90 -19.29
CA LYS E 8 -50.92 18.09 -20.25
C LYS E 8 -50.83 18.67 -21.66
N GLU E 9 -50.84 20.00 -21.77
CA GLU E 9 -50.85 20.62 -23.09
C GLU E 9 -49.47 20.55 -23.75
N LEU E 10 -48.40 20.70 -22.96
CA LEU E 10 -47.07 20.82 -23.55
C LEU E 10 -46.56 19.50 -24.11
N VAL E 11 -47.00 18.37 -23.57
CA VAL E 11 -46.46 17.08 -24.00
C VAL E 11 -47.32 16.47 -25.10
N LYS E 12 -48.31 17.21 -25.58
CA LYS E 12 -49.16 16.75 -26.68
C LYS E 12 -48.35 16.79 -27.97
N ASN E 13 -48.01 15.61 -28.50
CA ASN E 13 -47.24 15.45 -29.73
C ASN E 13 -45.76 15.80 -29.58
N TYR E 14 -45.28 16.02 -28.37
CA TYR E 14 -43.85 16.29 -28.19
C TYR E 14 -43.05 15.02 -28.45
N ASN E 15 -41.95 15.18 -29.18
CA ASN E 15 -41.06 14.06 -29.51
C ASN E 15 -39.65 14.37 -29.01
N PRO E 16 -39.20 13.77 -27.91
CA PRO E 16 -37.85 14.06 -27.41
C PRO E 16 -36.75 13.79 -28.43
N LEU E 17 -37.00 12.99 -29.46
CA LEU E 17 -35.99 12.76 -30.49
C LEU E 17 -35.73 14.00 -31.33
N GLU E 18 -36.67 14.94 -31.37
CA GLU E 18 -36.64 16.03 -32.34
C GLU E 18 -35.90 17.23 -31.77
N ARG E 19 -34.89 17.69 -32.50
CA ARG E 19 -34.21 18.94 -32.18
C ARG E 19 -35.22 20.08 -32.23
N PRO E 20 -35.37 20.86 -31.15
CA PRO E 20 -36.53 21.78 -31.07
C PRO E 20 -36.30 23.13 -31.73
N VAL E 21 -36.28 23.14 -33.06
CA VAL E 21 -36.16 24.37 -33.83
C VAL E 21 -37.43 24.53 -34.65
N ALA E 22 -37.66 25.76 -35.09
CA ALA E 22 -38.83 26.02 -35.93
C ALA E 22 -38.51 25.72 -37.38
N ASN E 23 -37.34 26.17 -37.84
CA ASN E 23 -36.86 25.93 -39.19
C ASN E 23 -35.83 24.82 -39.13
N ASP E 24 -36.14 23.67 -39.73
CA ASP E 24 -35.26 22.51 -39.65
C ASP E 24 -33.92 22.73 -40.34
N SER E 25 -33.81 23.75 -41.19
CA SER E 25 -32.58 23.95 -41.94
C SER E 25 -31.53 24.73 -41.16
N GLN E 26 -31.89 25.35 -40.06
CA GLN E 26 -30.94 26.18 -39.34
C GLN E 26 -30.45 25.47 -38.08
N PRO E 27 -29.24 25.75 -37.62
CA PRO E 27 -28.73 25.10 -36.40
C PRO E 27 -29.30 25.73 -35.15
N LEU E 28 -29.40 24.90 -34.10
CA LEU E 28 -29.86 25.35 -32.79
C LEU E 28 -28.66 25.84 -31.99
N THR E 29 -28.77 27.05 -31.45
CA THR E 29 -27.70 27.63 -30.66
C THR E 29 -27.79 27.11 -29.23
N VAL E 30 -26.71 26.52 -28.75
CA VAL E 30 -26.60 26.03 -27.39
C VAL E 30 -25.46 26.80 -26.73
N TYR E 31 -25.75 27.46 -25.63
CA TYR E 31 -24.74 28.16 -24.84
C TYR E 31 -24.21 27.22 -23.77
N PHE E 32 -22.90 27.03 -23.75
CA PHE E 32 -22.27 26.11 -22.83
C PHE E 32 -21.28 26.87 -21.95
N SER E 33 -21.28 26.54 -20.68
CA SER E 33 -20.32 27.07 -19.73
C SER E 33 -20.22 26.08 -18.58
N LEU E 34 -19.39 26.41 -17.60
CA LEU E 34 -19.27 25.59 -16.41
C LEU E 34 -19.03 26.46 -15.19
N SER E 35 -19.29 25.89 -14.03
CA SER E 35 -19.03 26.52 -12.74
C SER E 35 -18.14 25.58 -11.95
N LEU E 36 -16.92 26.00 -11.68
CA LEU E 36 -15.93 25.16 -10.98
C LEU E 36 -16.08 25.35 -9.47
N LEU E 37 -16.48 24.28 -8.78
CA LEU E 37 -16.63 24.35 -7.33
C LEU E 37 -15.37 23.93 -6.59
N GLN E 38 -14.70 22.87 -7.05
CA GLN E 38 -13.56 22.33 -6.32
C GLN E 38 -12.64 21.57 -7.25
N ILE E 39 -11.34 21.70 -6.99
CA ILE E 39 -10.33 20.78 -7.52
C ILE E 39 -10.15 19.68 -6.47
N MET E 40 -10.64 18.49 -6.75
CA MET E 40 -10.63 17.43 -5.76
C MET E 40 -9.32 16.65 -5.72
N ASP E 41 -8.70 16.41 -6.86
CA ASP E 41 -7.48 15.61 -6.87
C ASP E 41 -6.68 15.89 -8.12
N VAL E 42 -5.36 15.89 -7.96
CA VAL E 42 -4.42 15.95 -9.08
C VAL E 42 -3.54 14.72 -8.91
N ASP E 43 -3.85 13.67 -9.66
CA ASP E 43 -3.11 12.41 -9.57
C ASP E 43 -2.01 12.44 -10.63
N GLU E 44 -0.79 12.73 -10.21
CA GLU E 44 0.34 12.82 -11.14
C GLU E 44 0.77 11.45 -11.66
N LYS E 45 0.65 10.40 -10.85
CA LYS E 45 1.08 9.09 -11.30
C LYS E 45 0.15 8.53 -12.38
N ASN E 46 -1.17 8.64 -12.20
CA ASN E 46 -2.10 8.21 -13.23
C ASN E 46 -2.43 9.30 -14.24
N GLN E 47 -2.05 10.52 -13.98
CA GLN E 47 -2.26 11.62 -14.92
C GLN E 47 -3.75 11.92 -15.09
N VAL E 48 -4.43 12.13 -13.98
CA VAL E 48 -5.88 12.34 -13.97
C VAL E 48 -6.22 13.49 -13.04
N LEU E 49 -7.16 14.33 -13.46
CA LEU E 49 -7.66 15.44 -12.67
C LEU E 49 -9.10 15.16 -12.27
N THR E 50 -9.40 15.30 -10.98
CA THR E 50 -10.74 15.12 -10.44
C THR E 50 -11.28 16.46 -9.95
N THR E 51 -12.45 16.84 -10.43
CA THR E 51 -13.04 18.13 -10.11
C THR E 51 -14.53 17.97 -9.81
N ASN E 52 -15.05 18.92 -9.05
CA ASN E 52 -16.50 19.05 -8.81
C ASN E 52 -16.95 20.26 -9.63
N ILE E 53 -17.74 20.02 -10.67
CA ILE E 53 -18.18 21.05 -11.59
C ILE E 53 -19.70 21.01 -11.76
N TRP E 54 -20.28 22.15 -12.09
CA TRP E 54 -21.67 22.26 -12.51
C TRP E 54 -21.66 22.72 -13.96
N LEU E 55 -22.02 21.83 -14.89
CA LEU E 55 -22.16 22.24 -16.27
C LEU E 55 -23.34 23.19 -16.41
N GLN E 56 -23.28 24.05 -17.43
CA GLN E 56 -24.36 24.99 -17.72
C GLN E 56 -24.66 24.95 -19.21
N MET E 57 -25.87 24.53 -19.53
CA MET E 57 -26.31 24.56 -20.90
C MET E 57 -27.60 25.35 -20.97
N SER E 58 -27.81 26.11 -22.01
CA SER E 58 -29.04 26.86 -22.20
C SER E 58 -29.33 26.99 -23.67
N TRP E 59 -30.60 26.83 -24.03
CA TRP E 59 -31.03 26.89 -25.42
C TRP E 59 -32.50 27.29 -25.43
N THR E 60 -33.09 27.30 -26.62
CA THR E 60 -34.49 27.65 -26.80
C THR E 60 -35.24 26.47 -27.39
N ASP E 61 -36.31 26.06 -26.74
CA ASP E 61 -37.18 25.00 -27.23
C ASP E 61 -38.40 25.66 -27.86
N HIS E 62 -38.56 25.45 -29.17
CA HIS E 62 -39.61 26.13 -29.91
C HIS E 62 -41.01 25.69 -29.49
N TYR E 63 -41.14 24.48 -28.96
CA TYR E 63 -42.45 23.93 -28.65
C TYR E 63 -42.89 24.18 -27.22
N LEU E 64 -41.97 24.46 -26.32
CA LEU E 64 -42.30 24.61 -24.90
C LEU E 64 -42.47 26.08 -24.54
N GLN E 65 -43.46 26.71 -25.17
CA GLN E 65 -43.84 28.08 -24.86
C GLN E 65 -45.32 28.11 -24.51
N TRP E 66 -45.72 29.10 -23.73
CA TRP E 66 -47.13 29.27 -23.38
C TRP E 66 -47.38 30.73 -23.04
N ASN E 67 -48.65 31.08 -22.93
CA ASN E 67 -49.07 32.44 -22.59
C ASN E 67 -49.41 32.46 -21.10
N VAL E 68 -48.60 33.20 -20.33
CA VAL E 68 -48.75 33.19 -18.88
C VAL E 68 -50.09 33.77 -18.43
N SER E 69 -50.77 34.51 -19.30
CA SER E 69 -52.09 34.99 -18.95
C SER E 69 -53.10 33.85 -18.88
N GLU E 70 -52.96 32.87 -19.78
CA GLU E 70 -53.84 31.70 -19.77
C GLU E 70 -53.49 30.70 -18.67
N TYR E 71 -52.35 30.87 -18.00
CA TYR E 71 -51.95 30.00 -16.89
C TYR E 71 -51.40 30.87 -15.77
N PRO E 72 -52.26 31.61 -15.10
CA PRO E 72 -51.77 32.56 -14.08
C PRO E 72 -50.94 31.86 -13.01
N GLY E 73 -49.77 32.42 -12.74
CA GLY E 73 -48.88 31.90 -11.72
C GLY E 73 -47.90 30.85 -12.18
N VAL E 74 -48.06 30.29 -13.37
CA VAL E 74 -47.19 29.22 -13.85
C VAL E 74 -46.16 29.87 -14.78
N LYS E 75 -45.06 30.31 -14.19
CA LYS E 75 -43.99 30.93 -14.96
C LYS E 75 -42.96 29.93 -15.47
N THR E 76 -42.85 28.74 -14.86
CA THR E 76 -41.84 27.79 -15.27
C THR E 76 -42.38 26.37 -15.09
N VAL E 77 -41.77 25.45 -15.83
CA VAL E 77 -42.04 24.01 -15.71
C VAL E 77 -40.70 23.30 -15.64
N ARG E 78 -40.74 22.01 -15.35
CA ARG E 78 -39.51 21.25 -15.22
C ARG E 78 -39.72 19.89 -15.87
N PHE E 79 -38.68 19.35 -16.49
CA PHE E 79 -38.77 18.05 -17.10
C PHE E 79 -37.54 17.21 -16.76
N PRO E 80 -37.72 15.95 -16.41
CA PRO E 80 -36.56 15.08 -16.15
C PRO E 80 -36.02 14.48 -17.44
N ASP E 81 -35.00 13.64 -17.27
CA ASP E 81 -34.32 13.00 -18.39
C ASP E 81 -35.27 12.10 -19.19
N GLY E 82 -35.33 12.33 -20.49
CA GLY E 82 -36.08 11.49 -21.41
C GLY E 82 -37.40 12.05 -21.87
N GLN E 83 -37.95 13.03 -21.17
CA GLN E 83 -39.21 13.64 -21.54
C GLN E 83 -39.04 14.94 -22.33
N ILE E 84 -37.80 15.33 -22.62
CA ILE E 84 -37.49 16.61 -23.24
C ILE E 84 -36.22 16.43 -24.06
N TRP E 85 -36.11 17.19 -25.15
CA TRP E 85 -34.88 17.18 -25.93
C TRP E 85 -33.77 17.91 -25.17
N LYS E 86 -32.60 17.29 -25.14
CA LYS E 86 -31.42 17.87 -24.52
C LYS E 86 -30.22 17.74 -25.44
N PRO E 87 -29.28 18.67 -25.39
CA PRO E 87 -28.00 18.47 -26.09
C PRO E 87 -27.19 17.36 -25.44
N ASP E 88 -26.53 16.57 -26.28
CA ASP E 88 -25.76 15.41 -25.82
C ASP E 88 -24.27 15.76 -25.70
N ILE E 89 -23.98 16.70 -24.80
CA ILE E 89 -22.64 17.21 -24.63
C ILE E 89 -21.90 16.33 -23.62
N LEU E 90 -20.74 15.80 -24.03
CA LEU E 90 -19.91 14.96 -23.19
C LEU E 90 -18.53 15.58 -23.04
N LEU E 91 -17.83 15.15 -22.00
CA LEU E 91 -16.42 15.50 -21.81
C LEU E 91 -15.58 14.54 -22.63
N TYR E 92 -14.89 15.06 -23.65
CA TYR E 92 -14.19 14.20 -24.59
C TYR E 92 -13.05 13.43 -23.92
N ASN E 93 -12.20 14.13 -23.17
CA ASN E 93 -11.03 13.50 -22.55
C ASN E 93 -11.37 12.95 -21.16
N SER E 94 -12.42 12.14 -21.08
CA SER E 94 -12.85 11.58 -19.81
C SER E 94 -11.99 10.37 -19.44
N ALA E 95 -11.62 10.29 -18.17
CA ALA E 95 -10.92 9.15 -17.63
C ALA E 95 -11.81 8.30 -16.72
N ASP E 96 -13.10 8.59 -16.66
CA ASP E 96 -14.02 7.83 -15.83
C ASP E 96 -14.44 6.54 -16.50
N GLU E 97 -14.55 5.47 -15.71
CA GLU E 97 -14.86 4.16 -16.28
C GLU E 97 -16.24 4.10 -16.91
N ARG E 98 -17.20 4.88 -16.40
CA ARG E 98 -18.49 5.03 -17.08
C ARG E 98 -18.42 6.03 -18.23
N PHE E 99 -17.34 6.79 -18.31
CA PHE E 99 -17.07 7.78 -19.36
C PHE E 99 -17.94 9.02 -19.25
N ASP E 100 -18.97 8.98 -18.42
CA ASP E 100 -19.86 10.13 -18.28
C ASP E 100 -20.35 10.16 -16.84
N ALA E 101 -19.76 11.05 -16.04
CA ALA E 101 -20.07 11.18 -14.63
C ALA E 101 -21.17 12.18 -14.36
N THR E 102 -21.81 12.71 -15.40
CA THR E 102 -22.86 13.69 -15.21
C THR E 102 -24.03 13.09 -14.43
N PHE E 103 -24.45 13.78 -13.38
CA PHE E 103 -25.69 13.44 -12.69
C PHE E 103 -26.84 14.22 -13.33
N HIS E 104 -27.78 13.49 -13.90
CA HIS E 104 -28.85 14.09 -14.70
C HIS E 104 -29.91 14.71 -13.79
N THR E 105 -30.14 16.00 -13.97
CA THR E 105 -31.11 16.77 -13.20
C THR E 105 -32.19 17.29 -14.14
N ASN E 106 -33.07 18.14 -13.61
CA ASN E 106 -34.20 18.67 -14.39
C ASN E 106 -33.73 19.73 -15.38
N VAL E 107 -34.53 19.90 -16.42
CA VAL E 107 -34.44 21.04 -17.32
C VAL E 107 -35.53 22.03 -16.91
N LEU E 108 -35.14 23.27 -16.65
CA LEU E 108 -36.07 24.32 -16.25
C LEU E 108 -36.38 25.20 -17.45
N VAL E 109 -37.66 25.28 -17.81
CA VAL E 109 -38.11 26.03 -18.99
C VAL E 109 -39.04 27.13 -18.54
N ASN E 110 -38.91 28.32 -19.12
CA ASN E 110 -39.81 29.43 -18.80
C ASN E 110 -40.83 29.56 -19.92
N SER E 111 -41.75 30.52 -19.77
CA SER E 111 -42.89 30.64 -20.68
C SER E 111 -42.52 31.03 -22.10
N SER E 112 -41.27 31.41 -22.39
CA SER E 112 -40.87 31.73 -23.75
C SER E 112 -40.03 30.63 -24.38
N GLY E 113 -39.83 29.51 -23.68
CA GLY E 113 -39.14 28.37 -24.21
C GLY E 113 -37.67 28.29 -23.89
N HIS E 114 -37.12 29.28 -23.18
CA HIS E 114 -35.73 29.22 -22.75
CA HIS E 114 -35.73 29.22 -22.75
C HIS E 114 -35.53 28.09 -21.76
N CYS E 115 -34.66 27.15 -22.09
CA CYS E 115 -34.38 25.97 -21.28
C CYS E 115 -33.00 26.10 -20.62
N GLN E 116 -32.95 25.84 -19.32
CA GLN E 116 -31.69 25.82 -18.58
C GLN E 116 -31.48 24.42 -18.05
N TYR E 117 -30.23 23.97 -18.06
CA TYR E 117 -29.90 22.62 -17.61
C TYR E 117 -28.52 22.70 -16.96
N LEU E 118 -28.45 22.37 -15.68
CA LEU E 118 -27.24 22.56 -14.88
C LEU E 118 -26.90 21.28 -14.12
N PRO E 119 -26.56 20.20 -14.82
CA PRO E 119 -26.21 18.97 -14.13
C PRO E 119 -24.91 19.10 -13.35
N PRO E 120 -24.86 18.61 -12.12
CA PRO E 120 -23.59 18.54 -11.40
C PRO E 120 -22.84 17.25 -11.72
N GLY E 121 -21.56 17.23 -11.36
CA GLY E 121 -20.78 16.03 -11.52
C GLY E 121 -19.43 16.02 -10.84
N ILE E 122 -18.94 14.82 -10.54
CA ILE E 122 -17.54 14.61 -10.16
C ILE E 122 -16.86 14.10 -11.42
N PHE E 123 -16.06 14.94 -12.06
CA PHE E 123 -15.46 14.63 -13.35
C PHE E 123 -14.02 14.20 -13.18
N LYS E 124 -13.66 13.09 -13.81
CA LYS E 124 -12.30 12.60 -13.95
C LYS E 124 -11.86 12.85 -15.38
N SER E 125 -10.79 13.62 -15.56
CA SER E 125 -10.32 13.99 -16.88
C SER E 125 -8.85 13.64 -17.02
N SER E 126 -8.46 13.30 -18.24
CA SER E 126 -7.07 13.01 -18.56
C SER E 126 -6.35 14.29 -18.95
N CYS E 127 -5.25 14.58 -18.27
CA CYS E 127 -4.39 15.68 -18.68
C CYS E 127 -2.94 15.34 -18.45
N TYR E 128 -2.10 15.73 -19.39
CA TYR E 128 -0.66 15.64 -19.21
C TYR E 128 -0.22 16.48 -18.02
N ILE E 129 0.33 15.82 -17.01
CA ILE E 129 0.82 16.48 -15.81
C ILE E 129 2.34 16.48 -15.89
N ASP E 130 2.92 17.65 -16.15
CA ASP E 130 4.36 17.77 -16.34
C ASP E 130 5.05 17.87 -14.98
N VAL E 131 5.93 16.91 -14.69
CA VAL E 131 6.65 16.89 -13.44
C VAL E 131 8.11 17.33 -13.61
N ARG E 132 8.43 17.95 -14.74
CA ARG E 132 9.80 18.37 -14.98
C ARG E 132 10.31 19.27 -13.86
N TRP E 133 9.47 20.20 -13.41
CA TRP E 133 9.83 21.19 -12.40
C TRP E 133 9.27 20.87 -11.02
N PHE E 134 8.82 19.65 -10.80
CA PHE E 134 8.23 19.30 -9.52
C PHE E 134 9.25 19.49 -8.40
N PRO E 135 8.85 20.06 -7.26
CA PRO E 135 7.51 20.50 -6.86
C PRO E 135 7.17 21.95 -7.20
N PHE E 136 7.99 22.64 -7.98
CA PHE E 136 7.71 24.03 -8.36
C PHE E 136 7.00 24.11 -9.71
N ASP E 137 5.92 23.37 -9.88
CA ASP E 137 5.32 23.18 -11.19
C ASP E 137 3.98 23.91 -11.31
N VAL E 138 3.64 24.23 -12.55
CA VAL E 138 2.34 24.77 -12.93
C VAL E 138 1.74 23.80 -13.94
N GLN E 139 0.49 23.41 -13.71
CA GLN E 139 -0.20 22.46 -14.58
C GLN E 139 -1.28 23.17 -15.38
N HIS E 140 -1.46 22.74 -16.61
CA HIS E 140 -2.50 23.23 -17.51
C HIS E 140 -3.32 22.02 -17.97
N CYS E 141 -4.43 21.75 -17.30
CA CYS E 141 -5.26 20.60 -17.60
C CYS E 141 -6.50 21.04 -18.37
N LYS E 142 -6.74 20.42 -19.52
CA LYS E 142 -7.84 20.80 -20.38
C LYS E 142 -9.07 19.95 -20.11
N LEU E 143 -10.23 20.58 -20.23
CA LEU E 143 -11.52 19.90 -20.20
C LEU E 143 -12.23 20.26 -21.49
N LYS E 144 -12.38 19.28 -22.38
CA LYS E 144 -12.91 19.49 -23.71
C LYS E 144 -14.33 18.95 -23.79
N PHE E 145 -15.30 19.84 -23.96
CA PHE E 145 -16.70 19.48 -24.04
C PHE E 145 -17.22 19.69 -25.45
N GLY E 146 -18.11 18.81 -25.88
CA GLY E 146 -18.72 18.97 -27.19
C GLY E 146 -19.86 18.01 -27.38
N SER E 147 -20.77 18.40 -28.26
CA SER E 147 -21.86 17.50 -28.67
C SER E 147 -21.28 16.28 -29.38
N TRP E 148 -21.72 15.10 -28.99
CA TRP E 148 -21.16 13.90 -29.57
C TRP E 148 -21.70 13.61 -30.96
N SER E 149 -23.01 13.72 -31.17
CA SER E 149 -23.63 13.28 -32.41
C SER E 149 -24.23 14.40 -33.26
N TYR E 150 -24.12 15.66 -32.83
CA TYR E 150 -24.63 16.79 -33.60
C TYR E 150 -23.45 17.63 -34.06
N GLY E 151 -23.29 17.76 -35.37
CA GLY E 151 -22.22 18.58 -35.92
C GLY E 151 -22.62 20.04 -36.01
N GLY E 152 -21.69 20.84 -36.53
CA GLY E 152 -21.88 22.28 -36.60
C GLY E 152 -23.08 22.72 -37.42
N TRP E 153 -23.57 21.87 -38.32
CA TRP E 153 -24.72 22.25 -39.13
C TRP E 153 -26.04 22.14 -38.37
N SER E 154 -26.09 21.38 -37.27
CA SER E 154 -27.31 21.22 -36.49
C SER E 154 -27.25 21.89 -35.12
N LEU E 155 -26.15 21.73 -34.40
CA LEU E 155 -25.98 22.32 -33.07
C LEU E 155 -24.87 23.34 -33.12
N ASP E 156 -25.20 24.59 -32.84
CA ASP E 156 -24.24 25.70 -32.86
C ASP E 156 -23.78 25.97 -31.42
N LEU E 157 -22.74 25.26 -31.00
CA LEU E 157 -22.25 25.39 -29.64
C LEU E 157 -21.52 26.73 -29.48
N GLN E 158 -21.89 27.46 -28.43
CA GLN E 158 -21.31 28.77 -28.14
C GLN E 158 -20.86 28.80 -26.69
N MET E 159 -19.75 29.48 -26.44
CA MET E 159 -19.09 29.46 -25.15
C MET E 159 -19.40 30.72 -24.34
N GLN E 160 -19.42 30.55 -23.03
CA GLN E 160 -19.49 31.65 -22.08
C GLN E 160 -18.43 31.43 -21.01
N GLU E 161 -18.00 32.52 -20.39
CA GLU E 161 -16.89 32.46 -19.43
C GLU E 161 -17.24 31.58 -18.24
N ALA E 162 -16.27 30.81 -17.78
CA ALA E 162 -16.48 29.92 -16.65
C ALA E 162 -16.69 30.72 -15.36
N ASP E 163 -17.53 30.18 -14.48
CA ASP E 163 -17.87 30.78 -13.20
C ASP E 163 -16.98 30.17 -12.11
N ILE E 164 -16.37 31.03 -11.30
CA ILE E 164 -15.51 30.58 -10.21
C ILE E 164 -15.92 31.24 -8.91
N SER E 165 -17.04 31.95 -8.90
CA SER E 165 -17.46 32.65 -7.70
C SER E 165 -17.72 31.70 -6.54
N GLY E 166 -18.03 30.44 -6.83
CA GLY E 166 -18.22 29.43 -5.81
C GLY E 166 -17.02 28.54 -5.56
N TYR E 167 -15.86 28.85 -6.14
CA TYR E 167 -14.70 27.99 -6.01
C TYR E 167 -14.22 27.92 -4.56
N ILE E 168 -14.01 26.70 -4.08
CA ILE E 168 -13.46 26.45 -2.75
C ILE E 168 -11.96 26.23 -2.91
N PRO E 169 -11.11 27.02 -2.24
CA PRO E 169 -9.66 26.86 -2.44
C PRO E 169 -9.15 25.48 -2.03
N ASN E 170 -8.18 25.00 -2.78
CA ASN E 170 -7.48 23.76 -2.49
C ASN E 170 -6.20 24.08 -1.74
N GLY E 171 -5.94 23.35 -0.65
CA GLY E 171 -4.75 23.63 0.14
C GLY E 171 -3.46 23.30 -0.56
N GLU E 172 -3.52 22.45 -1.58
CA GLU E 172 -2.33 22.07 -2.34
C GLU E 172 -2.14 22.86 -3.61
N TRP E 173 -3.22 23.28 -4.26
CA TRP E 173 -3.16 23.88 -5.59
C TRP E 173 -3.77 25.27 -5.56
N ASP E 174 -3.04 26.23 -6.12
CA ASP E 174 -3.47 27.62 -6.22
C ASP E 174 -4.06 27.85 -7.60
N LEU E 175 -5.37 28.03 -7.67
CA LEU E 175 -6.05 28.23 -8.95
C LEU E 175 -5.60 29.54 -9.58
N VAL E 176 -4.92 29.45 -10.72
CA VAL E 176 -4.52 30.63 -11.47
C VAL E 176 -5.63 31.13 -12.38
N GLY E 177 -6.29 30.24 -13.11
CA GLY E 177 -7.41 30.66 -13.94
C GLY E 177 -8.03 29.48 -14.65
N ILE E 178 -9.11 29.77 -15.36
CA ILE E 178 -9.81 28.78 -16.17
C ILE E 178 -10.38 29.47 -17.41
N PRO E 179 -9.54 29.87 -18.36
CA PRO E 179 -10.06 30.42 -19.62
C PRO E 179 -10.61 29.33 -20.52
N GLY E 180 -11.42 29.76 -21.47
CA GLY E 180 -12.06 28.86 -22.40
C GLY E 180 -11.86 29.31 -23.84
N LYS E 181 -11.92 28.33 -24.74
CA LYS E 181 -11.77 28.59 -26.17
C LYS E 181 -12.75 27.72 -26.94
N ARG E 182 -13.40 28.30 -27.94
CA ARG E 182 -14.34 27.60 -28.80
C ARG E 182 -13.69 27.36 -30.16
N SER E 183 -13.56 26.09 -30.54
CA SER E 183 -12.97 25.71 -31.81
C SER E 183 -13.96 24.87 -32.62
N GLU E 184 -13.68 24.73 -33.91
CA GLU E 184 -14.46 23.89 -34.81
C GLU E 184 -13.50 22.98 -35.56
N ARG E 185 -13.59 21.67 -35.32
CA ARG E 185 -12.62 20.71 -35.84
C ARG E 185 -13.27 19.66 -36.73
N PHE E 186 -12.51 19.20 -37.72
CA PHE E 186 -12.90 18.10 -38.60
C PHE E 186 -12.29 16.80 -38.10
N TYR E 187 -13.08 15.73 -38.17
CA TYR E 187 -12.65 14.38 -37.79
C TYR E 187 -12.76 13.45 -38.98
N GLU E 188 -11.97 12.38 -38.95
CA GLU E 188 -11.98 11.41 -40.04
C GLU E 188 -13.31 10.71 -40.19
N CYS E 189 -14.12 10.65 -39.13
CA CYS E 189 -15.41 9.98 -39.23
C CYS E 189 -16.31 10.65 -40.25
N CYS E 190 -16.33 11.98 -40.26
CA CYS E 190 -17.45 12.72 -40.78
C CYS E 190 -16.98 13.95 -41.55
N LYS E 191 -17.69 14.27 -42.64
CA LYS E 191 -17.34 15.47 -43.40
C LYS E 191 -17.75 16.73 -42.67
N GLU E 192 -18.81 16.65 -41.87
CA GLU E 192 -19.28 17.81 -41.13
C GLU E 192 -18.31 18.13 -40.00
N PRO E 193 -18.04 19.41 -39.74
CA PRO E 193 -17.21 19.77 -38.60
C PRO E 193 -17.99 19.71 -37.30
N TYR E 194 -17.25 19.52 -36.21
CA TYR E 194 -17.84 19.47 -34.88
C TYR E 194 -17.20 20.54 -34.01
N PRO E 195 -17.97 21.43 -33.39
CA PRO E 195 -17.39 22.41 -32.48
C PRO E 195 -17.24 21.89 -31.06
N ASP E 196 -16.20 22.39 -30.40
CA ASP E 196 -15.94 22.06 -29.01
C ASP E 196 -15.64 23.34 -28.23
N VAL E 197 -15.89 23.28 -26.93
CA VAL E 197 -15.52 24.33 -25.99
C VAL E 197 -14.56 23.70 -24.99
N THR E 198 -13.35 24.24 -24.90
CA THR E 198 -12.31 23.71 -24.04
C THR E 198 -11.91 24.73 -22.99
N PHE E 199 -11.98 24.33 -21.73
CA PHE E 199 -11.53 25.15 -20.60
C PHE E 199 -10.23 24.58 -20.08
N THR E 200 -9.24 25.44 -19.89
CA THR E 200 -7.92 25.05 -19.41
C THR E 200 -7.77 25.50 -17.95
N VAL E 201 -7.79 24.55 -17.03
CA VAL E 201 -7.55 24.83 -15.63
C VAL E 201 -6.05 24.97 -15.43
N THR E 202 -5.60 26.18 -15.12
CA THR E 202 -4.20 26.44 -14.80
C THR E 202 -4.06 26.55 -13.29
N MET E 203 -3.21 25.71 -12.71
CA MET E 203 -3.04 25.62 -11.27
C MET E 203 -1.55 25.63 -10.92
N ARG E 204 -1.22 26.34 -9.86
CA ARG E 204 0.14 26.38 -9.33
C ARG E 204 0.22 25.55 -8.06
N ARG E 205 1.18 24.65 -7.99
CA ARG E 205 1.39 23.85 -6.79
C ARG E 205 1.96 24.72 -5.68
N ARG E 206 1.46 24.52 -4.42
CA ARG E 206 1.95 25.23 -3.25
C ARG E 206 3.08 24.39 -2.64
N THR E 207 4.26 24.99 -2.48
CA THR E 207 5.48 24.25 -2.21
C THR E 207 5.85 24.15 -0.73
N LEU E 208 5.09 24.76 0.18
CA LEU E 208 5.46 24.71 1.59
C LEU E 208 5.53 23.26 2.08
N TYR E 209 4.51 22.46 1.74
CA TYR E 209 4.47 21.09 2.24
C TYR E 209 5.70 20.29 1.80
N TYR E 210 6.02 20.36 0.51
CA TYR E 210 7.16 19.58 0.01
C TYR E 210 8.48 20.20 0.42
N GLY E 211 8.53 21.53 0.61
CA GLY E 211 9.76 22.13 1.09
C GLY E 211 10.14 21.64 2.47
N LEU E 212 9.18 21.64 3.40
CA LEU E 212 9.47 21.21 4.76
C LEU E 212 9.53 19.70 4.92
N ASN E 213 8.92 18.94 4.01
CA ASN E 213 8.84 17.49 4.16
C ASN E 213 9.73 16.72 3.21
N LEU E 214 10.18 17.33 2.11
CA LEU E 214 10.98 16.63 1.12
C LEU E 214 12.32 17.31 0.86
N LEU E 215 12.32 18.61 0.58
CA LEU E 215 13.56 19.28 0.18
C LEU E 215 14.48 19.52 1.37
N ILE E 216 13.98 20.17 2.41
CA ILE E 216 14.82 20.48 3.57
C ILE E 216 15.37 19.22 4.24
N PRO E 217 14.53 18.24 4.63
CA PRO E 217 15.07 16.98 5.13
C PRO E 217 16.29 16.49 4.36
N CYS E 218 16.16 16.40 3.04
CA CYS E 218 17.27 15.90 2.21
C CYS E 218 18.50 16.77 2.37
N VAL E 219 18.34 18.10 2.36
CA VAL E 219 19.49 18.99 2.49
C VAL E 219 20.23 18.71 3.78
N LEU E 220 19.50 18.59 4.89
CA LEU E 220 20.14 18.37 6.19
C LEU E 220 20.88 17.04 6.23
N ILE E 221 20.27 15.99 5.69
CA ILE E 221 20.89 14.67 5.77
C ILE E 221 22.12 14.59 4.88
N SER E 222 22.14 15.33 3.76
CA SER E 222 23.36 15.40 2.96
C SER E 222 24.47 16.09 3.74
N ALA E 223 24.13 17.13 4.49
CA ALA E 223 25.12 17.84 5.29
C ALA E 223 25.80 16.91 6.28
N LEU E 224 25.06 15.96 6.86
CA LEU E 224 25.66 15.00 7.77
C LEU E 224 26.72 14.15 7.10
N ALA E 225 26.53 13.85 5.80
CA ALA E 225 27.54 13.10 5.07
C ALA E 225 28.89 13.82 5.09
N LEU E 226 28.88 15.12 4.83
CA LEU E 226 30.12 15.89 4.87
C LEU E 226 30.74 15.91 6.25
N LEU E 227 29.96 15.59 7.28
CA LEU E 227 30.48 15.55 8.64
C LEU E 227 31.58 14.50 8.80
N VAL E 228 31.66 13.54 7.86
CA VAL E 228 32.67 12.48 7.96
C VAL E 228 34.06 13.07 7.85
N PHE E 229 34.23 14.12 7.04
CA PHE E 229 35.54 14.75 6.86
C PHE E 229 35.99 15.54 8.08
N LEU E 230 35.25 15.48 9.18
CA LEU E 230 35.67 16.05 10.45
C LEU E 230 35.86 15.00 11.53
N LEU E 231 35.37 13.78 11.30
CA LEU E 231 35.47 12.72 12.28
C LEU E 231 36.88 12.14 12.26
N PRO E 232 37.59 12.10 13.39
CA PRO E 232 38.94 11.51 13.39
C PRO E 232 38.91 10.05 12.95
N ALA E 233 39.99 9.64 12.28
CA ALA E 233 40.08 8.27 11.78
C ALA E 233 40.13 7.24 12.90
N ASP E 234 40.75 7.58 14.03
CA ASP E 234 40.87 6.63 15.13
C ASP E 234 39.53 6.33 15.80
N SER E 235 38.51 7.16 15.59
CA SER E 235 37.18 6.81 16.07
C SER E 235 36.71 5.48 15.51
N GLY E 236 37.20 5.11 14.33
CA GLY E 236 36.78 3.87 13.70
C GLY E 236 35.32 3.82 13.32
N GLU E 237 34.73 4.96 12.98
CA GLU E 237 33.31 5.04 12.63
C GLU E 237 33.07 5.84 11.35
N LYS E 238 34.13 6.16 10.60
CA LYS E 238 33.96 6.95 9.39
C LYS E 238 33.07 6.26 8.37
N ILE E 239 33.26 4.95 8.18
CA ILE E 239 32.51 4.24 7.14
C ILE E 239 31.06 4.02 7.57
N SER E 240 30.80 3.91 8.87
CA SER E 240 29.43 3.67 9.31
C SER E 240 28.57 4.91 9.12
N LEU E 241 29.12 6.09 9.42
CA LEU E 241 28.39 7.33 9.19
C LEU E 241 27.99 7.48 7.72
N GLY E 242 28.96 7.30 6.81
CA GLY E 242 28.69 7.55 5.41
C GLY E 242 27.67 6.59 4.80
N ILE E 243 27.91 5.28 4.97
CA ILE E 243 27.02 4.30 4.37
C ILE E 243 25.63 4.36 4.99
N THR E 244 25.54 4.75 6.26
CA THR E 244 24.23 4.89 6.89
C THR E 244 23.45 6.00 6.22
N VAL E 245 24.08 7.15 6.01
CA VAL E 245 23.42 8.23 5.29
C VAL E 245 22.99 7.75 3.90
N LEU E 246 23.84 6.96 3.24
CA LEU E 246 23.52 6.49 1.90
C LEU E 246 22.29 5.58 1.92
N LEU E 247 22.21 4.67 2.88
CA LEU E 247 21.05 3.80 2.97
C LEU E 247 19.79 4.62 3.20
N SER E 248 19.88 5.63 4.08
CA SER E 248 18.74 6.50 4.35
C SER E 248 18.29 7.22 3.08
N LEU E 249 19.21 7.75 2.30
CA LEU E 249 18.82 8.51 1.13
C LEU E 249 18.24 7.60 0.05
N THR E 250 18.63 6.32 0.03
CA THR E 250 18.05 5.42 -0.97
C THR E 250 16.58 5.21 -0.69
N VAL E 251 16.22 4.97 0.57
CA VAL E 251 14.80 4.90 0.94
C VAL E 251 14.08 6.18 0.55
N PHE E 252 14.69 7.33 0.80
CA PHE E 252 14.07 8.59 0.42
C PHE E 252 13.79 8.69 -1.09
N MET E 253 14.67 8.18 -1.93
CA MET E 253 14.37 8.23 -3.35
C MET E 253 13.14 7.38 -3.66
N LEU E 254 13.09 6.18 -3.14
CA LEU E 254 11.92 5.33 -3.29
C LEU E 254 10.69 5.96 -2.68
N LEU E 255 10.81 6.77 -1.66
CA LEU E 255 9.59 7.44 -1.21
C LEU E 255 9.05 8.41 -2.27
N VAL E 256 9.93 9.18 -2.93
CA VAL E 256 9.48 10.02 -4.01
C VAL E 256 9.00 9.19 -5.21
N ALA E 257 9.44 7.94 -5.29
CA ALA E 257 9.06 7.07 -6.40
C ALA E 257 7.57 6.79 -6.40
N GLU E 258 6.95 6.73 -5.23
CA GLU E 258 5.53 6.41 -5.11
C GLU E 258 4.61 7.51 -5.60
N ILE E 259 5.12 8.72 -5.85
CA ILE E 259 4.27 9.85 -6.22
C ILE E 259 4.53 10.35 -7.63
N MET E 260 5.61 9.92 -8.28
CA MET E 260 5.94 10.44 -9.58
C MET E 260 5.53 9.47 -10.68
N PRO E 261 5.08 9.95 -11.83
CA PRO E 261 4.79 9.03 -12.94
C PRO E 261 6.08 8.46 -13.51
N ALA E 262 5.95 7.29 -14.14
CA ALA E 262 7.09 6.60 -14.74
C ALA E 262 7.29 7.00 -16.20
N THR E 263 7.30 8.31 -16.48
CA THR E 263 7.45 8.81 -17.84
C THR E 263 8.90 9.16 -18.13
N SER E 264 9.20 9.33 -19.43
CA SER E 264 10.55 9.58 -19.91
C SER E 264 10.63 10.86 -20.74
N ASP E 265 9.67 11.77 -20.58
CA ASP E 265 9.72 13.02 -21.33
C ASP E 265 10.87 13.90 -20.85
N SER E 266 11.24 13.81 -19.58
CA SER E 266 12.31 14.61 -19.03
C SER E 266 12.71 14.03 -17.68
N VAL E 267 13.94 14.32 -17.26
CA VAL E 267 14.37 13.99 -15.90
C VAL E 267 13.84 15.09 -14.99
N PRO E 268 13.01 14.77 -13.99
CA PRO E 268 12.45 15.82 -13.15
C PRO E 268 13.51 16.56 -12.33
N LEU E 269 13.14 17.74 -11.87
CA LEU E 269 14.03 18.52 -11.01
C LEU E 269 14.35 17.77 -9.73
N ILE E 270 13.35 17.12 -9.12
CA ILE E 270 13.57 16.40 -7.88
C ILE E 270 14.49 15.20 -8.11
N ALA E 271 14.36 14.54 -9.26
CA ALA E 271 15.25 13.44 -9.58
C ALA E 271 16.70 13.92 -9.69
N GLN E 272 16.92 15.07 -10.33
CA GLN E 272 18.27 15.61 -10.44
C GLN E 272 18.84 15.92 -9.07
N TYR E 273 18.04 16.53 -8.19
CA TYR E 273 18.53 16.88 -6.87
C TYR E 273 18.93 15.64 -6.09
N PHE E 274 18.11 14.59 -6.12
CA PHE E 274 18.47 13.35 -5.45
C PHE E 274 19.67 12.69 -6.10
N ALA E 275 19.72 12.67 -7.43
CA ALA E 275 20.91 12.17 -8.12
C ALA E 275 22.15 12.88 -7.60
N SER E 276 22.22 14.20 -7.80
CA SER E 276 23.40 14.95 -7.40
C SER E 276 23.80 14.64 -5.96
N THR E 277 22.82 14.63 -5.06
CA THR E 277 23.14 14.39 -3.66
C THR E 277 23.70 12.98 -3.45
N MET E 278 23.13 11.99 -4.14
CA MET E 278 23.56 10.61 -3.93
C MET E 278 24.99 10.38 -4.37
N ILE E 279 25.40 10.91 -5.52
CA ILE E 279 26.79 10.77 -5.94
C ILE E 279 27.72 11.50 -4.97
N ILE E 280 27.29 12.64 -4.44
CA ILE E 280 28.13 13.36 -3.49
C ILE E 280 28.35 12.52 -2.24
N VAL E 281 27.29 11.93 -1.69
CA VAL E 281 27.45 11.07 -0.52
C VAL E 281 28.25 9.82 -0.89
N GLY E 282 27.97 9.24 -2.05
CA GLY E 282 28.73 8.07 -2.47
C GLY E 282 30.20 8.38 -2.70
N LEU E 283 30.48 9.53 -3.31
CA LEU E 283 31.87 9.93 -3.52
C LEU E 283 32.59 10.19 -2.21
N SER E 284 31.88 10.72 -1.20
CA SER E 284 32.50 10.91 0.10
C SER E 284 32.92 9.59 0.73
N VAL E 285 32.15 8.52 0.49
CA VAL E 285 32.55 7.20 0.97
C VAL E 285 33.84 6.77 0.29
N VAL E 286 33.96 7.00 -1.02
CA VAL E 286 35.18 6.65 -1.73
C VAL E 286 36.37 7.40 -1.13
N VAL E 287 36.20 8.71 -0.90
CA VAL E 287 37.28 9.51 -0.32
C VAL E 287 37.63 9.00 1.07
N THR E 288 36.64 8.57 1.83
CA THR E 288 36.92 8.07 3.18
C THR E 288 37.84 6.85 3.13
N VAL E 289 37.61 5.97 2.16
CA VAL E 289 38.48 4.80 2.00
C VAL E 289 39.91 5.25 1.71
N ILE E 290 40.08 6.25 0.85
CA ILE E 290 41.42 6.77 0.56
C ILE E 290 42.04 7.34 1.82
N VAL E 291 41.29 8.12 2.58
CA VAL E 291 41.82 8.72 3.80
C VAL E 291 42.25 7.65 4.78
N LEU E 292 41.40 6.63 4.97
CA LEU E 292 41.73 5.54 5.89
C LEU E 292 42.94 4.76 5.40
N GLN E 293 43.06 4.59 4.08
CA GLN E 293 44.19 3.87 3.52
C GLN E 293 45.52 4.54 3.87
N TYR E 294 45.55 5.88 3.88
CA TYR E 294 46.73 6.58 4.35
C TYR E 294 46.92 6.43 5.86
N HIS E 295 45.85 6.64 6.63
CA HIS E 295 45.97 6.66 8.07
C HIS E 295 46.47 5.32 8.61
N HIS E 296 46.19 4.24 7.89
CA HIS E 296 46.58 2.90 8.29
C HIS E 296 47.72 2.34 7.45
N HIS E 297 48.50 3.22 6.81
CA HIS E 297 49.57 2.78 5.94
C HIS E 297 50.68 2.12 6.76
N ASP E 298 51.12 0.96 6.30
CA ASP E 298 52.20 0.25 6.97
C ASP E 298 53.50 1.03 6.85
N PRO E 299 54.21 1.32 7.96
CA PRO E 299 55.45 2.10 7.84
C PRO E 299 56.56 1.38 7.12
N ASP E 300 56.48 0.06 6.97
CA ASP E 300 57.52 -0.71 6.30
C ASP E 300 57.12 -1.13 4.89
N GLY E 301 56.06 -0.54 4.34
CA GLY E 301 55.65 -0.83 2.99
C GLY E 301 56.35 0.08 2.00
N GLY E 302 55.63 0.57 1.01
CA GLY E 302 56.22 1.49 0.05
C GLY E 302 56.67 2.76 0.73
N LYS E 303 57.27 3.68 -0.03
CA LYS E 303 57.70 4.97 0.49
C LYS E 303 56.84 6.07 -0.11
N MET E 304 56.44 7.01 0.73
CA MET E 304 55.60 8.13 0.33
C MET E 304 56.19 8.80 -0.90
N PRO E 305 55.50 8.75 -2.05
CA PRO E 305 56.02 9.41 -3.26
C PRO E 305 56.33 10.88 -3.03
N LYS E 306 57.30 11.38 -3.81
CA LYS E 306 57.62 12.80 -3.77
C LYS E 306 56.43 13.65 -4.16
N TRP E 307 55.66 13.21 -5.16
CA TRP E 307 54.49 13.97 -5.59
C TRP E 307 53.52 14.14 -4.43
N THR E 308 53.36 13.09 -3.62
CA THR E 308 52.51 13.18 -2.43
C THR E 308 53.16 14.09 -1.39
N ARG E 309 54.45 13.89 -1.14
CA ARG E 309 55.15 14.67 -0.11
C ARG E 309 55.07 16.17 -0.36
N VAL E 310 54.99 16.59 -1.62
CA VAL E 310 55.01 18.01 -1.95
C VAL E 310 53.60 18.59 -2.01
N ILE E 311 52.71 17.97 -2.78
CA ILE E 311 51.37 18.51 -2.94
C ILE E 311 50.67 18.65 -1.59
N LEU E 312 50.84 17.66 -0.71
CA LEU E 312 50.07 17.61 0.54
C LEU E 312 50.82 18.23 1.71
N LEU E 313 52.00 17.72 2.06
CA LEU E 313 52.66 18.19 3.26
C LEU E 313 53.14 19.64 3.16
N ASN E 314 53.26 20.20 1.96
CA ASN E 314 53.75 21.56 1.79
C ASN E 314 52.66 22.49 1.26
N TRP E 315 52.21 22.29 0.03
CA TRP E 315 51.24 23.21 -0.57
C TRP E 315 49.92 23.19 0.17
N CYS E 316 49.18 22.09 0.05
CA CYS E 316 47.86 22.00 0.68
C CYS E 316 47.95 22.27 2.18
N ALA E 317 49.01 21.81 2.83
CA ALA E 317 49.11 21.99 4.28
C ALA E 317 49.32 23.45 4.65
N TRP E 318 50.08 24.18 3.85
CA TRP E 318 50.26 25.61 4.09
C TRP E 318 48.97 26.37 3.80
N PHE E 319 48.36 26.10 2.65
CA PHE E 319 47.14 26.81 2.26
C PHE E 319 46.06 26.68 3.34
N LEU E 320 45.94 25.50 3.96
CA LEU E 320 44.89 25.24 4.93
C LEU E 320 45.30 25.60 6.35
N ARG E 321 46.49 26.17 6.55
CA ARG E 321 46.97 26.57 7.86
C ARG E 321 46.83 25.41 8.86
N MET E 322 47.60 24.36 8.60
CA MET E 322 47.53 23.13 9.38
C MET E 322 48.83 22.81 10.09
N LYS E 323 49.95 22.75 9.37
CA LYS E 323 51.24 22.40 9.97
C LYS E 323 51.18 20.99 10.56
N PRO E 479 84.74 -8.43 32.42
CA PRO E 479 84.32 -9.22 31.27
C PRO E 479 82.80 -9.28 31.11
N ASP E 480 82.09 -9.28 32.24
CA ASP E 480 80.63 -9.28 32.21
C ASP E 480 80.07 -7.88 31.99
N LEU E 481 80.85 -6.83 32.27
CA LEU E 481 80.40 -5.47 32.00
C LEU E 481 80.21 -5.25 30.51
N ALA E 482 81.10 -5.81 29.69
CA ALA E 482 80.97 -5.66 28.24
C ALA E 482 79.75 -6.40 27.72
N LYS E 483 79.48 -7.59 28.25
CA LYS E 483 78.30 -8.33 27.82
C LYS E 483 77.02 -7.58 28.17
N ILE E 484 77.01 -6.90 29.32
CA ILE E 484 75.84 -6.11 29.70
C ILE E 484 75.64 -4.97 28.72
N LEU E 485 76.74 -4.36 28.27
CA LEU E 485 76.63 -3.22 27.35
C LEU E 485 75.98 -3.63 26.04
N GLU E 486 76.21 -4.86 25.58
CA GLU E 486 75.63 -5.31 24.32
C GLU E 486 74.14 -5.56 24.45
N GLU E 487 73.69 -6.05 25.61
CA GLU E 487 72.26 -6.26 25.80
C GLU E 487 71.51 -4.94 25.95
N VAL E 488 72.02 -4.03 26.77
CA VAL E 488 71.35 -2.75 26.95
C VAL E 488 71.40 -1.95 25.66
N ARG E 489 72.50 -2.06 24.90
CA ARG E 489 72.60 -1.35 23.63
C ARG E 489 71.58 -1.89 22.63
N TYR E 490 71.36 -3.21 22.62
CA TYR E 490 70.31 -3.76 21.77
C TYR E 490 68.95 -3.21 22.18
N ILE E 491 68.67 -3.14 23.47
CA ILE E 491 67.39 -2.62 23.94
C ILE E 491 67.22 -1.19 23.50
N ALA E 492 68.25 -0.35 23.72
CA ALA E 492 68.16 1.04 23.33
C ALA E 492 68.02 1.19 21.82
N ASN E 493 68.79 0.41 21.06
CA ASN E 493 68.70 0.48 19.61
C ASN E 493 67.32 0.06 19.13
N ARG E 494 66.73 -0.97 19.74
CA ARG E 494 65.39 -1.39 19.38
C ARG E 494 64.39 -0.26 19.58
N PHE E 495 64.52 0.45 20.70
CA PHE E 495 63.62 1.58 20.97
C PHE E 495 63.76 2.66 19.90
N ARG E 496 65.00 2.92 19.48
CA ARG E 496 65.24 3.93 18.45
C ARG E 496 64.59 3.55 17.12
N CYS E 497 64.67 2.28 16.73
CA CYS E 497 64.10 1.85 15.46
C CYS E 497 62.58 2.04 15.42
N GLN E 498 61.87 1.64 16.47
CA GLN E 498 60.43 1.91 16.49
C GLN E 498 60.14 3.40 16.47
N ASP E 499 60.96 4.20 17.15
CA ASP E 499 60.71 5.63 17.19
C ASP E 499 60.74 6.23 15.79
N GLU E 500 61.75 5.89 14.99
CA GLU E 500 61.80 6.40 13.62
C GLU E 500 60.64 5.84 12.81
N SER E 501 60.28 4.58 13.05
CA SER E 501 59.16 3.97 12.34
C SER E 501 57.87 4.73 12.62
N GLU E 502 57.59 5.04 13.88
CA GLU E 502 56.35 5.74 14.20
C GLU E 502 56.36 7.17 13.68
N ALA E 503 57.56 7.76 13.53
CA ALA E 503 57.65 9.08 12.90
C ALA E 503 57.16 9.01 11.46
N VAL E 504 57.53 7.95 10.73
CA VAL E 504 57.03 7.76 9.38
C VAL E 504 55.51 7.63 9.39
N CYS E 505 54.98 6.87 10.36
CA CYS E 505 53.53 6.73 10.48
C CYS E 505 52.86 8.08 10.72
N SER E 506 53.51 8.96 11.49
CA SER E 506 52.92 10.27 11.75
C SER E 506 52.74 11.07 10.46
N GLU E 507 53.72 11.01 9.57
CA GLU E 507 53.58 11.71 8.29
C GLU E 507 52.39 11.17 7.50
N TRP E 508 52.24 9.85 7.44
CA TRP E 508 51.11 9.27 6.72
C TRP E 508 49.79 9.66 7.36
N LYS E 509 49.75 9.67 8.70
CA LYS E 509 48.54 10.09 9.39
C LYS E 509 48.23 11.55 9.11
N PHE E 510 49.28 12.40 9.09
CA PHE E 510 49.07 13.81 8.78
C PHE E 510 48.59 14.00 7.35
N ALA E 511 49.14 13.24 6.41
CA ALA E 511 48.66 13.30 5.03
C ALA E 511 47.17 12.99 4.96
N ALA E 512 46.72 11.97 5.70
CA ALA E 512 45.30 11.66 5.73
C ALA E 512 44.50 12.84 6.26
N CYS E 513 44.98 13.48 7.32
CA CYS E 513 44.28 14.64 7.87
C CYS E 513 44.20 15.77 6.85
N VAL E 514 45.28 16.01 6.10
CA VAL E 514 45.27 17.07 5.10
C VAL E 514 44.28 16.74 3.99
N VAL E 515 44.32 15.51 3.48
CA VAL E 515 43.35 15.10 2.46
C VAL E 515 41.94 15.24 2.99
N ASP E 516 41.73 14.88 4.26
CA ASP E 516 40.39 14.98 4.84
C ASP E 516 39.93 16.43 4.90
N ARG E 517 40.82 17.34 5.32
CA ARG E 517 40.48 18.75 5.35
C ARG E 517 40.26 19.30 3.94
N LEU E 518 41.09 18.87 2.99
CA LEU E 518 40.95 19.35 1.62
C LEU E 518 39.60 18.98 1.04
N CYS E 519 39.22 17.71 1.16
CA CYS E 519 37.94 17.26 0.60
C CYS E 519 36.76 17.87 1.33
N LEU E 520 36.88 18.15 2.63
CA LEU E 520 35.82 18.85 3.34
C LEU E 520 35.46 20.16 2.64
N MET E 521 36.46 21.00 2.37
CA MET E 521 36.21 22.25 1.67
C MET E 521 35.63 22.01 0.29
N ALA E 522 36.21 21.07 -0.47
CA ALA E 522 35.74 20.83 -1.82
C ALA E 522 34.30 20.32 -1.84
N PHE E 523 33.99 19.37 -0.96
CA PHE E 523 32.64 18.80 -0.95
C PHE E 523 31.62 19.82 -0.46
N SER E 524 31.98 20.65 0.50
CA SER E 524 31.07 21.69 0.97
C SER E 524 30.70 22.65 -0.15
N VAL E 525 31.71 23.11 -0.90
CA VAL E 525 31.44 23.99 -2.03
C VAL E 525 30.52 23.31 -3.03
N PHE E 526 30.87 22.08 -3.41
CA PHE E 526 30.11 21.37 -4.43
C PHE E 526 28.67 21.14 -3.99
N THR E 527 28.46 20.78 -2.72
CA THR E 527 27.11 20.55 -2.23
C THR E 527 26.26 21.81 -2.33
N ILE E 528 26.81 22.95 -1.93
CA ILE E 528 26.07 24.22 -2.00
C ILE E 528 25.75 24.56 -3.45
N ILE E 529 26.73 24.46 -4.34
CA ILE E 529 26.52 24.88 -5.72
C ILE E 529 25.47 24.00 -6.38
N CYS E 530 25.59 22.68 -6.22
CA CYS E 530 24.62 21.77 -6.83
C CYS E 530 23.21 22.01 -6.29
N THR E 531 23.09 22.17 -4.98
CA THR E 531 21.77 22.42 -4.39
C THR E 531 21.17 23.72 -4.93
N ILE E 532 21.92 24.82 -4.83
CA ILE E 532 21.39 26.11 -5.27
C ILE E 532 21.09 26.08 -6.76
N GLY E 533 22.04 25.54 -7.54
CA GLY E 533 21.85 25.52 -8.98
C GLY E 533 20.59 24.78 -9.41
N ILE E 534 20.36 23.61 -8.82
CA ILE E 534 19.21 22.78 -9.23
C ILE E 534 17.91 23.46 -8.84
N LEU E 535 17.78 23.91 -7.58
CA LEU E 535 16.53 24.52 -7.14
C LEU E 535 16.20 25.78 -7.94
N MET E 536 17.19 26.62 -8.21
CA MET E 536 16.92 27.89 -8.87
C MET E 536 16.81 27.76 -10.38
N SER E 537 16.98 26.55 -10.92
CA SER E 537 16.74 26.35 -12.35
C SER E 537 15.26 26.46 -12.68
N ALA E 538 14.38 26.18 -11.71
CA ALA E 538 12.95 26.19 -11.97
C ALA E 538 12.47 27.60 -12.26
N PRO E 539 11.68 27.81 -13.32
CA PRO E 539 11.17 29.17 -13.58
C PRO E 539 10.34 29.74 -12.46
N ASN E 540 9.63 28.90 -11.70
CA ASN E 540 8.69 29.37 -10.68
C ASN E 540 9.29 29.33 -9.28
N PHE E 541 10.60 29.12 -9.14
CA PHE E 541 11.19 28.99 -7.81
C PHE E 541 11.06 30.28 -7.03
N VAL E 542 11.37 31.42 -7.65
CA VAL E 542 11.30 32.69 -6.94
C VAL E 542 9.87 32.98 -6.51
N GLU E 543 8.91 32.73 -7.40
CA GLU E 543 7.50 32.94 -7.05
C GLU E 543 7.08 32.06 -5.89
N ALA E 544 7.49 30.79 -5.90
CA ALA E 544 7.09 29.88 -4.83
C ALA E 544 7.60 30.35 -3.48
N VAL E 545 8.85 30.80 -3.41
CA VAL E 545 9.41 31.27 -2.15
C VAL E 545 8.62 32.48 -1.64
N SER E 546 8.33 33.42 -2.55
CA SER E 546 7.64 34.64 -2.13
C SER E 546 6.25 34.34 -1.61
N LYS E 547 5.52 33.44 -2.28
CA LYS E 547 4.11 33.23 -1.94
C LYS E 547 3.94 32.24 -0.80
N ASP E 548 4.78 31.22 -0.74
CA ASP E 548 4.58 30.12 0.22
C ASP E 548 5.46 30.23 1.46
N PHE E 549 6.65 30.78 1.34
CA PHE E 549 7.54 30.94 2.49
C PHE E 549 7.60 32.39 2.93
#